data_6EVK
#
_entry.id   6EVK
#
_cell.length_a   269.340
_cell.length_b   148.700
_cell.length_c   88.510
_cell.angle_alpha   90.00
_cell.angle_beta   98.17
_cell.angle_gamma   90.00
#
_symmetry.space_group_name_H-M   'C 1 2 1'
#
loop_
_entity.id
_entity.type
_entity.pdbx_description
1 polymer 'Polymerase acidic protein'
2 polymer 'RNA-directed RNA polymerase catalytic subunit'
3 polymer 'Polymerase basic protein 2'
4 polymer "RNA (5'-R(*UP*AP*UP*AP*CP*CP*UP*CP*UP*GP*CP*UP*U)-3')"
5 polymer "RNA (5'-R(P*AP*GP*UP*AP*GP*UP*AP*AP*CP*AP*AP*GP*AP*GP*GP*G)-3')"
6 non-polymer 'ZINC ION'
7 non-polymer 'PHOSPHATE ION'
8 non-polymer "7-METHYL-GUANOSINE-5'-TRIPHOSPHATE"
9 water water
#
loop_
_entity_poly.entity_id
_entity_poly.type
_entity_poly.pdbx_seq_one_letter_code
_entity_poly.pdbx_strand_id
1 'polypeptide(L)'
;GSHHHHHHHHGSGSMENFVRTNFNPMILERAEKTMKEYGENPQNEGNKFAAISTHMEVCFMYSDFHFIDLEGNTIVKEND
DDNAMLKHRFEIIEGQERNIAWTIVNSICNMTENSKPRFLPDLYDYKTNKFIEIGVTRRKVEDYYYEKASKLKGENVYIH
IFSFDGEEMATDDEYILDEESRARIKTRLFVLRQELATAGLWDSFRQSEKGEETLEEEFSYPPTFQRLANQSLPPSFKDY
HQFKAYVSSFKANGNIEAKLGAMSEKVNAQIESFDPRTIRELELPEGKFCTQRSKFLLMDAMKLSVLNPAHEGEGIPMKD
AKACLDTFWGWKKATIIKKHEKGVNTNYLMIWEQLLESIKEMEGKFLNLKKTNHLKWGLGEGQAPEKMDFEDCKEVPDLF
QYKSEPPEKRKLASWIQSEFNKASELTNSNWIEFDELGNDVAPIEHIASRRRNFFTAEVSQCRASEYIMKAVYINTALLN
SSCTAMEEYQVIPIITKCRDTSGQRRTNLYGFIIKGRSHLRNDTDVVNFISLEFSLTDPRNEIHKWEKYCVLEIGDMEIR
TSISTIMKPVYLYVRTNGTSKIKMKWGMEMRRCLLQSLQQVESMIEAESAVKEKDMTEPFFRNRENDWPIGESPQGIEKG
TIGKVCRVLLAKSVFNSIYASAQLEGFSAESRKLLLLIQAFRDNLDPGTFDLKGLYEAIEECIINDPWVLLNASWFNSFL
KAVQLSMGSGSGENLYFQ
;
A
2 'polypeptide(L)'
;GSGSGSGSGMDVNPMLIFLKVPVQNAISTTFPYTGDPPYSHGTGTGYTMDTVIRTHDYSSRGIWKTNSETGAQQLNPIDG
PLPEDNEPSGYAQTDCVLELIEGLDRSHPGLFETACQETIDAIQQTRVDKLTQGRQTYDWTLNRNQPAATALANTIEVFR
KNGYKLNESGRLIDFLKDVLLSFENDSMEVTTHFQKKKRIRDNHSKKMITQRTIGKKRVKLTKKNYLIRALTLNTMTKDA
ERGKLKRRAIATPGMQIRGFVYFVELLARNICERLEQSGLPVGGNEKKAKLANVIKKMMAKSTDEELSYTITGDNTKWNE
NQNPRIFLAMVLRITAGQPEWFRDLLAVAPIMFSNKVARLGRGYMFESKSMHLRTQISAENLSDINLRYFNEDTKKKIEK
IRHLMVEGTASLSPGMMMGMFNMLSTVLGVSVLNLGQREILKRTYWWDGLQSSDDFALIINGHFKEDIQQGVNHFYRTCK
LVGINMSQKKSYINKTGTFEFTSFFYRYGFVANFSMELPSFGVAGNNESADMSIGTTVIKTNMINNDLGPATAQMAIQLF
IKDYRYTYRCHRGDTNLETRRTKSIKRLWTETISKAGLLVADGGPNPYNLRNLHIPEVCLKWSLMDPDYRGRLCNPNNPF
VHHMEVESTNLAVVMPAHGPAKSLEYDAVATTHSWTPKRNRSILNTNQRGILEDERIYQKCCQVFEKFFPSSTYRRPIGM
ASMLDAMLSRARIDARIDLESGRISSQDFSEITNTCKAIEALKRQGSGSGENLYFQ
;
B
3 'polypeptide(L)'
;GSGSGSGSGMERIKELMEMVKNSRMREILTTTSVDHMAVIKKYTSGRQEKNPALRMKWMMAMKYPISASSRIREMIPEKD
EDGNTLWTNTKDAGSNRVLVSPNAVTWWNRAGPVSDVVHYPRVYKMYFDRLERLTHGTFGPVKFYNQVKVRKRVDINPGH
KDLTSREAQEVIMEVVFPNEVGARTLSSDAQLTITKEKKEELKNCKISPIMVAYMLERELVRRTRFLPIAGATSSTYVEV
LHLTQGTCWEQQYTPGGEAENDDLDQTLIIASRNIVRRSIVAIDPLASLLSMCHTTSISSEPLVEILRSNPTDEQAVNIC
KAALGIRINNSFSFGGYNFKRVKGSSQRTEKAVLTGNLQTLTMTIFEGYEEFNVSGKRASAVLKKGAQRLIQAIIGGRTL
EDILNLMITLMVFSQEEKMLKAVRGDLNFVNRANQRLNPMYQLLRHFQKDSSTLLKNWGTEEIDPIMGIAGIMPDGTINK
TQTLMGVRLSQGGVDEYSFNERIRVNIDKYLRVRNEKGELLISPEEVSEAQGQEKLPINYNSSLMWEVNGPESILTNTYH
WIIKNWELLKTQWMTDPTVLYNRIEFEPFQTLIPKGNRAIYSGFTRTLFQQMRDVEGTFDSIQIIKLLPFSAHPPSLGRT
QFSSFTLNIRGAPLRLLIRGNSQVFNYNQMENVIIVLGKSVGSPERSILTESSSIESAVLRGFLILGKANSKYGPVLTIG
ELDKLGRGEKANVLIGQGDTVLVMKRKRDSSILTDSQTALKRIRLEESKGWSHPQFEKGGGSGGGSGGSAWSHPQFEKGR
SGGENLYFQ
;
C
4 'polyribonucleotide' UAUACCUCUGCUUCUGCU R
5 'polyribonucleotide' AGUAGUAACAAGAGGG V
#
loop_
_chem_comp.id
_chem_comp.type
_chem_comp.name
_chem_comp.formula
A RNA linking ADENOSINE-5'-MONOPHOSPHATE 'C10 H14 N5 O7 P'
C RNA linking CYTIDINE-5'-MONOPHOSPHATE 'C9 H14 N3 O8 P'
G RNA linking GUANOSINE-5'-MONOPHOSPHATE 'C10 H14 N5 O8 P'
MGP non-polymer 7-METHYL-GUANOSINE-5'-TRIPHOSPHATE 'C11 H19 N5 O14 P3 1'
PO4 non-polymer 'PHOSPHATE ION' 'O4 P -3'
U RNA linking URIDINE-5'-MONOPHOSPHATE 'C9 H13 N2 O9 P'
ZN non-polymer 'ZINC ION' 'Zn 2'
#
# COMPACT_ATOMS: atom_id res chain seq x y z
N MET A 15 -42.25 -39.72 -4.41
CA MET A 15 -42.98 -38.85 -5.37
C MET A 15 -43.44 -37.55 -4.70
N GLU A 16 -43.13 -36.42 -5.34
CA GLU A 16 -43.48 -35.07 -4.85
C GLU A 16 -44.92 -34.99 -4.31
N ASN A 17 -45.87 -35.42 -5.13
CA ASN A 17 -47.29 -35.48 -4.74
C ASN A 17 -47.58 -36.47 -3.61
N PHE A 18 -46.88 -37.60 -3.60
CA PHE A 18 -47.01 -38.61 -2.54
C PHE A 18 -46.57 -38.06 -1.19
N VAL A 19 -45.41 -37.40 -1.19
CA VAL A 19 -44.87 -36.76 0.01
C VAL A 19 -45.75 -35.57 0.42
N ARG A 20 -46.14 -34.74 -0.55
CA ARG A 20 -47.03 -33.59 -0.28
C ARG A 20 -48.48 -33.95 0.10
N THR A 21 -48.91 -35.18 -0.20
CA THR A 21 -50.18 -35.71 0.29
C THR A 21 -50.02 -36.39 1.66
N ASN A 22 -48.99 -37.23 1.81
CA ASN A 22 -48.79 -37.99 3.06
C ASN A 22 -48.24 -37.17 4.24
N PHE A 23 -47.30 -36.26 3.98
CA PHE A 23 -46.63 -35.49 5.04
C PHE A 23 -47.23 -34.10 5.24
N ASN A 24 -46.96 -33.50 6.41
CA ASN A 24 -47.47 -32.17 6.80
C ASN A 24 -46.51 -31.05 6.37
N PRO A 25 -46.97 -29.77 6.36
CA PRO A 25 -46.12 -28.62 6.00
C PRO A 25 -44.82 -28.49 6.78
N MET A 26 -44.88 -28.78 8.09
CA MET A 26 -43.73 -28.72 9.00
C MET A 26 -42.52 -29.48 8.41
N ILE A 27 -42.74 -30.76 8.12
CA ILE A 27 -41.75 -31.61 7.46
C ILE A 27 -41.54 -31.19 6.01
N LEU A 28 -42.61 -30.83 5.30
CA LEU A 28 -42.48 -30.31 3.93
C LEU A 28 -41.60 -29.07 3.90
N GLU A 29 -42.03 -28.02 4.59
CA GLU A 29 -41.29 -26.75 4.63
C GLU A 29 -39.83 -26.94 5.09
N ARG A 30 -39.63 -27.73 6.14
CA ARG A 30 -38.27 -28.06 6.63
C ARG A 30 -37.44 -28.85 5.61
N ALA A 31 -38.06 -29.81 4.93
CA ALA A 31 -37.41 -30.56 3.84
C ALA A 31 -37.10 -29.66 2.65
N GLU A 32 -38.07 -28.83 2.26
CA GLU A 32 -37.90 -27.84 1.18
C GLU A 32 -36.81 -26.81 1.49
N LYS A 33 -36.68 -26.44 2.77
CA LYS A 33 -35.56 -25.62 3.23
C LYS A 33 -34.24 -26.41 3.16
N THR A 34 -34.13 -27.44 3.99
CA THR A 34 -32.89 -28.21 4.16
C THR A 34 -32.34 -28.81 2.86
N MET A 35 -33.24 -29.24 1.96
CA MET A 35 -32.82 -29.73 0.63
C MET A 35 -32.29 -28.61 -0.28
N LYS A 36 -32.79 -27.38 -0.10
CA LYS A 36 -32.29 -26.23 -0.86
C LYS A 36 -30.91 -25.82 -0.35
N GLU A 37 -29.87 -26.44 -0.90
CA GLU A 37 -28.47 -26.12 -0.56
C GLU A 37 -27.45 -26.57 -1.62
N TYR A 38 -27.55 -27.82 -2.07
CA TYR A 38 -26.69 -28.37 -3.11
C TYR A 38 -27.08 -27.80 -4.48
N GLY A 39 -28.35 -27.99 -4.84
CA GLY A 39 -28.85 -27.65 -6.17
C GLY A 39 -30.11 -28.40 -6.59
N GLU A 40 -30.20 -29.67 -6.18
CA GLU A 40 -31.38 -30.51 -6.45
C GLU A 40 -32.70 -29.98 -5.89
N ASN A 41 -33.81 -30.55 -6.36
CA ASN A 41 -35.17 -30.18 -5.94
C ASN A 41 -36.12 -31.39 -5.90
N PRO A 42 -37.29 -31.25 -5.23
CA PRO A 42 -38.27 -32.37 -5.15
C PRO A 42 -38.93 -32.83 -6.46
N GLN A 43 -38.86 -32.00 -7.51
CA GLN A 43 -39.40 -32.36 -8.82
C GLN A 43 -38.50 -33.43 -9.48
N ASN A 44 -37.18 -33.18 -9.48
CA ASN A 44 -36.19 -34.13 -10.02
C ASN A 44 -35.81 -35.21 -9.00
N GLU A 45 -35.20 -34.80 -7.88
CA GLU A 45 -34.59 -35.74 -6.93
C GLU A 45 -35.51 -36.06 -5.75
N GLY A 46 -36.66 -36.68 -6.07
CA GLY A 46 -37.68 -37.03 -5.08
C GLY A 46 -37.20 -37.98 -3.99
N ASN A 47 -36.45 -39.00 -4.40
CA ASN A 47 -35.85 -39.99 -3.47
C ASN A 47 -35.37 -39.34 -2.18
N LYS A 48 -34.50 -38.34 -2.33
CA LYS A 48 -33.89 -37.66 -1.20
C LYS A 48 -34.88 -36.72 -0.48
N PHE A 49 -35.86 -36.17 -1.20
CA PHE A 49 -36.92 -35.35 -0.58
C PHE A 49 -37.78 -36.20 0.36
N ALA A 50 -38.26 -37.34 -0.15
CA ALA A 50 -39.00 -38.30 0.66
C ALA A 50 -38.13 -38.88 1.79
N ALA A 51 -36.88 -39.23 1.47
CA ALA A 51 -35.93 -39.73 2.48
C ALA A 51 -35.70 -38.72 3.62
N ILE A 52 -35.43 -37.46 3.26
CA ILE A 52 -35.25 -36.39 4.24
C ILE A 52 -36.56 -36.07 4.99
N SER A 53 -37.70 -36.12 4.28
CA SER A 53 -39.01 -35.93 4.92
C SER A 53 -39.29 -37.00 5.97
N THR A 54 -39.07 -38.27 5.60
CA THR A 54 -39.19 -39.40 6.52
C THR A 54 -38.20 -39.29 7.68
N HIS A 55 -36.94 -39.01 7.34
CA HIS A 55 -35.87 -38.74 8.32
C HIS A 55 -36.24 -37.63 9.31
N MET A 56 -36.98 -36.62 8.82
CA MET A 56 -37.57 -35.59 9.68
C MET A 56 -38.69 -36.19 10.55
N GLU A 57 -39.63 -36.87 9.90
CA GLU A 57 -40.81 -37.46 10.60
C GLU A 57 -40.43 -38.38 11.74
N VAL A 58 -39.41 -39.21 11.51
CA VAL A 58 -38.88 -40.06 12.56
C VAL A 58 -38.28 -39.22 13.69
N CYS A 59 -37.60 -38.11 13.36
CA CYS A 59 -37.07 -37.20 14.40
C CYS A 59 -38.21 -36.56 15.21
N PHE A 60 -39.24 -36.08 14.53
CA PHE A 60 -40.43 -35.53 15.19
C PHE A 60 -41.11 -36.57 16.09
N MET A 61 -41.36 -37.77 15.54
CA MET A 61 -41.96 -38.86 16.31
C MET A 61 -41.09 -39.33 17.48
N TYR A 62 -39.77 -39.28 17.31
CA TYR A 62 -38.82 -39.63 18.37
C TYR A 62 -38.81 -38.56 19.47
N SER A 63 -38.76 -37.29 19.06
CA SER A 63 -38.60 -36.17 20.00
C SER A 63 -39.88 -35.66 20.67
N ASP A 64 -41.02 -35.73 19.97
CA ASP A 64 -42.29 -35.20 20.50
C ASP A 64 -42.79 -35.98 21.73
N PHE A 65 -43.53 -35.28 22.58
CA PHE A 65 -44.25 -35.85 23.74
C PHE A 65 -43.42 -36.29 24.97
N HIS A 66 -42.08 -36.19 24.88
CA HIS A 66 -41.15 -36.78 25.87
C HIS A 66 -40.48 -35.72 26.76
N PHE A 67 -40.82 -35.75 28.05
CA PHE A 67 -40.35 -34.77 29.03
C PHE A 67 -39.62 -35.43 30.22
N ILE A 68 -38.96 -34.58 31.02
CA ILE A 68 -38.24 -34.99 32.24
C ILE A 68 -38.88 -34.27 33.43
N ASP A 69 -39.11 -35.02 34.52
CA ASP A 69 -39.71 -34.47 35.75
C ASP A 69 -38.65 -33.77 36.62
N LEU A 70 -39.11 -32.94 37.56
CA LEU A 70 -38.22 -32.18 38.47
C LEU A 70 -37.21 -33.05 39.23
N GLU A 71 -37.63 -34.24 39.64
CA GLU A 71 -36.74 -35.23 40.24
C GLU A 71 -35.64 -35.70 39.28
N GLY A 72 -35.98 -35.81 38.00
CA GLY A 72 -35.10 -36.39 36.97
C GLY A 72 -35.68 -37.59 36.23
N ASN A 73 -36.89 -38.02 36.61
CA ASN A 73 -37.54 -39.19 36.00
C ASN A 73 -38.05 -38.85 34.60
N THR A 74 -37.89 -39.80 33.67
CA THR A 74 -38.35 -39.65 32.30
C THR A 74 -39.87 -39.89 32.23
N ILE A 75 -40.57 -39.08 31.42
CA ILE A 75 -42.04 -39.17 31.31
C ILE A 75 -42.49 -38.83 29.88
N VAL A 76 -43.64 -39.38 29.48
CA VAL A 76 -44.29 -39.06 28.20
C VAL A 76 -45.63 -38.39 28.51
N LYS A 77 -46.13 -37.52 27.61
CA LYS A 77 -47.48 -36.93 27.80
C LYS A 77 -48.29 -36.67 26.50
N GLU A 78 -49.51 -36.17 26.66
CA GLU A 78 -50.45 -35.93 25.55
C GLU A 78 -50.40 -34.50 24.98
N ASN A 79 -50.36 -33.50 25.87
CA ASN A 79 -50.52 -32.08 25.48
C ASN A 79 -49.34 -31.52 24.67
N ASP A 80 -48.14 -31.65 25.23
CA ASP A 80 -46.89 -31.11 24.66
C ASP A 80 -46.90 -29.58 24.57
N ASP A 81 -46.87 -28.93 25.74
CA ASP A 81 -46.64 -27.48 25.85
C ASP A 81 -45.71 -27.07 27.02
N ASP A 82 -44.90 -28.01 27.52
CA ASP A 82 -43.87 -27.75 28.55
C ASP A 82 -44.43 -27.16 29.87
N ASN A 83 -44.63 -25.84 29.91
CA ASN A 83 -45.14 -25.12 31.10
C ASN A 83 -44.38 -25.34 32.42
N ALA A 84 -43.25 -24.65 32.57
CA ALA A 84 -42.51 -24.54 33.83
C ALA A 84 -41.94 -25.84 34.42
N MET A 85 -42.81 -26.71 34.95
CA MET A 85 -42.37 -27.87 35.73
C MET A 85 -41.65 -28.95 34.93
N LEU A 86 -42.11 -29.21 33.70
CA LEU A 86 -41.50 -30.21 32.82
C LEU A 86 -40.51 -29.59 31.82
N LYS A 87 -39.59 -30.43 31.33
CA LYS A 87 -38.52 -30.03 30.40
C LYS A 87 -38.46 -31.06 29.27
N HIS A 88 -38.24 -30.60 28.03
CA HIS A 88 -38.13 -31.52 26.88
C HIS A 88 -36.94 -32.46 27.03
N ARG A 89 -37.15 -33.76 26.75
CA ARG A 89 -36.10 -34.78 26.94
C ARG A 89 -35.07 -34.79 25.82
N PHE A 90 -35.54 -34.77 24.58
CA PHE A 90 -34.70 -34.73 23.39
C PHE A 90 -34.71 -33.34 22.76
N GLU A 91 -33.54 -32.86 22.34
CA GLU A 91 -33.46 -31.67 21.49
C GLU A 91 -33.36 -32.11 20.04
N ILE A 92 -34.10 -31.42 19.17
CA ILE A 92 -34.17 -31.68 17.73
C ILE A 92 -33.13 -30.85 17.01
N ILE A 93 -32.01 -31.48 16.63
CA ILE A 93 -30.93 -30.81 15.91
C ILE A 93 -31.24 -30.78 14.40
N GLU A 94 -31.62 -31.93 13.85
CA GLU A 94 -31.94 -32.04 12.42
C GLU A 94 -33.19 -31.23 12.09
N GLY A 95 -33.20 -30.60 10.91
CA GLY A 95 -34.29 -29.73 10.48
C GLY A 95 -33.97 -28.25 10.63
N GLN A 96 -33.34 -27.89 11.76
CA GLN A 96 -32.87 -26.52 12.00
C GLN A 96 -31.77 -26.14 10.99
N GLU A 97 -31.42 -24.84 10.97
CA GLU A 97 -30.45 -24.32 10.01
C GLU A 97 -29.04 -24.75 10.43
N ARG A 98 -28.23 -25.26 9.49
CA ARG A 98 -26.81 -25.68 9.76
C ARG A 98 -26.06 -24.92 10.89
N ASN A 99 -26.15 -23.59 10.87
CA ASN A 99 -25.42 -22.72 11.80
C ASN A 99 -26.02 -22.85 13.19
N ILE A 100 -27.35 -22.82 13.24
CA ILE A 100 -28.10 -23.08 14.47
C ILE A 100 -27.81 -24.51 14.98
N ALA A 101 -27.70 -25.49 14.07
CA ALA A 101 -27.39 -26.88 14.42
C ALA A 101 -26.00 -27.00 15.04
N TRP A 102 -25.00 -26.42 14.39
CA TRP A 102 -23.64 -26.38 14.97
C TRP A 102 -23.58 -25.58 16.28
N THR A 103 -24.33 -24.48 16.35
CA THR A 103 -24.51 -23.72 17.60
C THR A 103 -25.12 -24.58 18.71
N ILE A 104 -26.10 -25.40 18.36
CA ILE A 104 -26.72 -26.36 19.28
C ILE A 104 -25.68 -27.39 19.73
N VAL A 105 -24.99 -27.98 18.75
CA VAL A 105 -23.92 -28.95 19.02
C VAL A 105 -22.91 -28.35 20.02
N ASN A 106 -22.40 -27.16 19.71
CA ASN A 106 -21.39 -26.50 20.54
C ASN A 106 -21.93 -26.05 21.91
N SER A 107 -23.17 -25.54 21.94
CA SER A 107 -23.85 -25.17 23.18
C SER A 107 -24.09 -26.36 24.11
N ILE A 108 -24.39 -27.51 23.50
CA ILE A 108 -24.49 -28.77 24.24
C ILE A 108 -23.12 -29.22 24.73
N CYS A 109 -22.16 -29.32 23.81
CA CYS A 109 -20.80 -29.81 24.14
C CYS A 109 -20.00 -28.89 25.10
N ASN A 110 -20.34 -27.61 25.17
CA ASN A 110 -19.67 -26.68 26.11
C ASN A 110 -20.09 -26.88 27.57
N MET A 111 -21.38 -27.06 27.82
CA MET A 111 -21.92 -27.21 29.19
C MET A 111 -21.85 -28.63 29.76
N THR A 112 -21.34 -29.58 28.97
CA THR A 112 -21.05 -30.94 29.42
C THR A 112 -19.60 -31.28 29.07
N GLU A 113 -19.17 -32.51 29.37
CA GLU A 113 -17.83 -32.98 28.99
C GLU A 113 -17.84 -33.79 27.67
N ASN A 114 -18.82 -33.52 26.80
CA ASN A 114 -18.94 -34.22 25.52
C ASN A 114 -17.93 -33.67 24.52
N SER A 115 -17.29 -34.57 23.77
CA SER A 115 -16.43 -34.18 22.65
C SER A 115 -17.28 -33.81 21.43
N LYS A 116 -16.71 -32.96 20.57
CA LYS A 116 -17.42 -32.41 19.41
C LYS A 116 -17.47 -33.45 18.28
N PRO A 117 -18.67 -33.78 17.77
CA PRO A 117 -18.77 -34.71 16.64
C PRO A 117 -18.33 -34.09 15.31
N ARG A 118 -17.84 -34.92 14.39
CA ARG A 118 -17.36 -34.46 13.08
C ARG A 118 -18.51 -34.03 12.16
N PHE A 119 -19.56 -34.86 12.09
CA PHE A 119 -20.76 -34.56 11.31
C PHE A 119 -21.91 -34.17 12.23
N LEU A 120 -22.98 -33.64 11.63
CA LEU A 120 -24.15 -33.16 12.38
C LEU A 120 -25.03 -34.33 12.83
N PRO A 121 -25.22 -34.50 14.17
CA PRO A 121 -26.19 -35.49 14.65
C PRO A 121 -27.63 -34.98 14.53
N ASP A 122 -28.59 -35.85 14.77
CA ASP A 122 -30.01 -35.54 14.52
C ASP A 122 -30.77 -35.05 15.76
N LEU A 123 -30.57 -35.72 16.90
CA LEU A 123 -31.17 -35.29 18.17
C LEU A 123 -30.15 -35.26 19.31
N TYR A 124 -30.58 -34.82 20.49
CA TYR A 124 -29.74 -34.95 21.71
C TYR A 124 -30.58 -35.25 22.96
N ASP A 125 -30.25 -36.35 23.64
CA ASP A 125 -30.98 -36.81 24.84
C ASP A 125 -30.40 -36.22 26.14
N TYR A 126 -31.22 -35.45 26.86
CA TYR A 126 -30.77 -34.72 28.05
C TYR A 126 -30.55 -35.59 29.30
N LYS A 127 -31.34 -36.67 29.43
CA LYS A 127 -31.24 -37.55 30.60
C LYS A 127 -29.92 -38.33 30.62
N THR A 128 -29.58 -38.97 29.50
CA THR A 128 -28.32 -39.71 29.36
C THR A 128 -27.16 -38.87 28.78
N ASN A 129 -27.44 -37.66 28.29
CA ASN A 129 -26.44 -36.78 27.66
C ASN A 129 -25.81 -37.43 26.42
N LYS A 130 -26.68 -37.88 25.51
CA LYS A 130 -26.26 -38.63 24.32
C LYS A 130 -26.75 -37.97 23.02
N PHE A 131 -25.81 -37.64 22.14
CA PHE A 131 -26.12 -37.18 20.77
C PHE A 131 -26.67 -38.36 19.97
N ILE A 132 -27.80 -38.14 19.29
CA ILE A 132 -28.51 -39.22 18.60
C ILE A 132 -28.49 -39.01 17.09
N GLU A 133 -27.97 -40.02 16.37
CA GLU A 133 -27.93 -40.05 14.91
C GLU A 133 -28.87 -41.15 14.40
N ILE A 134 -30.04 -40.73 13.90
CA ILE A 134 -31.09 -41.65 13.41
C ILE A 134 -30.76 -42.13 12.00
N GLY A 135 -31.08 -43.40 11.72
CA GLY A 135 -30.84 -44.02 10.40
C GLY A 135 -31.99 -44.87 9.90
N VAL A 136 -32.80 -44.29 9.02
CA VAL A 136 -33.87 -45.03 8.32
C VAL A 136 -33.28 -45.57 7.02
N THR A 137 -33.74 -46.75 6.60
CA THR A 137 -33.26 -47.35 5.35
C THR A 137 -34.21 -48.40 4.77
N ARG A 138 -34.30 -48.42 3.43
CA ARG A 138 -35.07 -49.44 2.70
C ARG A 138 -34.33 -50.78 2.68
N ARG A 139 -33.01 -50.75 2.82
CA ARG A 139 -32.19 -51.96 3.08
C ARG A 139 -32.51 -52.56 4.47
N LYS A 140 -31.79 -53.61 4.85
CA LYS A 140 -32.04 -54.35 6.11
C LYS A 140 -31.80 -53.48 7.38
N VAL A 141 -30.65 -53.63 8.03
CA VAL A 141 -30.32 -52.91 9.29
C VAL A 141 -28.82 -52.92 9.58
N GLU A 142 -28.22 -54.12 9.57
CA GLU A 142 -26.78 -54.31 9.82
C GLU A 142 -25.92 -53.59 8.77
N ASP A 143 -26.34 -53.63 7.51
CA ASP A 143 -25.66 -52.95 6.39
C ASP A 143 -25.47 -51.46 6.70
N TYR A 144 -26.59 -50.79 6.97
CA TYR A 144 -26.61 -49.34 7.23
C TYR A 144 -26.02 -49.00 8.62
N TYR A 145 -26.26 -49.86 9.61
CA TYR A 145 -25.66 -49.72 10.95
C TYR A 145 -24.14 -49.76 10.89
N TYR A 146 -23.59 -50.80 10.25
CA TYR A 146 -22.13 -50.93 10.10
C TYR A 146 -21.54 -50.04 8.97
N GLU A 147 -22.40 -49.51 8.09
CA GLU A 147 -21.98 -48.41 7.19
C GLU A 147 -21.83 -47.10 7.99
N LYS A 148 -22.83 -46.79 8.81
CA LYS A 148 -22.78 -45.57 9.66
C LYS A 148 -21.74 -45.65 10.79
N ALA A 149 -21.55 -46.83 11.37
CA ALA A 149 -20.59 -47.02 12.47
C ALA A 149 -19.14 -46.87 12.01
N SER A 150 -18.77 -47.67 11.00
CA SER A 150 -17.44 -47.62 10.37
C SER A 150 -17.31 -46.34 9.52
N LYS A 151 -17.21 -45.22 10.24
CA LYS A 151 -17.37 -43.84 9.72
C LYS A 151 -17.56 -42.90 10.94
N LEU A 152 -18.44 -43.32 11.87
CA LEU A 152 -18.64 -42.65 13.17
C LEU A 152 -17.87 -43.32 14.34
N LYS A 153 -16.90 -44.19 14.04
CA LYS A 153 -16.07 -44.84 15.06
C LYS A 153 -15.13 -43.82 15.73
N GLY A 154 -14.82 -44.07 17.00
CA GLY A 154 -14.00 -43.16 17.80
C GLY A 154 -14.89 -42.29 18.67
N GLU A 155 -15.63 -41.39 18.02
CA GLU A 155 -16.67 -40.59 18.68
C GLU A 155 -17.82 -41.48 19.17
N ASN A 156 -18.39 -41.12 20.32
CA ASN A 156 -19.41 -41.96 20.99
C ASN A 156 -20.84 -41.45 20.73
N VAL A 157 -21.18 -41.31 19.45
CA VAL A 157 -22.50 -40.85 19.02
C VAL A 157 -23.47 -42.04 19.06
N TYR A 158 -24.66 -41.82 19.63
CA TYR A 158 -25.69 -42.87 19.73
C TYR A 158 -26.35 -43.10 18.37
N ILE A 159 -26.15 -44.29 17.82
CA ILE A 159 -26.70 -44.67 16.51
C ILE A 159 -27.94 -45.55 16.71
N HIS A 160 -29.05 -45.13 16.10
CA HIS A 160 -30.32 -45.87 16.12
C HIS A 160 -30.77 -46.09 14.67
N ILE A 161 -30.91 -47.35 14.27
CA ILE A 161 -31.19 -47.72 12.87
C ILE A 161 -32.56 -48.41 12.77
N PHE A 162 -33.49 -47.76 12.05
CA PHE A 162 -34.82 -48.30 11.77
C PHE A 162 -34.92 -48.79 10.33
N SER A 163 -35.98 -49.55 10.05
CA SER A 163 -36.29 -50.03 8.69
C SER A 163 -37.78 -49.93 8.38
N PHE A 164 -38.10 -49.93 7.08
CA PHE A 164 -39.49 -49.87 6.59
C PHE A 164 -40.30 -51.15 6.90
N ASP A 165 -39.61 -52.29 6.99
CA ASP A 165 -40.27 -53.58 7.26
C ASP A 165 -40.81 -53.67 8.68
N GLY A 166 -39.97 -53.34 9.65
CA GLY A 166 -40.30 -53.50 11.07
C GLY A 166 -39.10 -53.72 11.97
N GLU A 167 -38.07 -54.38 11.46
CA GLU A 167 -36.83 -54.63 12.23
C GLU A 167 -36.07 -53.36 12.60
N GLU A 168 -35.25 -53.47 13.64
CA GLU A 168 -34.61 -52.32 14.30
C GLU A 168 -33.23 -52.71 14.84
N MET A 169 -32.33 -51.74 14.96
CA MET A 169 -31.01 -51.97 15.57
C MET A 169 -30.42 -50.67 16.15
N ALA A 170 -30.33 -50.61 17.48
CA ALA A 170 -29.74 -49.46 18.18
C ALA A 170 -28.31 -49.76 18.63
N THR A 171 -27.64 -48.75 19.18
CA THR A 171 -26.30 -48.90 19.77
C THR A 171 -26.33 -49.86 20.97
N ASP A 172 -25.65 -51.00 20.83
CA ASP A 172 -25.56 -52.04 21.88
C ASP A 172 -26.91 -52.64 22.33
N ASP A 173 -27.98 -52.43 21.55
CA ASP A 173 -29.35 -52.76 21.95
C ASP A 173 -29.76 -52.26 23.36
N GLU A 174 -29.34 -51.04 23.70
CA GLU A 174 -29.83 -50.34 24.92
C GLU A 174 -30.81 -49.26 24.46
N TYR A 175 -32.09 -49.65 24.38
CA TYR A 175 -33.13 -48.78 23.82
C TYR A 175 -33.61 -47.78 24.88
N ILE A 176 -33.07 -46.56 24.80
CA ILE A 176 -33.42 -45.47 25.74
C ILE A 176 -34.88 -44.98 25.58
N LEU A 177 -35.39 -45.00 24.35
CA LEU A 177 -36.75 -44.53 24.05
C LEU A 177 -37.76 -45.61 24.47
N ASP A 178 -38.85 -45.20 25.12
CA ASP A 178 -39.90 -46.14 25.57
C ASP A 178 -40.61 -46.88 24.42
N GLU A 179 -41.30 -47.96 24.76
CA GLU A 179 -41.77 -48.98 23.82
C GLU A 179 -42.89 -48.52 22.86
N GLU A 180 -43.84 -47.76 23.38
CA GLU A 180 -44.99 -47.28 22.60
C GLU A 180 -44.58 -46.39 21.42
N SER A 181 -43.64 -45.49 21.66
CA SER A 181 -43.14 -44.56 20.63
C SER A 181 -42.33 -45.31 19.56
N ARG A 182 -41.39 -46.13 20.00
CA ARG A 182 -40.59 -46.99 19.11
C ARG A 182 -41.47 -47.94 18.30
N ALA A 183 -42.56 -48.44 18.92
CA ALA A 183 -43.58 -49.18 18.18
C ALA A 183 -44.27 -48.30 17.14
N ARG A 184 -44.81 -47.16 17.59
CA ARG A 184 -45.54 -46.21 16.72
C ARG A 184 -44.72 -45.75 15.51
N ILE A 185 -43.42 -45.53 15.71
CA ILE A 185 -42.48 -45.27 14.61
C ILE A 185 -42.47 -46.45 13.63
N LYS A 186 -42.34 -47.67 14.14
CA LYS A 186 -42.35 -48.88 13.30
C LYS A 186 -43.69 -49.11 12.60
N THR A 187 -44.79 -48.63 13.20
CA THR A 187 -46.09 -48.58 12.54
C THR A 187 -46.06 -47.57 11.41
N ARG A 188 -45.76 -46.30 11.74
CA ARG A 188 -45.71 -45.23 10.73
C ARG A 188 -44.83 -45.61 9.52
N LEU A 189 -43.64 -46.14 9.81
CA LEU A 189 -42.73 -46.63 8.78
C LEU A 189 -43.29 -47.80 7.97
N PHE A 190 -44.14 -48.64 8.58
CA PHE A 190 -44.86 -49.69 7.84
C PHE A 190 -45.91 -49.06 6.93
N VAL A 191 -46.75 -48.19 7.51
CA VAL A 191 -47.79 -47.47 6.77
C VAL A 191 -47.21 -46.72 5.57
N LEU A 192 -46.03 -46.10 5.76
CA LEU A 192 -45.28 -45.51 4.64
C LEU A 192 -44.90 -46.54 3.56
N ARG A 193 -44.45 -47.72 3.97
CA ARG A 193 -44.10 -48.80 3.03
C ARG A 193 -45.32 -49.38 2.30
N GLN A 194 -46.46 -49.42 2.98
CA GLN A 194 -47.74 -49.80 2.37
C GLN A 194 -48.15 -48.73 1.36
N GLU A 195 -48.27 -47.49 1.85
CA GLU A 195 -48.64 -46.33 1.00
C GLU A 195 -47.74 -46.20 -0.24
N LEU A 196 -46.43 -46.37 -0.06
CA LEU A 196 -45.47 -46.41 -1.18
C LEU A 196 -45.74 -47.55 -2.17
N ALA A 197 -46.21 -48.70 -1.67
CA ALA A 197 -46.57 -49.83 -2.53
C ALA A 197 -47.88 -49.60 -3.28
N THR A 198 -48.91 -49.13 -2.57
CA THR A 198 -50.23 -48.86 -3.16
C THR A 198 -50.27 -47.62 -4.07
N ALA A 199 -49.43 -46.62 -3.79
CA ALA A 199 -49.32 -45.43 -4.66
C ALA A 199 -48.61 -45.78 -5.98
N LEU A 215 -23.05 -32.23 -8.93
CA LEU A 215 -21.78 -32.02 -9.61
C LEU A 215 -21.97 -31.29 -10.95
N GLU A 216 -22.15 -29.96 -10.86
CA GLU A 216 -22.35 -29.12 -12.06
C GLU A 216 -22.15 -27.62 -11.80
N GLU A 217 -21.96 -26.87 -12.89
CA GLU A 217 -21.81 -25.41 -12.85
C GLU A 217 -22.05 -24.85 -14.25
N GLU A 218 -23.02 -23.94 -14.41
CA GLU A 218 -23.45 -23.47 -15.74
C GLU A 218 -23.82 -21.97 -15.80
N PHE A 219 -23.49 -21.36 -16.94
CA PHE A 219 -23.70 -19.92 -17.20
C PHE A 219 -23.66 -19.69 -18.71
N SER A 220 -24.58 -18.87 -19.21
CA SER A 220 -24.67 -18.59 -20.66
C SER A 220 -25.48 -17.33 -20.95
N TYR A 221 -25.24 -16.76 -22.13
CA TYR A 221 -25.85 -15.50 -22.53
C TYR A 221 -27.30 -15.69 -22.99
N PRO A 222 -28.26 -14.94 -22.39
CA PRO A 222 -29.62 -14.91 -22.95
C PRO A 222 -29.71 -13.96 -24.16
N PRO A 223 -30.76 -14.12 -24.99
CA PRO A 223 -30.83 -13.57 -26.36
C PRO A 223 -30.36 -12.12 -26.50
N THR A 224 -30.93 -11.24 -25.67
CA THR A 224 -30.61 -9.81 -25.68
C THR A 224 -29.12 -9.58 -25.50
N PHE A 225 -28.51 -10.29 -24.54
CA PHE A 225 -27.09 -10.15 -24.32
C PHE A 225 -26.31 -10.83 -25.44
N GLN A 226 -26.71 -12.05 -25.82
CA GLN A 226 -26.07 -12.76 -26.93
C GLN A 226 -25.96 -11.91 -28.21
N ARG A 227 -27.03 -11.18 -28.55
CA ARG A 227 -26.99 -10.24 -29.70
C ARG A 227 -25.99 -9.09 -29.47
N LEU A 228 -25.87 -8.66 -28.23
CA LEU A 228 -24.90 -7.62 -27.83
C LEU A 228 -23.45 -8.12 -27.99
N ALA A 229 -23.22 -9.35 -27.51
CA ALA A 229 -21.96 -10.08 -27.70
C ALA A 229 -21.65 -10.25 -29.18
N ASN A 230 -22.66 -10.62 -29.97
CA ASN A 230 -22.49 -10.68 -31.43
C ASN A 230 -22.15 -9.31 -32.02
N GLN A 231 -22.79 -8.26 -31.51
CA GLN A 231 -22.49 -6.88 -31.91
C GLN A 231 -21.08 -6.38 -31.54
N SER A 232 -20.56 -6.84 -30.40
CA SER A 232 -19.28 -6.31 -29.84
C SER A 232 -17.99 -7.08 -30.18
N LEU A 233 -17.80 -7.40 -31.47
CA LEU A 233 -16.62 -8.14 -31.95
C LEU A 233 -15.78 -7.25 -32.87
N PRO A 234 -14.62 -7.76 -33.34
CA PRO A 234 -13.92 -6.99 -34.38
C PRO A 234 -14.67 -7.00 -35.73
N PRO A 235 -14.24 -6.17 -36.70
CA PRO A 235 -14.84 -6.20 -38.04
C PRO A 235 -14.36 -7.42 -38.82
N SER A 236 -15.14 -7.80 -39.85
CA SER A 236 -14.97 -9.06 -40.58
C SER A 236 -15.16 -10.30 -39.67
N PHE A 237 -16.03 -10.17 -38.67
CA PHE A 237 -16.52 -11.29 -37.86
C PHE A 237 -18.03 -11.16 -37.74
N LYS A 238 -18.68 -12.25 -37.35
CA LYS A 238 -20.15 -12.35 -37.32
C LYS A 238 -20.69 -12.71 -35.95
N ASP A 239 -20.18 -13.80 -35.37
CA ASP A 239 -20.75 -14.39 -34.17
C ASP A 239 -19.70 -14.57 -33.07
N TYR A 240 -20.12 -14.31 -31.83
CA TYR A 240 -19.29 -14.51 -30.64
C TYR A 240 -18.69 -15.92 -30.56
N HIS A 241 -19.49 -16.91 -30.96
CA HIS A 241 -19.03 -18.30 -31.11
C HIS A 241 -17.92 -18.42 -32.18
N GLN A 242 -18.09 -17.69 -33.29
CA GLN A 242 -17.09 -17.65 -34.37
C GLN A 242 -15.77 -16.99 -33.92
N PHE A 243 -15.89 -15.84 -33.26
CA PHE A 243 -14.71 -15.15 -32.68
C PHE A 243 -14.03 -16.01 -31.60
N LYS A 244 -14.84 -16.58 -30.70
CA LYS A 244 -14.36 -17.53 -29.69
C LYS A 244 -13.59 -18.70 -30.33
N ALA A 245 -14.19 -19.27 -31.39
CA ALA A 245 -13.56 -20.34 -32.14
C ALA A 245 -12.24 -19.88 -32.77
N TYR A 246 -12.27 -18.71 -33.44
CA TYR A 246 -11.06 -18.12 -34.04
C TYR A 246 -9.95 -17.95 -33.01
N VAL A 247 -10.31 -17.39 -31.85
CA VAL A 247 -9.36 -17.20 -30.75
C VAL A 247 -8.83 -18.55 -30.27
N SER A 248 -9.73 -19.47 -29.94
CA SER A 248 -9.34 -20.83 -29.50
C SER A 248 -8.39 -21.50 -30.48
N SER A 249 -8.73 -21.44 -31.76
CA SER A 249 -7.91 -22.03 -32.84
C SER A 249 -6.96 -21.02 -33.51
N PHE A 250 -6.58 -19.95 -32.81
CA PHE A 250 -5.51 -19.08 -33.28
C PHE A 250 -4.16 -19.67 -32.95
N LYS A 251 -3.21 -19.51 -33.88
CA LYS A 251 -1.79 -19.73 -33.60
C LYS A 251 -0.97 -18.70 -34.38
N ALA A 252 0.08 -18.18 -33.73
CA ALA A 252 0.94 -17.17 -34.32
C ALA A 252 1.86 -17.81 -35.35
N ASN A 253 1.66 -17.47 -36.63
CA ASN A 253 2.54 -17.91 -37.71
C ASN A 253 3.70 -16.92 -37.84
N GLY A 254 3.36 -15.65 -38.00
CA GLY A 254 4.35 -14.58 -38.13
C GLY A 254 3.66 -13.29 -38.53
N ASN A 255 2.74 -12.84 -37.69
CA ASN A 255 1.78 -11.79 -38.04
C ASN A 255 2.40 -10.42 -37.84
N ILE A 256 2.84 -10.15 -36.62
CA ILE A 256 3.38 -8.84 -36.20
C ILE A 256 4.42 -8.34 -37.19
N GLU A 257 5.36 -9.22 -37.57
CA GLU A 257 6.41 -8.87 -38.53
C GLU A 257 5.83 -8.52 -39.91
N ALA A 258 4.80 -9.25 -40.33
CA ALA A 258 4.11 -8.96 -41.58
C ALA A 258 3.43 -7.61 -41.53
N LYS A 259 2.72 -7.37 -40.42
CA LYS A 259 2.01 -6.11 -40.20
C LYS A 259 2.98 -4.92 -40.13
N LEU A 260 4.13 -5.14 -39.48
CA LEU A 260 5.24 -4.16 -39.45
C LEU A 260 5.79 -3.93 -40.86
N GLY A 261 5.93 -5.01 -41.63
CA GLY A 261 6.27 -4.91 -43.05
C GLY A 261 5.30 -4.05 -43.82
N ALA A 262 4.01 -4.28 -43.61
CA ALA A 262 2.94 -3.51 -44.25
C ALA A 262 2.90 -2.03 -43.82
N MET A 263 3.11 -1.80 -42.51
CA MET A 263 2.96 -0.47 -41.89
C MET A 263 3.93 0.58 -42.45
N SER A 264 3.47 1.83 -42.49
CA SER A 264 4.20 2.95 -43.10
C SER A 264 5.46 3.34 -42.32
N GLU A 265 6.48 3.82 -43.05
CA GLU A 265 7.75 4.26 -42.44
C GLU A 265 7.70 5.66 -41.78
N LYS A 266 6.60 6.39 -41.97
CA LYS A 266 6.35 7.64 -41.23
C LYS A 266 6.12 7.40 -39.72
N VAL A 267 5.68 6.18 -39.37
CA VAL A 267 5.53 5.77 -37.97
C VAL A 267 6.91 5.34 -37.46
N ASN A 268 7.65 6.32 -36.93
CA ASN A 268 9.02 6.11 -36.40
C ASN A 268 9.27 6.90 -35.11
N ALA A 269 10.13 6.35 -34.26
CA ALA A 269 10.55 6.99 -33.01
C ALA A 269 11.99 7.45 -33.16
N GLN A 270 12.20 8.49 -33.96
CA GLN A 270 13.53 8.93 -34.36
C GLN A 270 14.24 9.73 -33.26
N ILE A 271 15.35 9.18 -32.75
CA ILE A 271 16.13 9.81 -31.67
C ILE A 271 16.92 10.99 -32.21
N GLU A 272 16.55 12.21 -31.79
CA GLU A 272 17.41 13.38 -31.96
C GLU A 272 18.26 13.48 -30.70
N SER A 273 19.58 13.40 -30.88
CA SER A 273 20.51 13.44 -29.74
C SER A 273 20.57 14.85 -29.16
N PHE A 274 20.57 14.92 -27.83
CA PHE A 274 20.31 16.14 -27.08
C PHE A 274 21.60 16.84 -26.66
N ASP A 275 21.61 18.18 -26.78
CA ASP A 275 22.79 18.99 -26.47
C ASP A 275 22.38 20.37 -25.92
N PRO A 276 22.51 20.58 -24.57
CA PRO A 276 22.18 21.85 -23.91
C PRO A 276 22.81 23.11 -24.52
N ARG A 277 23.98 22.96 -25.13
CA ARG A 277 24.63 24.06 -25.86
C ARG A 277 23.81 24.51 -27.07
N THR A 278 23.15 23.55 -27.74
CA THR A 278 22.31 23.85 -28.91
C THR A 278 20.99 24.51 -28.53
N ILE A 279 20.36 24.06 -27.44
CA ILE A 279 18.96 24.40 -27.16
C ILE A 279 18.78 25.86 -26.68
N ARG A 280 17.60 26.41 -26.98
CA ARG A 280 17.31 27.83 -26.78
C ARG A 280 16.66 28.08 -25.40
N GLU A 281 16.50 29.36 -25.05
CA GLU A 281 15.80 29.74 -23.81
C GLU A 281 14.29 29.52 -23.93
N LEU A 282 13.63 29.27 -22.79
CA LEU A 282 12.17 29.18 -22.75
C LEU A 282 11.55 30.51 -23.14
N GLU A 283 10.46 30.44 -23.91
CA GLU A 283 9.77 31.64 -24.40
C GLU A 283 8.86 32.20 -23.31
N LEU A 284 9.24 33.34 -22.74
CA LEU A 284 8.41 34.03 -21.75
C LEU A 284 7.30 34.81 -22.43
N PRO A 285 6.11 34.89 -21.83
CA PRO A 285 4.99 35.63 -22.42
C PRO A 285 5.18 37.13 -22.30
N GLU A 286 4.42 37.87 -23.11
CA GLU A 286 4.44 39.32 -23.12
C GLU A 286 3.01 39.83 -22.94
N GLY A 287 2.91 41.07 -22.45
CA GLY A 287 1.61 41.69 -22.12
C GLY A 287 1.83 42.82 -21.15
N LYS A 288 0.80 43.12 -20.35
CA LYS A 288 0.97 44.01 -19.18
C LYS A 288 1.81 43.29 -18.12
N PHE A 289 2.45 44.04 -17.23
CA PHE A 289 3.29 43.43 -16.18
C PHE A 289 2.44 42.73 -15.13
N CYS A 290 2.98 41.65 -14.56
CA CYS A 290 2.23 40.86 -13.55
C CYS A 290 2.11 41.60 -12.21
N THR A 291 0.89 41.61 -11.65
CA THR A 291 0.60 42.23 -10.34
C THR A 291 0.86 41.28 -9.16
N GLN A 292 1.09 41.86 -7.98
CA GLN A 292 1.07 41.12 -6.72
C GLN A 292 -0.33 40.54 -6.48
N ARG A 293 -0.37 39.27 -6.06
CA ARG A 293 -1.61 38.52 -5.85
C ARG A 293 -1.61 37.73 -4.53
N SER A 294 -0.81 38.15 -3.57
CA SER A 294 -0.77 37.53 -2.25
C SER A 294 -1.96 38.00 -1.42
N LYS A 295 -2.24 37.30 -0.32
CA LYS A 295 -3.35 37.64 0.57
C LYS A 295 -2.92 38.63 1.65
N PHE A 296 -1.60 38.84 1.76
CA PHE A 296 -1.02 39.82 2.67
C PHE A 296 0.29 40.38 2.09
N LEU A 297 0.71 41.54 2.58
CA LEU A 297 1.92 42.19 2.09
C LEU A 297 3.15 41.44 2.57
N LEU A 298 4.16 41.37 1.71
CA LEU A 298 5.42 40.72 2.02
C LEU A 298 6.44 41.78 2.45
N MET A 299 7.53 41.98 1.70
CA MET A 299 8.57 42.98 2.03
C MET A 299 8.04 44.39 2.33
N ASP A 300 6.91 44.75 1.73
CA ASP A 300 6.29 46.07 1.94
C ASP A 300 5.33 46.12 3.13
N ALA A 301 5.27 45.06 3.93
CA ALA A 301 4.47 45.10 5.16
C ALA A 301 5.18 45.96 6.21
N MET A 302 4.39 46.45 7.17
CA MET A 302 4.90 47.27 8.28
C MET A 302 4.11 46.93 9.52
N LYS A 303 4.82 46.80 10.65
CA LYS A 303 4.22 46.37 11.91
C LYS A 303 4.10 47.53 12.87
N LEU A 304 2.99 47.57 13.61
CA LEU A 304 2.96 48.30 14.87
C LEU A 304 3.09 47.27 15.96
N SER A 305 4.22 47.29 16.68
CA SER A 305 4.53 46.26 17.68
C SER A 305 4.48 46.75 19.13
N VAL A 306 4.25 45.83 20.06
CA VAL A 306 4.28 46.12 21.48
C VAL A 306 4.99 45.00 22.25
N LEU A 307 5.70 45.38 23.32
CA LEU A 307 6.32 44.42 24.24
C LEU A 307 5.23 43.69 25.02
N ASN A 308 5.30 42.36 25.02
CA ASN A 308 4.22 41.55 25.57
C ASN A 308 4.72 40.14 25.92
N PRO A 309 4.77 39.80 27.24
CA PRO A 309 5.31 38.51 27.67
C PRO A 309 4.39 37.28 27.46
N ALA A 310 3.27 37.46 26.76
CA ALA A 310 2.31 36.36 26.50
C ALA A 310 2.89 35.28 25.59
N HIS A 311 2.24 34.12 25.61
CA HIS A 311 2.60 32.98 24.75
C HIS A 311 2.33 33.34 23.29
N GLU A 312 2.81 32.51 22.37
CA GLU A 312 2.70 32.78 20.93
C GLU A 312 1.34 32.37 20.29
N GLY A 313 0.27 32.38 21.09
CA GLY A 313 -1.09 32.42 20.56
C GLY A 313 -2.14 32.80 21.59
N GLU A 314 -1.77 33.71 22.50
CA GLU A 314 -2.56 33.99 23.71
C GLU A 314 -2.96 35.47 23.80
N GLY A 315 -4.04 35.73 24.53
CA GLY A 315 -4.59 37.08 24.67
C GLY A 315 -5.65 37.35 23.65
N ILE A 316 -6.43 38.40 23.87
CA ILE A 316 -7.54 38.76 22.97
C ILE A 316 -6.98 39.60 21.80
N PRO A 317 -7.07 39.06 20.57
CA PRO A 317 -6.40 39.66 19.40
C PRO A 317 -6.78 41.11 19.13
N MET A 318 -8.04 41.47 19.34
CA MET A 318 -8.48 42.88 19.24
C MET A 318 -7.84 43.75 20.32
N LYS A 319 -7.68 43.22 21.54
CA LYS A 319 -7.02 43.95 22.62
C LYS A 319 -5.55 44.14 22.27
N ASP A 320 -4.91 43.05 21.81
CA ASP A 320 -3.54 43.12 21.29
C ASP A 320 -3.39 44.14 20.13
N ALA A 321 -4.39 44.21 19.26
CA ALA A 321 -4.40 45.19 18.16
C ALA A 321 -4.51 46.61 18.70
N LYS A 322 -5.57 46.89 19.47
CA LYS A 322 -5.73 48.18 20.16
C LYS A 322 -4.42 48.61 20.83
N ALA A 323 -3.84 47.68 21.60
CA ALA A 323 -2.55 47.92 22.26
C ALA A 323 -1.45 48.35 21.29
N CYS A 324 -1.41 47.73 20.11
CA CYS A 324 -0.42 48.09 19.07
C CYS A 324 -0.72 49.45 18.43
N LEU A 325 -1.98 49.67 18.06
CA LEU A 325 -2.46 50.98 17.55
C LEU A 325 -1.88 52.20 18.31
N ASP A 326 -1.86 52.11 19.63
CA ASP A 326 -1.36 53.19 20.48
C ASP A 326 0.14 53.45 20.34
N THR A 327 0.92 52.46 19.88
CA THR A 327 2.37 52.68 19.69
C THR A 327 2.69 53.63 18.52
N PHE A 328 1.71 53.88 17.66
CA PHE A 328 1.85 54.89 16.59
C PHE A 328 1.17 56.19 16.98
N TRP A 329 1.97 57.27 16.96
CA TRP A 329 1.54 58.58 17.45
C TRP A 329 0.89 59.39 16.33
N GLY A 330 1.67 59.66 15.28
CA GLY A 330 1.33 60.65 14.25
C GLY A 330 0.45 60.18 13.11
N TRP A 331 -0.85 60.02 13.41
CA TRP A 331 -1.88 59.71 12.41
C TRP A 331 -2.22 60.96 11.59
N LYS A 332 -3.12 60.79 10.62
CA LYS A 332 -3.63 61.88 9.78
C LYS A 332 -5.10 61.64 9.40
N LYS A 333 -5.65 62.60 8.66
CA LYS A 333 -6.84 62.41 7.86
C LYS A 333 -6.42 61.61 6.61
N ALA A 334 -7.24 60.63 6.22
CA ALA A 334 -6.89 59.72 5.13
C ALA A 334 -7.08 60.36 3.76
N THR A 335 -6.11 60.13 2.86
CA THR A 335 -6.16 60.62 1.47
C THR A 335 -5.66 59.54 0.51
N ILE A 336 -6.34 59.37 -0.62
CA ILE A 336 -5.99 58.34 -1.61
C ILE A 336 -4.79 58.78 -2.44
N ILE A 337 -3.67 58.05 -2.37
CA ILE A 337 -2.46 58.46 -3.12
C ILE A 337 -2.15 57.60 -4.35
N LYS A 338 -2.55 56.33 -4.31
CA LYS A 338 -2.54 55.46 -5.49
C LYS A 338 -3.93 54.83 -5.60
N LYS A 339 -4.53 55.00 -6.78
CA LYS A 339 -5.92 54.63 -7.01
C LYS A 339 -6.03 53.16 -7.40
N HIS A 340 -7.17 52.56 -7.07
CA HIS A 340 -7.56 51.26 -7.60
C HIS A 340 -8.38 51.53 -8.87
N GLU A 341 -7.73 51.37 -10.03
CA GLU A 341 -8.27 51.79 -11.33
C GLU A 341 -9.71 51.36 -11.60
N LYS A 342 -10.05 50.12 -11.24
CA LYS A 342 -11.39 49.57 -11.47
C LYS A 342 -12.37 49.76 -10.30
N GLY A 343 -12.00 50.56 -9.31
CA GLY A 343 -12.74 50.60 -8.04
C GLY A 343 -13.39 51.92 -7.69
N VAL A 344 -14.37 51.83 -6.79
CA VAL A 344 -15.04 52.98 -6.16
C VAL A 344 -14.16 53.44 -4.99
N ASN A 345 -13.14 54.23 -5.31
CA ASN A 345 -12.08 54.54 -4.35
C ASN A 345 -12.52 55.35 -3.12
N THR A 346 -13.69 55.97 -3.17
CA THR A 346 -14.31 56.50 -1.94
C THR A 346 -14.60 55.38 -0.92
N ASN A 347 -15.18 54.28 -1.41
CA ASN A 347 -15.65 53.19 -0.52
C ASN A 347 -14.54 52.63 0.40
N TYR A 348 -13.33 52.54 -0.13
CA TYR A 348 -12.16 52.16 0.67
C TYR A 348 -11.87 53.20 1.78
N LEU A 349 -11.90 54.47 1.39
CA LEU A 349 -11.62 55.59 2.32
C LEU A 349 -12.70 55.68 3.41
N MET A 350 -13.95 55.38 3.05
CA MET A 350 -15.02 55.28 4.05
C MET A 350 -14.89 54.03 4.92
N ILE A 351 -14.53 52.90 4.29
CA ILE A 351 -14.28 51.64 5.02
C ILE A 351 -13.20 51.83 6.09
N TRP A 352 -12.04 52.39 5.71
CA TRP A 352 -10.96 52.59 6.68
C TRP A 352 -11.42 53.35 7.92
N GLU A 353 -12.13 54.44 7.70
CA GLU A 353 -12.67 55.26 8.80
C GLU A 353 -13.73 54.50 9.60
N GLN A 354 -14.65 53.83 8.90
CA GLN A 354 -15.65 53.01 9.57
C GLN A 354 -15.01 52.00 10.51
N LEU A 355 -14.04 51.26 9.97
CA LEU A 355 -13.29 50.25 10.73
C LEU A 355 -12.57 50.92 11.91
N LEU A 356 -11.78 51.94 11.59
CA LEU A 356 -10.96 52.64 12.59
C LEU A 356 -11.80 53.26 13.71
N GLU A 357 -13.04 53.67 13.41
CA GLU A 357 -13.97 54.13 14.46
C GLU A 357 -14.58 52.94 15.22
N SER A 358 -15.06 51.95 14.46
CA SER A 358 -15.60 50.71 15.05
C SER A 358 -14.65 50.03 16.04
N ILE A 359 -13.34 50.11 15.78
CA ILE A 359 -12.33 49.65 16.74
C ILE A 359 -12.35 50.52 18.00
N LYS A 360 -12.41 51.84 17.83
CA LYS A 360 -12.44 52.76 18.95
C LYS A 360 -13.73 52.66 19.78
N GLU A 361 -14.82 52.21 19.16
CA GLU A 361 -16.14 52.11 19.83
C GLU A 361 -16.57 50.69 20.26
N MET A 362 -15.65 49.72 20.31
CA MET A 362 -16.01 48.32 20.66
C MET A 362 -15.63 47.92 22.09
N GLU A 363 -16.34 46.92 22.62
CA GLU A 363 -15.91 46.19 23.83
C GLU A 363 -16.07 44.69 23.59
N GLY A 364 -15.45 43.88 24.43
CA GLY A 364 -15.53 42.42 24.34
C GLY A 364 -14.51 41.84 23.36
N LYS A 365 -14.74 40.59 22.96
CA LYS A 365 -13.83 39.86 22.04
C LYS A 365 -14.23 40.07 20.57
N PHE A 366 -15.47 39.71 20.25
CA PHE A 366 -16.00 39.75 18.89
C PHE A 366 -16.17 41.19 18.39
N LEU A 367 -15.73 41.47 17.16
CA LEU A 367 -16.01 42.74 16.46
C LEU A 367 -16.58 42.50 15.07
N ASN A 368 -17.88 42.77 14.93
CA ASN A 368 -18.57 42.72 13.65
C ASN A 368 -18.86 44.16 13.21
N LEU A 369 -18.47 44.53 11.99
CA LEU A 369 -18.86 45.83 11.43
C LEU A 369 -20.32 45.81 11.01
N LYS A 370 -20.92 47.00 10.88
CA LYS A 370 -22.30 47.12 10.40
C LYS A 370 -22.30 47.15 8.87
N LYS A 371 -23.35 46.57 8.28
CA LYS A 371 -23.43 46.40 6.83
C LYS A 371 -23.77 47.72 6.09
N THR A 372 -22.77 48.59 5.98
CA THR A 372 -22.92 49.84 5.25
C THR A 372 -22.71 49.57 3.76
N ASN A 373 -23.43 50.30 2.91
CA ASN A 373 -23.37 50.09 1.45
C ASN A 373 -21.93 50.08 0.92
N HIS A 374 -21.15 51.07 1.34
CA HIS A 374 -19.73 51.15 0.94
C HIS A 374 -18.90 49.94 1.36
N LEU A 375 -19.27 49.27 2.45
CA LEU A 375 -18.62 48.02 2.87
C LEU A 375 -19.18 46.82 2.09
N LYS A 376 -20.50 46.69 2.07
CA LYS A 376 -21.23 45.73 1.23
C LYS A 376 -20.68 45.63 -0.19
N TRP A 377 -20.46 46.79 -0.81
CA TRP A 377 -19.85 46.84 -2.14
C TRP A 377 -18.47 46.16 -2.15
N GLY A 378 -17.64 46.48 -1.15
CA GLY A 378 -16.27 45.93 -1.04
C GLY A 378 -16.21 44.45 -0.66
N LEU A 379 -17.24 43.98 0.02
CA LEU A 379 -17.38 42.55 0.35
C LEU A 379 -18.35 41.81 -0.58
N GLY A 380 -18.80 42.46 -1.64
CA GLY A 380 -19.52 41.78 -2.71
C GLY A 380 -20.90 41.31 -2.33
N GLU A 381 -21.55 42.03 -1.43
CA GLU A 381 -22.90 41.70 -1.00
C GLU A 381 -23.86 41.76 -2.18
N GLY A 382 -24.67 40.71 -2.35
CA GLY A 382 -25.66 40.64 -3.43
C GLY A 382 -25.18 40.42 -4.86
N GLN A 383 -23.87 40.42 -5.08
CA GLN A 383 -23.31 40.33 -6.44
C GLN A 383 -23.48 38.97 -7.12
N ALA A 384 -23.95 37.94 -6.40
CA ALA A 384 -24.40 36.71 -7.06
C ALA A 384 -25.69 37.01 -7.82
N PRO A 385 -25.75 36.65 -9.11
CA PRO A 385 -27.04 36.72 -9.79
C PRO A 385 -28.09 35.81 -9.14
N GLU A 386 -29.36 36.20 -9.21
CA GLU A 386 -30.44 35.39 -8.61
C GLU A 386 -30.70 34.18 -9.48
N LYS A 387 -30.82 33.02 -8.85
CA LYS A 387 -30.93 31.75 -9.58
C LYS A 387 -32.37 31.54 -10.01
N MET A 388 -32.55 31.04 -11.24
CA MET A 388 -33.87 30.81 -11.83
C MET A 388 -33.92 29.51 -12.60
N ASP A 389 -35.12 28.97 -12.74
CA ASP A 389 -35.38 27.86 -13.67
C ASP A 389 -35.18 28.35 -15.11
N PHE A 390 -34.70 27.45 -15.96
CA PHE A 390 -34.35 27.79 -17.34
C PHE A 390 -35.59 28.23 -18.12
N GLU A 391 -36.67 27.45 -18.01
CA GLU A 391 -37.97 27.80 -18.59
C GLU A 391 -38.31 29.29 -18.45
N ASP A 392 -38.17 29.80 -17.24
CA ASP A 392 -38.52 31.18 -16.92
C ASP A 392 -37.56 32.25 -17.49
N CYS A 393 -36.38 31.83 -17.98
CA CYS A 393 -35.44 32.76 -18.62
C CYS A 393 -34.84 32.18 -19.91
N LYS A 394 -35.61 31.37 -20.63
CA LYS A 394 -35.18 30.81 -21.93
C LYS A 394 -34.86 31.90 -22.93
N GLU A 395 -35.74 32.90 -22.99
CA GLU A 395 -35.77 33.87 -24.07
C GLU A 395 -35.26 35.22 -23.58
N VAL A 396 -34.04 35.25 -23.07
CA VAL A 396 -33.33 36.49 -22.76
C VAL A 396 -32.23 36.61 -23.80
N PRO A 397 -31.98 37.83 -24.33
CA PRO A 397 -30.98 37.96 -25.42
C PRO A 397 -29.53 37.70 -25.01
N ASP A 398 -29.06 38.39 -23.97
CA ASP A 398 -27.64 38.34 -23.56
C ASP A 398 -27.26 37.18 -22.62
N LEU A 399 -28.20 36.25 -22.38
CA LEU A 399 -27.91 35.03 -21.63
C LEU A 399 -26.91 34.17 -22.39
N PHE A 400 -25.67 34.09 -21.88
CA PHE A 400 -24.63 33.20 -22.42
C PHE A 400 -24.13 32.28 -21.30
N GLN A 401 -23.28 31.32 -21.68
CA GLN A 401 -22.51 30.56 -20.70
C GLN A 401 -21.40 31.43 -20.13
N TYR A 402 -20.96 31.10 -18.91
CA TYR A 402 -20.00 31.93 -18.18
C TYR A 402 -18.67 31.99 -18.93
N LYS A 403 -18.01 33.15 -18.87
CA LYS A 403 -16.72 33.36 -19.54
C LYS A 403 -15.76 32.22 -19.19
N SER A 404 -15.30 31.47 -20.20
CA SER A 404 -14.48 30.28 -19.99
C SER A 404 -13.24 30.28 -20.86
N GLU A 405 -12.68 31.47 -21.09
CA GLU A 405 -11.47 31.63 -21.91
C GLU A 405 -10.25 31.36 -21.03
N PRO A 406 -9.09 31.08 -21.63
CA PRO A 406 -7.86 31.01 -20.82
C PRO A 406 -7.48 32.36 -20.18
N PRO A 407 -6.56 32.35 -19.20
CA PRO A 407 -6.18 33.62 -18.57
C PRO A 407 -5.41 34.55 -19.52
N GLU A 408 -5.55 35.85 -19.31
CA GLU A 408 -4.81 36.85 -20.06
C GLU A 408 -3.33 36.70 -19.74
N LYS A 409 -2.49 36.74 -20.76
CA LYS A 409 -1.05 36.64 -20.56
C LYS A 409 -0.51 37.88 -19.83
N ARG A 410 0.58 37.71 -19.08
CA ARG A 410 1.26 38.83 -18.41
C ARG A 410 2.77 38.66 -18.47
N LYS A 411 3.47 39.76 -18.21
CA LYS A 411 4.93 39.84 -18.35
C LYS A 411 5.60 39.88 -16.98
N LEU A 412 6.81 39.31 -16.95
CA LEU A 412 7.64 39.24 -15.74
C LEU A 412 8.15 40.60 -15.31
N ALA A 413 7.56 41.14 -14.26
CA ALA A 413 8.08 42.32 -13.59
C ALA A 413 9.25 41.91 -12.69
N SER A 414 10.07 42.89 -12.31
CA SER A 414 11.22 42.65 -11.43
C SER A 414 10.79 42.22 -10.03
N TRP A 415 9.81 42.93 -9.49
CA TRP A 415 9.47 42.87 -8.06
C TRP A 415 9.53 41.47 -7.44
N ILE A 416 8.97 40.47 -8.12
CA ILE A 416 8.93 39.11 -7.57
C ILE A 416 10.33 38.62 -7.16
N GLN A 417 11.34 38.87 -8.00
CA GLN A 417 12.73 38.51 -7.68
C GLN A 417 13.22 39.25 -6.43
N SER A 418 12.79 40.51 -6.29
CA SER A 418 13.10 41.34 -5.12
C SER A 418 12.47 40.72 -3.86
N GLU A 419 11.15 40.51 -3.92
CA GLU A 419 10.37 39.84 -2.88
C GLU A 419 11.01 38.54 -2.46
N PHE A 420 11.40 37.72 -3.43
CA PHE A 420 12.13 36.50 -3.12
C PHE A 420 13.46 36.80 -2.44
N ASN A 421 14.21 37.74 -2.99
CA ASN A 421 15.50 38.15 -2.39
C ASN A 421 15.36 38.56 -0.92
N LYS A 422 14.28 39.27 -0.57
CA LYS A 422 14.02 39.60 0.83
C LYS A 422 13.55 38.38 1.62
N ALA A 423 12.58 37.65 1.08
CA ALA A 423 12.12 36.38 1.69
C ALA A 423 13.30 35.47 2.07
N SER A 424 14.32 35.47 1.24
CA SER A 424 15.52 34.67 1.47
C SER A 424 16.47 35.17 2.60
N GLU A 425 16.13 36.27 3.29
CA GLU A 425 17.05 36.89 4.27
C GLU A 425 16.68 36.60 5.73
N LEU A 426 17.69 36.77 6.60
CA LEU A 426 17.52 36.73 8.05
C LEU A 426 16.87 38.00 8.56
N THR A 427 16.26 37.91 9.74
CA THR A 427 15.72 39.08 10.45
C THR A 427 16.29 39.11 11.86
N ASN A 428 15.88 40.12 12.63
CA ASN A 428 16.30 40.29 14.03
C ASN A 428 15.20 39.83 15.01
N SER A 429 14.44 38.80 14.63
CA SER A 429 13.34 38.27 15.44
C SER A 429 13.18 36.75 15.22
N ASN A 430 12.84 36.03 16.29
CA ASN A 430 12.52 34.61 16.19
C ASN A 430 11.04 34.51 15.83
N TRP A 431 10.74 33.89 14.69
CA TRP A 431 9.36 33.80 14.19
C TRP A 431 8.67 32.48 14.56
N ILE A 432 9.42 31.38 14.52
CA ILE A 432 8.88 30.06 14.79
C ILE A 432 9.18 29.62 16.22
N GLU A 433 8.18 29.01 16.85
CA GLU A 433 8.22 28.57 18.24
C GLU A 433 7.75 27.11 18.32
N PHE A 434 8.70 26.19 18.39
CA PHE A 434 8.40 24.76 18.28
C PHE A 434 7.91 24.16 19.60
N ASP A 435 6.85 23.35 19.52
CA ASP A 435 6.37 22.59 20.69
C ASP A 435 7.40 21.56 21.17
N GLU A 436 7.18 21.07 22.39
CA GLU A 436 8.13 20.20 23.06
C GLU A 436 8.16 18.81 22.49
N LEU A 437 9.27 18.15 22.77
CA LEU A 437 9.60 16.84 22.25
C LEU A 437 9.81 15.89 23.43
N GLY A 438 9.82 14.60 23.16
CA GLY A 438 10.19 13.62 24.17
C GLY A 438 11.68 13.78 24.41
N ASN A 439 12.12 13.55 25.64
CA ASN A 439 13.54 13.71 25.98
C ASN A 439 14.39 12.82 25.09
N ASP A 440 15.63 13.22 24.85
CA ASP A 440 16.55 12.42 24.06
C ASP A 440 17.10 11.27 24.89
N VAL A 441 17.25 10.11 24.26
CA VAL A 441 17.87 8.95 24.90
C VAL A 441 18.95 8.37 23.99
N ALA A 442 18.57 7.96 22.79
CA ALA A 442 19.52 7.40 21.80
C ALA A 442 20.56 8.46 21.36
N PRO A 443 21.83 8.06 21.19
CA PRO A 443 22.82 9.03 20.67
C PRO A 443 22.33 9.79 19.43
N ILE A 444 21.77 9.06 18.47
CA ILE A 444 21.21 9.67 17.25
C ILE A 444 20.16 10.73 17.56
N GLU A 445 19.44 10.62 18.67
CA GLU A 445 18.52 11.67 19.07
C GLU A 445 19.29 12.92 19.49
N HIS A 446 20.36 12.74 20.26
CA HIS A 446 21.19 13.87 20.68
C HIS A 446 21.78 14.53 19.44
N ILE A 447 22.38 13.73 18.57
CA ILE A 447 22.90 14.20 17.26
C ILE A 447 21.82 14.99 16.51
N ALA A 448 20.66 14.35 16.37
CA ALA A 448 19.49 14.95 15.72
C ALA A 448 19.19 16.32 16.31
N SER A 449 19.13 16.42 17.64
CA SER A 449 18.82 17.71 18.28
C SER A 449 19.92 18.75 18.05
N ARG A 450 21.17 18.29 18.15
CA ARG A 450 22.33 19.12 17.84
C ARG A 450 22.16 19.72 16.45
N ARG A 451 21.87 18.87 15.47
CA ARG A 451 21.64 19.33 14.09
C ARG A 451 20.39 20.20 13.93
N ARG A 452 19.36 19.90 14.70
CA ARG A 452 18.10 20.62 14.67
C ARG A 452 18.25 22.03 15.23
N ASN A 453 19.14 22.20 16.21
CA ASN A 453 19.36 23.54 16.76
C ASN A 453 19.86 24.51 15.71
N PHE A 454 20.88 24.10 14.95
CA PHE A 454 21.40 24.84 13.79
C PHE A 454 20.29 25.20 12.80
N PHE A 455 19.52 24.20 12.41
CA PHE A 455 18.38 24.39 11.50
C PHE A 455 17.42 25.45 12.06
N THR A 456 16.99 25.24 13.30
CA THR A 456 16.11 26.21 13.98
C THR A 456 16.70 27.62 14.01
N ALA A 457 18.01 27.70 14.24
CA ALA A 457 18.74 28.98 14.24
C ALA A 457 18.68 29.64 12.87
N GLU A 458 19.15 28.93 11.84
CA GLU A 458 19.12 29.48 10.48
C GLU A 458 17.71 29.78 9.97
N VAL A 459 16.72 29.01 10.40
CA VAL A 459 15.35 29.10 9.87
C VAL A 459 14.46 30.08 10.63
N SER A 460 14.42 30.00 11.96
CA SER A 460 13.44 30.77 12.76
C SER A 460 13.52 32.28 12.55
N GLN A 461 14.71 32.77 12.24
CA GLN A 461 14.92 34.19 11.93
C GLN A 461 14.62 34.58 10.48
N CYS A 462 14.48 33.60 9.58
CA CYS A 462 14.32 33.84 8.13
C CYS A 462 12.96 34.48 7.79
N ARG A 463 12.99 35.46 6.90
CA ARG A 463 11.78 36.27 6.63
C ARG A 463 10.62 35.42 6.11
N ALA A 464 10.94 34.43 5.29
CA ALA A 464 9.96 33.41 4.89
C ALA A 464 9.13 32.93 6.09
N SER A 465 9.80 32.60 7.20
CA SER A 465 9.11 32.15 8.42
C SER A 465 8.10 33.17 8.95
N GLU A 466 8.42 34.46 8.79
CA GLU A 466 7.47 35.51 9.14
C GLU A 466 6.24 35.48 8.24
N TYR A 467 6.44 35.11 6.98
CA TYR A 467 5.30 34.95 6.08
C TYR A 467 4.49 33.70 6.46
N ILE A 468 5.20 32.62 6.79
CA ILE A 468 4.53 31.38 7.23
C ILE A 468 3.56 31.70 8.38
N MET A 469 4.06 32.36 9.43
CA MET A 469 3.22 32.65 10.58
C MET A 469 1.99 33.53 10.27
N LYS A 470 2.20 34.54 9.41
CA LYS A 470 1.10 35.39 8.93
C LYS A 470 0.06 34.57 8.18
N ALA A 471 0.54 33.76 7.23
CA ALA A 471 -0.31 32.83 6.49
C ALA A 471 -1.13 31.96 7.44
N VAL A 472 -0.44 31.35 8.40
CA VAL A 472 -1.10 30.42 9.32
C VAL A 472 -2.15 31.15 10.17
N TYR A 473 -1.76 32.28 10.77
CA TYR A 473 -2.71 33.03 11.60
C TYR A 473 -3.91 33.49 10.79
N ILE A 474 -3.64 34.16 9.67
CA ILE A 474 -4.70 34.67 8.80
C ILE A 474 -5.63 33.53 8.40
N ASN A 475 -5.06 32.47 7.85
CA ASN A 475 -5.90 31.38 7.35
C ASN A 475 -6.67 30.63 8.46
N THR A 476 -6.04 30.38 9.62
CA THR A 476 -6.79 29.81 10.75
C THR A 476 -7.93 30.73 11.19
N ALA A 477 -7.59 32.00 11.42
CA ALA A 477 -8.57 32.99 11.86
C ALA A 477 -9.76 33.06 10.89
N LEU A 478 -9.43 33.21 9.61
CA LEU A 478 -10.43 33.29 8.55
C LEU A 478 -11.24 32.01 8.44
N LEU A 479 -10.62 30.83 8.44
CA LEU A 479 -11.42 29.58 8.41
C LEU A 479 -12.38 29.56 9.61
N ASN A 480 -11.82 29.77 10.81
CA ASN A 480 -12.64 29.66 12.03
C ASN A 480 -13.82 30.63 11.97
N SER A 481 -13.51 31.91 11.74
CA SER A 481 -14.57 32.94 11.63
C SER A 481 -15.57 32.66 10.51
N SER A 482 -15.07 32.16 9.37
CA SER A 482 -15.92 31.76 8.25
C SER A 482 -16.89 30.67 8.68
N CYS A 483 -16.39 29.65 9.38
CA CYS A 483 -17.26 28.59 9.89
C CYS A 483 -18.24 29.08 10.96
N THR A 484 -17.77 29.90 11.90
CA THR A 484 -18.60 30.27 13.08
C THR A 484 -19.59 31.43 12.85
N ALA A 485 -19.14 32.47 12.14
CA ALA A 485 -19.94 33.69 11.93
C ALA A 485 -20.24 33.91 10.43
N MET A 486 -21.19 33.14 9.91
CA MET A 486 -21.43 33.09 8.46
C MET A 486 -22.00 34.39 7.88
N GLU A 487 -22.86 35.05 8.67
CA GLU A 487 -23.60 36.23 8.24
C GLU A 487 -23.06 37.58 8.76
N GLU A 488 -22.04 37.56 9.61
CA GLU A 488 -21.46 38.80 10.17
C GLU A 488 -20.27 39.27 9.36
N TYR A 489 -19.96 40.57 9.43
CA TYR A 489 -18.71 41.10 8.87
C TYR A 489 -17.68 41.21 10.00
N GLN A 490 -17.00 40.10 10.27
CA GLN A 490 -16.04 40.05 11.38
C GLN A 490 -14.71 40.69 11.03
N VAL A 491 -14.16 41.40 12.02
CA VAL A 491 -12.83 41.98 11.95
C VAL A 491 -11.81 41.01 12.56
N ILE A 492 -10.71 40.83 11.83
CA ILE A 492 -9.63 39.95 12.23
C ILE A 492 -8.36 40.79 12.11
N PRO A 493 -7.74 41.14 13.24
CA PRO A 493 -6.50 41.92 13.16
C PRO A 493 -5.33 41.02 12.75
N ILE A 494 -4.48 41.50 11.85
CA ILE A 494 -3.36 40.70 11.34
C ILE A 494 -2.20 40.72 12.34
N ILE A 495 -2.15 39.69 13.20
CA ILE A 495 -1.19 39.57 14.32
C ILE A 495 -0.13 38.48 14.07
N THR A 496 1.08 38.74 14.54
CA THR A 496 2.07 37.69 14.79
C THR A 496 2.76 38.01 16.12
N LYS A 497 3.31 36.97 16.76
CA LYS A 497 4.06 37.11 18.00
C LYS A 497 5.49 36.69 17.71
N CYS A 498 6.47 37.44 18.21
CA CYS A 498 7.88 37.06 18.03
C CYS A 498 8.69 37.32 19.30
N ARG A 499 9.97 36.95 19.25
CA ARG A 499 10.94 37.28 20.29
C ARG A 499 12.07 38.04 19.65
N ASP A 500 12.54 39.11 20.29
CA ASP A 500 13.70 39.87 19.79
C ASP A 500 14.96 39.01 19.85
N THR A 501 16.06 39.52 19.31
CA THR A 501 17.38 38.88 19.50
C THR A 501 17.75 38.76 20.99
N SER A 502 17.16 39.61 21.83
CA SER A 502 17.22 39.51 23.29
C SER A 502 16.35 38.41 23.92
N GLY A 503 15.46 37.79 23.16
CA GLY A 503 14.46 36.89 23.72
C GLY A 503 13.30 37.62 24.40
N GLN A 504 13.19 38.93 24.18
CA GLN A 504 12.09 39.71 24.73
C GLN A 504 10.90 39.51 23.80
N ARG A 505 9.75 39.16 24.39
CA ARG A 505 8.56 38.77 23.62
C ARG A 505 7.72 39.96 23.16
N ARG A 506 7.31 39.92 21.90
CA ARG A 506 6.73 41.06 21.19
C ARG A 506 5.50 40.65 20.38
N THR A 507 4.44 41.46 20.45
CA THR A 507 3.25 41.29 19.61
C THR A 507 3.22 42.34 18.47
N ASN A 508 3.05 41.87 17.23
CA ASN A 508 3.03 42.74 16.04
C ASN A 508 1.64 42.85 15.43
N LEU A 509 1.29 44.05 14.95
CA LEU A 509 0.05 44.27 14.18
C LEU A 509 0.40 44.79 12.79
N TYR A 510 0.06 43.99 11.77
CA TYR A 510 0.32 44.36 10.36
C TYR A 510 -0.83 45.12 9.71
N GLY A 511 -2.03 44.97 10.25
CA GLY A 511 -3.21 45.61 9.71
C GLY A 511 -4.48 44.89 10.12
N PHE A 512 -5.54 45.03 9.31
CA PHE A 512 -6.82 44.38 9.60
C PHE A 512 -7.41 43.70 8.38
N ILE A 513 -8.19 42.65 8.65
CA ILE A 513 -8.95 41.92 7.64
C ILE A 513 -10.40 41.99 8.03
N ILE A 514 -11.25 42.41 7.10
CA ILE A 514 -12.70 42.42 7.32
C ILE A 514 -13.26 41.29 6.48
N LYS A 515 -13.78 40.27 7.15
CA LYS A 515 -14.32 39.08 6.47
C LYS A 515 -15.70 39.36 5.94
N GLY A 516 -16.00 38.92 4.72
CA GLY A 516 -17.35 39.01 4.16
C GLY A 516 -18.30 37.98 4.76
N ARG A 517 -19.35 37.63 4.02
CA ARG A 517 -20.25 36.51 4.39
C ARG A 517 -19.62 35.22 3.92
N SER A 518 -19.91 34.13 4.63
CA SER A 518 -19.18 32.88 4.40
C SER A 518 -20.07 31.67 4.58
N HIS A 519 -20.97 31.47 3.62
CA HIS A 519 -21.75 30.26 3.53
C HIS A 519 -21.01 29.29 2.59
N LEU A 520 -19.84 28.86 3.04
CA LEU A 520 -18.96 28.06 2.21
C LEU A 520 -19.38 26.60 2.19
N ARG A 521 -19.88 26.16 1.04
CA ARG A 521 -20.37 24.81 0.85
C ARG A 521 -19.29 23.98 0.16
N ASN A 522 -19.05 24.19 -1.14
CA ASN A 522 -18.00 23.48 -1.86
C ASN A 522 -16.62 24.02 -1.48
N ASP A 523 -15.63 23.13 -1.58
CA ASP A 523 -14.28 23.43 -1.12
C ASP A 523 -13.63 24.59 -1.90
N THR A 524 -14.15 24.86 -3.12
CA THR A 524 -13.75 26.02 -3.91
C THR A 524 -14.56 27.30 -3.67
N ASP A 525 -15.71 27.21 -2.98
CA ASP A 525 -16.55 28.41 -2.73
C ASP A 525 -15.75 29.52 -2.05
N VAL A 526 -16.15 30.76 -2.34
CA VAL A 526 -15.31 31.91 -2.06
C VAL A 526 -15.90 32.70 -0.90
N VAL A 527 -14.99 33.14 -0.02
CA VAL A 527 -15.22 34.22 0.93
C VAL A 527 -14.47 35.42 0.36
N ASN A 528 -15.21 36.51 0.18
CA ASN A 528 -14.62 37.81 -0.10
C ASN A 528 -14.23 38.42 1.22
N PHE A 529 -13.11 39.13 1.23
CA PHE A 529 -12.72 39.89 2.41
C PHE A 529 -11.99 41.15 1.98
N ILE A 530 -11.81 42.07 2.93
CA ILE A 530 -11.05 43.29 2.71
C ILE A 530 -9.78 43.23 3.55
N SER A 531 -8.65 43.37 2.88
CA SER A 531 -7.34 43.47 3.52
C SER A 531 -6.95 44.95 3.60
N LEU A 532 -6.56 45.39 4.82
CA LEU A 532 -6.10 46.76 5.08
C LEU A 532 -4.78 46.73 5.83
N GLU A 533 -3.69 47.09 5.13
CA GLU A 533 -2.32 46.82 5.64
C GLU A 533 -1.37 48.02 5.63
N PHE A 534 -0.66 48.23 6.74
CA PHE A 534 0.28 49.37 6.88
C PHE A 534 1.51 49.17 6.01
N SER A 535 2.11 50.27 5.57
CA SER A 535 3.36 50.23 4.78
C SER A 535 4.10 51.57 4.75
N LEU A 536 5.42 51.50 4.69
CA LEU A 536 6.26 52.66 4.40
C LEU A 536 6.52 52.81 2.91
N THR A 537 6.30 51.75 2.13
CA THR A 537 6.62 51.76 0.70
C THR A 537 5.65 52.63 -0.08
N ASP A 538 6.22 53.48 -0.93
CA ASP A 538 5.47 54.29 -1.89
C ASP A 538 5.07 53.38 -3.06
N PRO A 539 3.76 53.20 -3.29
CA PRO A 539 3.34 52.36 -4.43
C PRO A 539 3.74 52.94 -5.79
N ARG A 540 3.76 54.26 -5.88
CA ARG A 540 3.88 54.97 -7.15
C ARG A 540 5.24 54.74 -7.81
N ASN A 541 6.26 54.45 -6.99
CA ASN A 541 7.58 54.05 -7.52
C ASN A 541 7.62 52.65 -8.13
N GLU A 542 6.55 51.86 -7.97
CA GLU A 542 6.43 50.55 -8.63
C GLU A 542 4.95 50.20 -8.93
N ILE A 543 4.20 51.22 -9.36
CA ILE A 543 2.73 51.18 -9.56
C ILE A 543 2.13 49.94 -10.25
N HIS A 544 2.86 49.31 -11.18
CA HIS A 544 2.43 48.03 -11.80
C HIS A 544 2.18 46.92 -10.78
N LYS A 545 2.99 46.90 -9.72
CA LYS A 545 2.88 45.91 -8.63
C LYS A 545 1.55 45.95 -7.85
N TRP A 546 0.82 47.08 -7.89
CA TRP A 546 -0.32 47.28 -6.99
C TRP A 546 -1.69 47.47 -7.68
N GLU A 547 -1.85 46.99 -8.92
CA GLU A 547 -3.12 47.11 -9.69
C GLU A 547 -4.36 46.94 -8.83
N LYS A 548 -4.41 45.88 -8.03
CA LYS A 548 -5.61 45.51 -7.27
C LYS A 548 -5.85 46.37 -6.01
N TYR A 549 -4.86 47.17 -5.61
CA TYR A 549 -4.87 47.89 -4.35
C TYR A 549 -5.27 49.35 -4.50
N CYS A 550 -5.99 49.86 -3.50
CA CYS A 550 -6.17 51.30 -3.30
C CYS A 550 -5.29 51.71 -2.13
N VAL A 551 -4.33 52.59 -2.37
CA VAL A 551 -3.35 52.97 -1.35
C VAL A 551 -3.63 54.37 -0.80
N LEU A 552 -3.91 54.43 0.50
CA LEU A 552 -4.15 55.68 1.20
C LEU A 552 -2.87 56.11 1.92
N GLU A 553 -2.77 57.40 2.22
CA GLU A 553 -1.76 57.93 3.11
C GLU A 553 -2.45 58.23 4.45
N ILE A 554 -1.89 57.71 5.54
CA ILE A 554 -2.58 57.70 6.85
C ILE A 554 -1.83 58.36 8.03
N GLY A 555 -0.55 58.70 7.86
CA GLY A 555 0.20 59.34 8.95
C GLY A 555 1.66 59.61 8.63
N ASP A 556 2.47 59.84 9.66
CA ASP A 556 3.92 60.06 9.51
C ASP A 556 4.71 59.50 10.70
N MET A 557 6.00 59.21 10.47
CA MET A 557 6.92 58.92 11.59
C MET A 557 8.40 59.10 11.24
N GLU A 558 9.22 59.21 12.29
CA GLU A 558 10.64 59.49 12.17
C GLU A 558 11.44 58.19 12.00
N ILE A 559 12.55 58.27 11.25
CA ILE A 559 13.51 57.16 11.10
C ILE A 559 14.95 57.67 11.00
N ARG A 560 15.91 56.88 11.49
CA ARG A 560 17.34 57.20 11.39
C ARG A 560 18.03 56.27 10.39
N THR A 561 18.87 56.84 9.52
CA THR A 561 19.71 56.07 8.58
C THR A 561 21.10 55.90 9.24
N SER A 562 22.17 55.68 8.47
CA SER A 562 23.53 55.59 9.02
C SER A 562 23.99 56.91 9.64
N ILE A 563 24.08 57.95 8.80
CA ILE A 563 24.49 59.31 9.22
C ILE A 563 23.26 60.19 9.50
N SER A 564 22.36 60.29 8.51
CA SER A 564 21.19 61.20 8.60
C SER A 564 19.99 60.60 9.34
N THR A 565 18.98 61.45 9.59
CA THR A 565 17.72 61.04 10.22
C THR A 565 16.55 61.92 9.72
N ILE A 566 15.46 61.30 9.30
CA ILE A 566 14.37 61.99 8.55
C ILE A 566 12.98 61.43 8.86
N MET A 567 11.92 62.18 8.50
CA MET A 567 10.52 61.75 8.70
C MET A 567 9.91 61.26 7.39
N LYS A 568 9.14 60.16 7.48
CA LYS A 568 8.45 59.56 6.32
C LYS A 568 6.93 59.43 6.57
N PRO A 569 6.13 59.41 5.48
CA PRO A 569 4.69 59.18 5.59
C PRO A 569 4.36 57.69 5.62
N VAL A 570 3.28 57.33 6.30
CA VAL A 570 2.84 55.94 6.36
C VAL A 570 1.60 55.76 5.50
N TYR A 571 1.65 54.73 4.66
CA TYR A 571 0.58 54.38 3.75
C TYR A 571 -0.22 53.20 4.30
N LEU A 572 -1.50 53.17 3.95
CA LEU A 572 -2.37 52.02 4.17
C LEU A 572 -2.75 51.46 2.79
N TYR A 573 -2.29 50.24 2.52
CA TYR A 573 -2.69 49.52 1.33
C TYR A 573 -4.01 48.81 1.63
N VAL A 574 -5.08 49.24 0.95
CA VAL A 574 -6.41 48.67 1.13
C VAL A 574 -6.77 47.88 -0.12
N ARG A 575 -7.50 46.78 0.06
CA ARG A 575 -7.84 45.90 -1.07
C ARG A 575 -9.01 44.97 -0.74
N THR A 576 -9.78 44.59 -1.76
CA THR A 576 -10.66 43.42 -1.69
C THR A 576 -9.96 42.19 -2.25
N ASN A 577 -10.09 41.08 -1.53
CA ASN A 577 -9.48 39.81 -1.90
C ASN A 577 -10.47 38.70 -1.59
N GLY A 578 -10.07 37.46 -1.88
CA GLY A 578 -10.93 36.31 -1.64
C GLY A 578 -10.17 35.05 -1.31
N THR A 579 -10.86 34.08 -0.70
CA THR A 579 -10.24 32.78 -0.43
C THR A 579 -11.29 31.68 -0.29
N SER A 580 -10.83 30.45 -0.16
CA SER A 580 -11.70 29.26 -0.19
C SER A 580 -11.26 28.25 0.87
N LYS A 581 -12.21 27.43 1.33
CA LYS A 581 -11.92 26.44 2.36
C LYS A 581 -10.64 25.69 2.06
N ILE A 582 -10.52 25.20 0.83
CA ILE A 582 -9.30 24.49 0.43
C ILE A 582 -8.06 25.41 0.47
N LYS A 583 -8.19 26.63 -0.05
CA LYS A 583 -7.07 27.56 -0.08
C LYS A 583 -6.57 27.85 1.32
N MET A 584 -7.48 28.12 2.25
CA MET A 584 -7.05 28.49 3.60
C MET A 584 -6.64 27.25 4.42
N LYS A 585 -7.36 26.14 4.27
CA LYS A 585 -6.88 24.85 4.82
C LYS A 585 -5.38 24.63 4.54
N TRP A 586 -4.97 24.85 3.30
CA TRP A 586 -3.55 24.68 2.93
C TRP A 586 -2.65 25.79 3.48
N GLY A 587 -3.23 26.98 3.68
CA GLY A 587 -2.51 28.09 4.28
C GLY A 587 -2.22 27.88 5.74
N MET A 588 -3.14 27.19 6.42
CA MET A 588 -2.96 26.78 7.82
C MET A 588 -1.77 25.85 7.97
N GLU A 589 -1.55 25.01 6.96
CA GLU A 589 -0.50 24.00 6.99
C GLU A 589 0.87 24.46 6.46
N MET A 590 1.09 25.75 6.30
CA MET A 590 2.29 26.24 5.59
C MET A 590 3.64 25.85 6.25
N ARG A 591 3.61 25.62 7.57
CA ARG A 591 4.79 25.18 8.32
C ARG A 591 5.51 23.97 7.68
N ARG A 592 4.78 23.11 6.96
CA ARG A 592 5.43 22.00 6.24
C ARG A 592 6.54 22.45 5.28
N CYS A 593 6.48 23.69 4.82
CA CYS A 593 7.62 24.24 4.08
C CYS A 593 8.95 23.99 4.78
N LEU A 594 8.95 24.22 6.10
CA LEU A 594 10.14 24.01 6.93
C LEU A 594 10.71 22.62 6.66
N LEU A 595 9.81 21.63 6.57
CA LEU A 595 10.21 20.25 6.28
C LEU A 595 10.83 20.13 4.89
N GLN A 596 10.19 20.76 3.89
CA GLN A 596 10.67 20.67 2.51
C GLN A 596 12.07 21.23 2.44
N SER A 597 12.26 22.40 3.05
CA SER A 597 13.57 23.04 3.10
C SER A 597 14.60 22.17 3.82
N LEU A 598 14.29 21.83 5.08
CA LEU A 598 15.28 21.15 5.92
C LEU A 598 15.63 19.73 5.47
N GLN A 599 14.66 19.01 4.92
CA GLN A 599 14.93 17.70 4.29
C GLN A 599 16.15 17.75 3.32
N GLN A 600 16.07 18.68 2.36
CA GLN A 600 17.07 18.80 1.30
C GLN A 600 18.45 19.09 1.86
N VAL A 601 18.50 19.96 2.88
CA VAL A 601 19.75 20.32 3.53
C VAL A 601 20.30 19.14 4.31
N GLU A 602 19.46 18.58 5.19
CA GLU A 602 19.90 17.44 5.98
C GLU A 602 20.43 16.32 5.08
N SER A 603 19.73 16.07 3.96
CA SER A 603 20.23 15.08 2.99
C SER A 603 21.60 15.44 2.42
N MET A 604 21.82 16.73 2.16
CA MET A 604 23.13 17.21 1.68
C MET A 604 24.23 17.06 2.73
N ILE A 605 23.91 17.38 3.98
CA ILE A 605 24.86 17.18 5.10
C ILE A 605 25.18 15.70 5.26
N GLU A 606 24.14 14.87 5.31
CA GLU A 606 24.31 13.42 5.47
C GLU A 606 25.11 12.81 4.30
N ALA A 607 24.78 13.24 3.07
CA ALA A 607 25.50 12.82 1.86
C ALA A 607 27.02 12.99 1.96
N GLU A 608 27.45 14.10 2.58
CA GLU A 608 28.87 14.34 2.81
C GLU A 608 29.33 13.52 4.02
N SER A 609 28.58 13.62 5.12
CA SER A 609 28.88 12.88 6.36
C SER A 609 29.20 11.42 6.14
N ALA A 610 28.47 10.80 5.20
CA ALA A 610 28.72 9.41 4.76
C ALA A 610 30.12 9.24 4.20
N VAL A 611 30.49 10.07 3.23
CA VAL A 611 31.75 9.90 2.49
C VAL A 611 32.93 10.33 3.36
N LYS A 612 32.76 11.41 4.12
CA LYS A 612 33.79 11.84 5.09
C LYS A 612 33.81 10.94 6.35
N GLU A 613 32.75 10.14 6.54
CA GLU A 613 32.63 9.12 7.59
C GLU A 613 32.57 9.76 8.97
N LYS A 614 31.74 10.80 9.09
CA LYS A 614 31.80 11.71 10.25
C LYS A 614 30.63 12.69 10.23
N ASP A 615 30.09 13.04 11.40
CA ASP A 615 29.00 14.01 11.47
C ASP A 615 29.48 15.37 10.98
N MET A 616 29.09 15.71 9.75
CA MET A 616 29.61 16.89 9.04
C MET A 616 28.75 18.16 9.26
N THR A 617 27.99 18.21 10.35
CA THR A 617 27.07 19.33 10.61
C THR A 617 27.83 20.59 11.03
N GLU A 618 28.56 20.48 12.14
CA GLU A 618 29.29 21.61 12.73
C GLU A 618 30.34 22.18 11.76
N PRO A 619 31.03 21.33 11.00
CA PRO A 619 31.74 21.90 9.85
C PRO A 619 30.81 22.74 8.97
N PHE A 620 29.75 22.14 8.44
CA PHE A 620 28.89 22.82 7.45
C PHE A 620 28.38 24.16 7.95
N PHE A 621 27.87 24.19 9.18
CA PHE A 621 27.34 25.46 9.72
C PHE A 621 28.43 26.39 10.27
N ARG A 622 29.33 25.87 11.09
CA ARG A 622 30.29 26.70 11.82
C ARG A 622 31.53 27.02 10.97
N ASN A 623 32.14 25.99 10.38
CA ASN A 623 33.27 26.16 9.47
C ASN A 623 32.70 26.77 8.18
N ARG A 624 32.56 28.09 8.19
CA ARG A 624 31.80 28.83 7.19
C ARG A 624 32.56 28.93 5.86
N GLU A 625 32.07 28.20 4.86
CA GLU A 625 32.64 28.22 3.51
C GLU A 625 31.51 28.39 2.50
N ASN A 626 31.64 29.43 1.67
CA ASN A 626 30.62 29.76 0.64
C ASN A 626 30.84 28.90 -0.60
N ASP A 627 30.03 27.85 -0.76
CA ASP A 627 30.28 26.84 -1.82
C ASP A 627 29.06 26.23 -2.54
N TRP A 628 27.84 26.72 -2.30
CA TRP A 628 26.67 26.28 -3.08
C TRP A 628 26.16 27.41 -3.95
N PRO A 629 26.27 27.30 -5.29
CA PRO A 629 25.75 28.39 -6.13
C PRO A 629 24.29 28.70 -5.84
N ILE A 630 24.00 29.91 -5.38
CA ILE A 630 22.60 30.30 -5.09
C ILE A 630 22.23 31.71 -5.57
N GLY A 631 23.00 32.28 -6.49
CA GLY A 631 22.70 33.61 -7.02
C GLY A 631 23.50 34.01 -8.25
N GLU A 632 23.07 35.09 -8.89
CA GLU A 632 23.75 35.64 -10.07
C GLU A 632 23.82 37.16 -9.95
N SER A 633 25.05 37.68 -9.90
CA SER A 633 25.31 39.12 -9.87
C SER A 633 26.06 39.53 -11.15
N PRO A 634 26.17 40.86 -11.39
CA PRO A 634 26.98 41.36 -12.50
C PRO A 634 28.43 40.82 -12.55
N GLN A 635 29.02 40.52 -11.39
CA GLN A 635 30.31 39.81 -11.34
C GLN A 635 30.18 38.40 -11.90
N GLY A 636 29.12 37.69 -11.49
CA GLY A 636 28.84 36.34 -11.99
C GLY A 636 28.07 35.46 -11.03
N ILE A 637 28.37 34.17 -11.06
CA ILE A 637 27.67 33.18 -10.24
C ILE A 637 28.15 33.30 -8.80
N GLU A 638 27.19 33.31 -7.87
CA GLU A 638 27.45 33.57 -6.45
C GLU A 638 27.19 32.32 -5.61
N LYS A 639 28.27 31.83 -5.00
CA LYS A 639 28.22 30.70 -4.09
C LYS A 639 27.87 31.19 -2.69
N GLY A 640 26.97 30.44 -2.03
CA GLY A 640 26.56 30.71 -0.65
C GLY A 640 26.82 29.53 0.27
N THR A 641 26.43 29.71 1.53
CA THR A 641 26.61 28.72 2.60
C THR A 641 25.32 27.95 2.89
N ILE A 642 25.48 26.83 3.60
CA ILE A 642 24.36 25.92 3.87
C ILE A 642 23.19 26.63 4.59
N GLY A 643 23.54 27.51 5.52
CA GLY A 643 22.56 28.36 6.18
C GLY A 643 21.78 29.22 5.21
N LYS A 644 22.47 29.75 4.20
CA LYS A 644 21.80 30.48 3.12
C LYS A 644 20.91 29.53 2.32
N VAL A 645 21.48 28.39 1.91
CA VAL A 645 20.72 27.41 1.13
C VAL A 645 19.39 27.06 1.85
N CYS A 646 19.46 26.82 3.16
CA CYS A 646 18.25 26.65 4.00
C CYS A 646 17.20 27.72 3.73
N ARG A 647 17.63 28.97 3.83
CA ARG A 647 16.72 30.11 3.72
C ARG A 647 16.17 30.26 2.31
N VAL A 648 17.03 30.02 1.32
CA VAL A 648 16.65 30.04 -0.09
C VAL A 648 15.56 28.97 -0.32
N LEU A 649 15.90 27.72 0.00
CA LEU A 649 14.96 26.60 -0.20
C LEU A 649 13.66 26.82 0.57
N LEU A 650 13.78 27.30 1.81
CA LEU A 650 12.61 27.66 2.60
C LEU A 650 11.76 28.70 1.86
N ALA A 651 12.41 29.75 1.36
CA ALA A 651 11.68 30.79 0.61
C ALA A 651 11.01 30.24 -0.65
N LYS A 652 11.72 29.37 -1.37
CA LYS A 652 11.15 28.69 -2.54
C LYS A 652 9.89 27.94 -2.11
N SER A 653 10.05 27.05 -1.13
CA SER A 653 8.92 26.26 -0.65
C SER A 653 7.76 27.12 -0.18
N VAL A 654 8.07 28.25 0.45
CA VAL A 654 7.02 29.15 0.92
C VAL A 654 6.31 29.77 -0.26
N PHE A 655 7.08 30.28 -1.22
CA PHE A 655 6.49 30.94 -2.40
C PHE A 655 5.65 29.97 -3.22
N ASN A 656 6.14 28.73 -3.38
CA ASN A 656 5.31 27.65 -3.94
C ASN A 656 3.94 27.54 -3.24
N SER A 657 3.91 27.78 -1.92
CA SER A 657 2.66 27.73 -1.17
C SER A 657 1.81 28.98 -1.36
N ILE A 658 2.46 30.16 -1.28
CA ILE A 658 1.75 31.45 -1.41
C ILE A 658 1.18 31.68 -2.81
N TYR A 659 1.95 31.32 -3.85
CA TYR A 659 1.54 31.48 -5.26
C TYR A 659 1.25 30.15 -5.96
N ALA A 660 0.55 29.25 -5.27
CA ALA A 660 0.17 27.96 -5.84
C ALA A 660 -0.82 28.18 -7.00
N SER A 661 -0.62 27.42 -8.09
CA SER A 661 -1.30 27.67 -9.37
C SER A 661 -1.04 26.55 -10.37
N ALA A 662 -2.09 26.21 -11.13
CA ALA A 662 -2.02 25.18 -12.19
C ALA A 662 -0.87 25.41 -13.15
N GLN A 663 -0.61 26.68 -13.43
CA GLN A 663 0.58 27.09 -14.19
C GLN A 663 1.86 26.53 -13.58
N LEU A 664 2.10 26.81 -12.29
CA LEU A 664 3.26 26.25 -11.56
C LEU A 664 3.23 24.73 -11.56
N GLU A 665 2.02 24.21 -11.37
CA GLU A 665 1.77 22.78 -11.32
C GLU A 665 2.24 22.08 -12.59
N GLY A 666 1.87 22.63 -13.75
CA GLY A 666 2.31 22.10 -15.05
C GLY A 666 3.79 22.39 -15.31
N PHE A 667 4.12 23.68 -15.27
CA PHE A 667 5.49 24.14 -15.49
C PHE A 667 6.50 23.26 -14.74
N SER A 668 6.27 23.12 -13.43
CA SER A 668 7.15 22.36 -12.56
C SER A 668 7.26 20.91 -13.02
N ALA A 669 6.12 20.34 -13.41
CA ALA A 669 6.06 18.94 -13.86
C ALA A 669 6.82 18.73 -15.16
N GLU A 670 6.62 19.62 -16.12
CA GLU A 670 7.27 19.47 -17.42
C GLU A 670 8.75 19.87 -17.43
N SER A 671 9.09 21.06 -16.92
CA SER A 671 10.49 21.53 -16.95
C SER A 671 11.49 20.56 -16.30
N ARG A 672 11.03 19.87 -15.25
CA ARG A 672 11.75 18.74 -14.63
C ARG A 672 12.37 17.78 -15.67
N LYS A 673 11.59 17.47 -16.71
CA LYS A 673 12.06 16.60 -17.79
C LYS A 673 13.23 17.24 -18.54
N LEU A 674 13.13 18.55 -18.80
CA LEU A 674 14.20 19.27 -19.49
C LEU A 674 15.46 19.35 -18.62
N LEU A 675 15.26 19.65 -17.33
CA LEU A 675 16.36 19.59 -16.36
C LEU A 675 17.03 18.22 -16.35
N LEU A 676 16.22 17.16 -16.34
CA LEU A 676 16.76 15.79 -16.35
C LEU A 676 17.50 15.45 -17.65
N LEU A 677 16.95 15.95 -18.77
CA LEU A 677 17.64 15.87 -20.07
C LEU A 677 18.98 16.61 -20.05
N ILE A 678 19.04 17.78 -19.41
CA ILE A 678 20.35 18.46 -19.21
C ILE A 678 21.28 17.58 -18.36
N GLN A 679 20.80 17.21 -17.16
CA GLN A 679 21.57 16.37 -16.24
C GLN A 679 22.14 15.10 -16.89
N ALA A 680 21.33 14.45 -17.73
CA ALA A 680 21.77 13.27 -18.49
C ALA A 680 22.93 13.56 -19.46
N PHE A 681 22.91 14.76 -20.07
CA PHE A 681 24.01 15.20 -20.93
C PHE A 681 25.22 15.50 -20.09
N ARG A 682 25.01 16.22 -18.99
CA ARG A 682 26.13 16.61 -18.14
C ARG A 682 26.74 15.42 -17.38
N ASP A 683 25.99 14.32 -17.22
CA ASP A 683 26.56 13.02 -16.78
C ASP A 683 27.16 12.19 -17.92
N ASN A 684 27.19 12.74 -19.13
CA ASN A 684 27.71 12.09 -20.32
C ASN A 684 27.00 10.76 -20.60
N LEU A 685 25.67 10.75 -20.46
CA LEU A 685 24.89 9.52 -20.73
C LEU A 685 24.21 9.51 -22.11
N ASP A 686 24.65 10.40 -23.00
CA ASP A 686 24.15 10.50 -24.38
C ASP A 686 22.62 10.56 -24.41
N PRO A 687 22.04 11.69 -23.95
CA PRO A 687 20.60 11.83 -23.93
C PRO A 687 20.01 11.99 -25.33
N GLY A 688 18.84 11.38 -25.55
CA GLY A 688 18.12 11.46 -26.82
C GLY A 688 16.68 11.85 -26.59
N THR A 689 16.12 12.63 -27.52
CA THR A 689 14.72 13.06 -27.47
C THR A 689 14.01 12.78 -28.79
N PHE A 690 12.72 12.47 -28.69
CA PHE A 690 11.91 12.12 -29.86
C PHE A 690 11.22 13.36 -30.42
N ASP A 691 10.53 14.10 -29.56
CA ASP A 691 9.80 15.32 -29.94
C ASP A 691 10.07 16.43 -28.91
N LEU A 692 11.20 17.12 -29.06
CA LEU A 692 11.63 18.15 -28.10
C LEU A 692 10.73 19.37 -28.09
N LYS A 693 10.45 19.91 -29.28
CA LYS A 693 9.63 21.13 -29.38
C LYS A 693 8.21 20.92 -28.84
N GLY A 694 7.72 19.68 -28.92
CA GLY A 694 6.50 19.28 -28.21
C GLY A 694 6.60 19.50 -26.71
N LEU A 695 7.73 19.07 -26.12
CA LEU A 695 8.01 19.31 -24.70
C LEU A 695 8.16 20.80 -24.40
N TYR A 696 8.93 21.52 -25.24
CA TYR A 696 9.04 22.98 -25.11
C TYR A 696 7.67 23.68 -25.13
N GLU A 697 6.80 23.23 -26.02
CA GLU A 697 5.43 23.78 -26.08
C GLU A 697 4.60 23.35 -24.88
N ALA A 698 4.76 22.09 -24.43
CA ALA A 698 4.09 21.62 -23.21
C ALA A 698 4.48 22.45 -21.98
N ILE A 699 5.78 22.72 -21.83
CA ILE A 699 6.26 23.67 -20.80
C ILE A 699 5.66 25.06 -21.03
N GLU A 700 6.01 25.67 -22.17
CA GLU A 700 5.61 27.06 -22.49
C GLU A 700 4.10 27.34 -22.41
N GLU A 701 3.29 26.29 -22.60
CA GLU A 701 1.84 26.34 -22.40
C GLU A 701 1.45 26.83 -21.00
N CYS A 702 2.23 26.43 -19.99
CA CYS A 702 1.91 26.74 -18.59
C CYS A 702 2.42 28.09 -18.07
N ILE A 703 3.02 28.93 -18.91
CA ILE A 703 3.52 30.24 -18.47
C ILE A 703 2.59 31.34 -18.99
N ILE A 704 1.61 31.72 -18.17
CA ILE A 704 0.54 32.63 -18.58
C ILE A 704 0.64 33.97 -17.85
N ASN A 705 0.40 33.96 -16.54
CA ASN A 705 0.29 35.21 -15.76
C ASN A 705 0.67 35.13 -14.26
N ASP A 706 1.45 34.12 -13.85
CA ASP A 706 1.80 33.96 -12.44
C ASP A 706 3.25 34.40 -12.17
N PRO A 707 3.43 35.52 -11.43
CA PRO A 707 4.75 36.08 -11.14
C PRO A 707 5.78 35.01 -10.73
N TRP A 708 5.33 34.08 -9.88
CA TRP A 708 6.17 33.00 -9.39
C TRP A 708 6.59 32.05 -10.53
N VAL A 709 5.61 31.67 -11.39
CA VAL A 709 5.91 30.75 -12.50
C VAL A 709 6.79 31.44 -13.56
N LEU A 710 6.51 32.72 -13.83
CA LEU A 710 7.36 33.55 -14.69
C LEU A 710 8.78 33.59 -14.15
N LEU A 711 8.90 33.96 -12.87
CA LEU A 711 10.18 33.99 -12.19
C LEU A 711 10.91 32.63 -12.29
N ASN A 712 10.17 31.54 -12.13
CA ASN A 712 10.79 30.22 -12.26
C ASN A 712 11.25 29.92 -13.69
N ALA A 713 10.43 30.30 -14.66
CA ALA A 713 10.78 30.17 -16.07
C ALA A 713 12.08 30.92 -16.33
N SER A 714 12.11 32.19 -15.93
CA SER A 714 13.36 33.00 -15.96
C SER A 714 14.57 32.28 -15.30
N TRP A 715 14.38 31.86 -14.04
CA TRP A 715 15.41 31.09 -13.32
C TRP A 715 15.94 29.92 -14.14
N PHE A 716 15.02 29.16 -14.74
CA PHE A 716 15.41 28.07 -15.64
C PHE A 716 16.33 28.55 -16.77
N ASN A 717 16.00 29.69 -17.37
CA ASN A 717 16.81 30.25 -18.46
C ASN A 717 18.20 30.66 -17.93
N SER A 718 18.21 31.45 -16.85
CA SER A 718 19.49 31.85 -16.22
C SER A 718 20.36 30.62 -15.93
N PHE A 719 19.71 29.57 -15.44
CA PHE A 719 20.37 28.27 -15.21
C PHE A 719 20.91 27.64 -16.50
N LEU A 720 20.07 27.60 -17.53
CA LEU A 720 20.47 27.06 -18.83
C LEU A 720 21.71 27.79 -19.35
N LYS A 721 21.64 29.12 -19.36
CA LYS A 721 22.77 29.95 -19.79
C LYS A 721 24.00 29.69 -18.93
N ALA A 722 23.83 29.75 -17.60
CA ALA A 722 24.90 29.43 -16.65
C ALA A 722 25.56 28.08 -16.93
N VAL A 723 24.76 27.07 -17.30
CA VAL A 723 25.29 25.74 -17.69
C VAL A 723 26.02 25.79 -19.04
N GLN A 724 25.39 26.42 -20.04
CA GLN A 724 25.99 26.60 -21.37
C GLN A 724 27.37 27.27 -21.30
N LEU A 725 27.47 28.37 -20.54
CA LEU A 725 28.73 29.11 -20.43
C LEU A 725 29.87 28.23 -19.92
N SER A 726 29.71 27.66 -18.72
CA SER A 726 30.74 26.79 -18.12
C SER A 726 31.12 25.58 -18.98
N MET A 727 30.17 25.08 -19.79
CA MET A 727 30.37 23.89 -20.61
C MET A 727 31.05 24.22 -21.94
N GLY A 728 30.53 25.22 -22.65
CA GLY A 728 30.98 25.55 -24.00
C GLY A 728 32.38 26.12 -24.11
N MET B 10 22.92 41.36 -5.94
CA MET B 10 22.71 39.89 -6.18
C MET B 10 21.22 39.52 -6.24
N ASP B 11 20.90 38.61 -7.15
CA ASP B 11 19.57 38.01 -7.25
C ASP B 11 19.69 36.51 -7.01
N VAL B 12 18.80 35.96 -6.19
CA VAL B 12 18.84 34.55 -5.78
C VAL B 12 18.06 33.68 -6.78
N ASN B 13 18.69 32.58 -7.20
CA ASN B 13 18.09 31.64 -8.14
C ASN B 13 18.32 30.21 -7.62
N PRO B 14 17.34 29.65 -6.89
CA PRO B 14 17.49 28.30 -6.32
C PRO B 14 17.89 27.20 -7.30
N MET B 15 17.55 27.37 -8.59
CA MET B 15 17.93 26.40 -9.62
C MET B 15 19.44 26.38 -9.85
N LEU B 16 20.14 27.47 -9.56
CA LEU B 16 21.59 27.47 -9.72
C LEU B 16 22.29 26.36 -8.91
N ILE B 17 21.68 25.93 -7.79
CA ILE B 17 22.14 24.72 -7.07
C ILE B 17 22.44 23.57 -8.03
N PHE B 18 21.58 23.39 -9.04
CA PHE B 18 21.77 22.34 -10.04
C PHE B 18 23.08 22.39 -10.83
N LEU B 19 23.78 23.53 -10.79
CA LEU B 19 25.17 23.58 -11.24
C LEU B 19 26.05 22.63 -10.42
N LYS B 20 25.96 22.73 -9.08
CA LYS B 20 26.79 21.89 -8.19
C LYS B 20 26.19 20.52 -7.91
N VAL B 21 24.91 20.51 -7.53
CA VAL B 21 24.20 19.29 -7.11
C VAL B 21 23.45 18.68 -8.30
N PRO B 22 23.61 17.37 -8.55
CA PRO B 22 22.81 16.72 -9.61
C PRO B 22 21.30 16.81 -9.38
N VAL B 23 20.55 16.99 -10.47
CA VAL B 23 19.10 17.20 -10.41
C VAL B 23 18.43 16.19 -9.47
N GLN B 24 18.66 14.91 -9.70
CA GLN B 24 18.07 13.83 -8.88
C GLN B 24 18.35 14.00 -7.39
N ASN B 25 19.54 14.50 -7.05
CA ASN B 25 19.89 14.75 -5.65
C ASN B 25 19.22 15.98 -5.06
N ALA B 26 18.77 16.92 -5.89
CA ALA B 26 18.01 18.07 -5.40
C ALA B 26 16.63 18.17 -6.06
N ILE B 27 16.04 17.01 -6.35
CA ILE B 27 14.77 16.93 -7.09
C ILE B 27 13.60 17.53 -6.32
N SER B 28 13.62 17.40 -4.99
CA SER B 28 12.63 18.02 -4.10
C SER B 28 12.27 19.45 -4.52
N THR B 29 13.29 20.26 -4.81
CA THR B 29 13.10 21.67 -5.18
C THR B 29 12.23 21.88 -6.42
N THR B 30 12.05 20.85 -7.25
CA THR B 30 11.14 20.89 -8.41
C THR B 30 9.71 20.38 -8.13
N PHE B 31 9.38 20.03 -6.87
CA PHE B 31 8.05 19.48 -6.52
C PHE B 31 7.32 20.44 -5.58
N PRO B 32 6.39 21.27 -6.12
CA PRO B 32 5.82 22.37 -5.33
C PRO B 32 4.60 21.95 -4.50
N TYR B 33 4.75 20.88 -3.73
CA TYR B 33 3.61 20.17 -3.14
C TYR B 33 3.21 20.66 -1.71
N THR B 34 3.56 21.90 -1.37
CA THR B 34 3.21 22.50 -0.07
C THR B 34 2.15 23.60 -0.21
N GLY B 35 1.37 23.55 -1.29
CA GLY B 35 0.32 24.51 -1.53
C GLY B 35 -0.88 23.81 -2.14
N ASP B 36 -2.04 24.45 -2.04
CA ASP B 36 -3.28 23.87 -2.52
C ASP B 36 -3.13 23.40 -3.98
N PRO B 37 -3.57 22.17 -4.30
CA PRO B 37 -3.55 21.71 -5.69
C PRO B 37 -4.74 22.26 -6.49
N PRO B 38 -4.75 22.07 -7.83
CA PRO B 38 -5.85 22.60 -8.65
C PRO B 38 -7.17 21.84 -8.49
N TYR B 39 -8.27 22.58 -8.53
CA TYR B 39 -9.61 22.07 -8.28
C TYR B 39 -10.54 22.64 -9.36
N SER B 40 -11.31 21.78 -9.99
CA SER B 40 -12.32 22.24 -10.94
C SER B 40 -13.48 22.87 -10.20
N HIS B 41 -13.95 24.01 -10.71
CA HIS B 41 -15.17 24.67 -10.21
C HIS B 41 -16.25 24.40 -11.28
N GLY B 42 -17.50 24.20 -10.86
CA GLY B 42 -18.59 23.95 -11.82
C GLY B 42 -18.54 22.57 -12.47
N THR B 43 -19.05 22.45 -13.70
CA THR B 43 -19.23 21.13 -14.33
C THR B 43 -18.04 20.65 -15.14
N GLY B 44 -18.08 19.36 -15.48
CA GLY B 44 -17.10 18.73 -16.36
C GLY B 44 -17.77 18.03 -17.53
N THR B 45 -18.80 18.67 -18.07
CA THR B 45 -19.46 18.22 -19.28
C THR B 45 -18.53 18.49 -20.46
N GLY B 46 -17.94 19.69 -20.48
CA GLY B 46 -16.93 20.05 -21.48
C GLY B 46 -15.79 19.06 -21.60
N TYR B 47 -15.30 18.59 -20.44
CA TYR B 47 -14.20 17.62 -20.39
C TYR B 47 -14.66 16.24 -20.87
N THR B 48 -15.84 15.81 -20.42
CA THR B 48 -16.44 14.53 -20.85
C THR B 48 -16.67 14.49 -22.36
N MET B 49 -17.25 15.56 -22.88
CA MET B 49 -17.43 15.73 -24.32
C MET B 49 -16.10 15.80 -25.04
N ASP B 50 -15.13 16.55 -24.51
CA ASP B 50 -13.76 16.54 -25.07
C ASP B 50 -13.21 15.12 -25.17
N THR B 51 -13.34 14.35 -24.09
CA THR B 51 -12.87 12.96 -24.08
C THR B 51 -13.61 12.13 -25.12
N VAL B 52 -14.95 12.14 -25.07
CA VAL B 52 -15.78 11.37 -26.02
C VAL B 52 -15.41 11.73 -27.47
N ILE B 53 -15.30 13.03 -27.75
CA ILE B 53 -14.85 13.53 -29.06
C ILE B 53 -13.47 12.98 -29.40
N ARG B 54 -12.44 13.42 -28.68
CA ARG B 54 -11.06 12.97 -28.95
C ARG B 54 -10.99 11.46 -29.18
N THR B 55 -11.69 10.70 -28.34
CA THR B 55 -11.70 9.24 -28.44
C THR B 55 -12.16 8.74 -29.82
N HIS B 56 -13.22 9.35 -30.36
CA HIS B 56 -13.67 9.02 -31.72
C HIS B 56 -12.74 9.61 -32.78
N ASP B 57 -12.33 10.86 -32.56
CA ASP B 57 -11.32 11.55 -33.37
C ASP B 57 -10.05 10.71 -33.62
N TYR B 58 -9.60 9.95 -32.61
CA TYR B 58 -8.45 9.05 -32.78
C TYR B 58 -8.76 7.79 -33.59
N SER B 59 -10.03 7.38 -33.60
CA SER B 59 -10.47 6.16 -34.30
C SER B 59 -11.30 6.41 -35.57
N SER B 60 -11.34 7.67 -36.03
CA SER B 60 -12.22 8.14 -37.13
C SER B 60 -12.27 7.25 -38.40
N ARG B 61 -11.13 6.65 -38.77
CA ARG B 61 -11.06 5.75 -39.93
C ARG B 61 -11.83 4.43 -39.77
N GLY B 62 -12.16 4.03 -38.55
CA GLY B 62 -12.90 2.79 -38.30
C GLY B 62 -14.32 2.76 -38.83
N ILE B 63 -15.00 1.63 -38.59
CA ILE B 63 -16.32 1.34 -39.16
C ILE B 63 -17.45 1.72 -38.21
N TRP B 64 -18.37 2.56 -38.68
CA TRP B 64 -19.55 2.99 -37.91
C TRP B 64 -20.69 1.99 -38.05
N LYS B 65 -21.33 1.61 -36.93
CA LYS B 65 -22.51 0.74 -36.96
C LYS B 65 -23.51 1.08 -35.85
N THR B 66 -24.80 0.90 -36.15
CA THR B 66 -25.87 1.10 -35.17
C THR B 66 -26.12 -0.20 -34.41
N ASN B 67 -26.21 -0.10 -33.09
CA ASN B 67 -26.53 -1.26 -32.24
C ASN B 67 -28.03 -1.50 -32.35
N SER B 68 -28.43 -2.76 -32.49
CA SER B 68 -29.84 -3.12 -32.64
C SER B 68 -30.63 -2.95 -31.35
N GLU B 69 -30.07 -3.44 -30.25
CA GLU B 69 -30.71 -3.37 -28.92
C GLU B 69 -30.76 -1.96 -28.31
N THR B 70 -29.84 -1.09 -28.74
CA THR B 70 -29.63 0.23 -28.12
C THR B 70 -29.92 1.39 -29.08
N GLY B 71 -29.37 1.34 -30.30
CA GLY B 71 -29.48 2.43 -31.27
C GLY B 71 -28.41 3.49 -31.10
N ALA B 72 -27.20 3.05 -30.74
CA ALA B 72 -26.07 3.93 -30.49
C ALA B 72 -25.11 3.86 -31.68
N GLN B 73 -24.60 5.02 -32.09
CA GLN B 73 -23.59 5.09 -33.16
C GLN B 73 -22.24 4.55 -32.66
N GLN B 74 -22.02 3.25 -32.87
CA GLN B 74 -20.81 2.58 -32.41
C GLN B 74 -19.72 2.55 -33.48
N LEU B 75 -18.59 3.21 -33.20
CA LEU B 75 -17.40 3.20 -34.06
C LEU B 75 -16.52 2.01 -33.65
N ASN B 76 -16.11 1.21 -34.62
CA ASN B 76 -15.16 0.10 -34.40
C ASN B 76 -13.86 0.35 -35.17
N PRO B 77 -12.74 0.60 -34.44
CA PRO B 77 -11.41 0.78 -35.08
C PRO B 77 -10.55 -0.47 -35.21
N ILE B 78 -10.60 -1.36 -34.20
CA ILE B 78 -9.81 -2.62 -34.20
C ILE B 78 -9.83 -3.33 -35.57
N ASP B 79 -8.68 -3.89 -35.95
CA ASP B 79 -8.43 -4.48 -37.27
C ASP B 79 -8.69 -3.52 -38.44
N GLY B 80 -8.71 -2.22 -38.18
CA GLY B 80 -8.96 -1.22 -39.21
C GLY B 80 -7.68 -0.87 -39.94
N PRO B 81 -7.68 0.24 -40.70
CA PRO B 81 -6.49 0.61 -41.47
C PRO B 81 -5.32 1.03 -40.58
N LEU B 82 -4.12 0.56 -40.92
CA LEU B 82 -2.93 0.87 -40.13
C LEU B 82 -2.59 2.36 -40.27
N PRO B 83 -2.11 2.98 -39.18
CA PRO B 83 -1.84 4.42 -39.19
C PRO B 83 -0.62 4.77 -40.03
N GLU B 84 -0.64 5.95 -40.64
CA GLU B 84 0.48 6.44 -41.45
C GLU B 84 0.99 7.80 -40.96
N ASP B 85 0.99 7.96 -39.63
CA ASP B 85 1.67 9.07 -38.95
C ASP B 85 1.86 8.73 -37.47
N ASN B 86 2.60 9.59 -36.77
CA ASN B 86 2.93 9.36 -35.33
C ASN B 86 1.77 9.62 -34.35
N GLU B 87 0.70 10.29 -34.83
CA GLU B 87 -0.43 10.72 -33.98
C GLU B 87 -1.10 9.59 -33.20
N PRO B 88 -1.81 9.93 -32.10
CA PRO B 88 -2.47 8.91 -31.27
C PRO B 88 -3.54 8.11 -32.01
N SER B 89 -3.25 6.83 -32.25
CA SER B 89 -4.15 5.94 -33.00
C SER B 89 -4.72 4.84 -32.10
N GLY B 90 -5.94 4.41 -32.43
CA GLY B 90 -6.62 3.32 -31.72
C GLY B 90 -6.88 2.10 -32.58
N TYR B 91 -6.03 1.88 -33.60
CA TYR B 91 -6.23 0.83 -34.59
C TYR B 91 -5.43 -0.41 -34.23
N ALA B 92 -5.82 -1.06 -33.14
CA ALA B 92 -5.16 -2.27 -32.66
C ALA B 92 -5.46 -3.44 -33.58
N GLN B 93 -4.58 -4.45 -33.60
CA GLN B 93 -4.73 -5.60 -34.51
C GLN B 93 -4.80 -6.93 -33.72
N THR B 94 -5.98 -7.58 -33.79
CA THR B 94 -6.31 -8.77 -32.99
C THR B 94 -5.27 -9.89 -33.10
N ASP B 95 -4.81 -10.15 -34.33
CA ASP B 95 -3.73 -11.10 -34.56
C ASP B 95 -2.44 -10.66 -33.84
N CYS B 96 -2.09 -9.37 -33.96
CA CYS B 96 -0.87 -8.84 -33.33
C CYS B 96 -0.97 -8.87 -31.80
N VAL B 97 -2.17 -8.71 -31.27
CA VAL B 97 -2.41 -8.91 -29.82
C VAL B 97 -2.23 -10.39 -29.47
N LEU B 98 -3.05 -11.23 -30.13
CA LEU B 98 -3.05 -12.67 -29.89
C LEU B 98 -1.65 -13.31 -29.97
N GLU B 99 -0.82 -12.83 -30.91
CA GLU B 99 0.59 -13.25 -30.99
C GLU B 99 1.33 -12.99 -29.68
N LEU B 100 1.19 -11.78 -29.15
CA LEU B 100 1.87 -11.39 -27.91
C LEU B 100 1.29 -12.17 -26.73
N ILE B 101 -0.04 -12.24 -26.67
CA ILE B 101 -0.73 -12.91 -25.57
C ILE B 101 -0.40 -14.42 -25.57
N GLU B 102 -0.15 -14.98 -26.76
CA GLU B 102 0.35 -16.35 -26.91
C GLU B 102 1.81 -16.44 -26.47
N GLY B 103 2.65 -15.56 -27.01
CA GLY B 103 4.06 -15.44 -26.61
C GLY B 103 4.27 -15.37 -25.11
N LEU B 104 3.34 -14.69 -24.42
CA LEU B 104 3.31 -14.67 -22.95
C LEU B 104 3.05 -16.07 -22.35
N ASP B 105 2.06 -16.78 -22.88
CA ASP B 105 1.75 -18.15 -22.45
C ASP B 105 2.93 -19.09 -22.67
N ARG B 106 3.52 -18.98 -23.87
CA ARG B 106 4.75 -19.69 -24.22
C ARG B 106 5.83 -19.36 -23.19
N SER B 107 6.03 -18.06 -22.94
CA SER B 107 7.07 -17.60 -22.01
C SER B 107 6.84 -17.95 -20.54
N HIS B 108 5.59 -18.16 -20.12
CA HIS B 108 5.30 -18.54 -18.73
C HIS B 108 4.48 -19.84 -18.57
N PRO B 109 5.15 -21.01 -18.81
CA PRO B 109 4.56 -22.35 -18.76
C PRO B 109 3.58 -22.62 -17.61
N GLY B 110 2.31 -22.77 -17.96
CA GLY B 110 1.26 -23.04 -16.99
C GLY B 110 0.89 -21.85 -16.10
N LEU B 111 1.17 -20.62 -16.56
CA LEU B 111 0.72 -19.43 -15.82
C LEU B 111 -0.80 -19.32 -15.84
N PHE B 112 -1.34 -19.28 -17.06
CA PHE B 112 -2.77 -19.06 -17.29
C PHE B 112 -3.61 -20.17 -16.65
N GLU B 113 -3.09 -21.40 -16.66
CA GLU B 113 -3.73 -22.54 -15.99
C GLU B 113 -4.02 -22.24 -14.51
N THR B 114 -2.97 -21.91 -13.77
CA THR B 114 -3.08 -21.61 -12.34
C THR B 114 -3.87 -20.32 -12.11
N ALA B 115 -3.54 -19.30 -12.90
CA ALA B 115 -4.27 -18.02 -12.89
C ALA B 115 -5.78 -18.22 -12.98
N CYS B 116 -6.21 -19.00 -13.98
CA CYS B 116 -7.63 -19.35 -14.15
C CYS B 116 -8.13 -20.22 -12.99
N GLN B 117 -7.40 -21.31 -12.72
CA GLN B 117 -7.73 -22.24 -11.62
C GLN B 117 -8.04 -21.52 -10.31
N GLU B 118 -7.27 -20.47 -10.00
CA GLU B 118 -7.56 -19.64 -8.82
C GLU B 118 -8.89 -18.87 -8.97
N THR B 119 -9.05 -18.23 -10.12
CA THR B 119 -10.25 -17.45 -10.43
C THR B 119 -11.54 -18.29 -10.43
N ILE B 120 -11.42 -19.57 -10.80
CA ILE B 120 -12.54 -20.54 -10.75
C ILE B 120 -13.02 -20.72 -9.30
N ASP B 121 -12.09 -21.11 -8.42
CA ASP B 121 -12.37 -21.31 -6.99
C ASP B 121 -12.86 -20.01 -6.36
N ALA B 122 -12.23 -18.90 -6.76
CA ALA B 122 -12.72 -17.58 -6.39
C ALA B 122 -14.20 -17.41 -6.75
N ILE B 123 -14.52 -17.50 -8.05
CA ILE B 123 -15.90 -17.38 -8.55
C ILE B 123 -16.86 -18.32 -7.81
N GLN B 124 -16.45 -19.57 -7.61
CA GLN B 124 -17.24 -20.53 -6.83
C GLN B 124 -17.48 -20.08 -5.39
N GLN B 125 -16.42 -19.60 -4.72
CA GLN B 125 -16.51 -19.26 -3.29
C GLN B 125 -16.99 -17.81 -2.99
N THR B 126 -17.11 -16.96 -4.01
CA THR B 126 -17.42 -15.53 -3.80
C THR B 126 -18.87 -15.27 -3.36
N ARG B 127 -19.03 -14.67 -2.19
CA ARG B 127 -20.34 -14.20 -1.72
C ARG B 127 -20.73 -12.91 -2.43
N VAL B 128 -21.99 -12.50 -2.24
CA VAL B 128 -22.49 -11.23 -2.77
C VAL B 128 -21.87 -10.07 -1.98
N ASP B 129 -21.77 -10.24 -0.65
CA ASP B 129 -21.12 -9.28 0.27
C ASP B 129 -19.85 -8.64 -0.27
N LYS B 130 -19.01 -9.44 -0.93
CA LYS B 130 -17.74 -8.94 -1.50
C LYS B 130 -17.92 -7.83 -2.56
N LEU B 131 -19.16 -7.53 -2.94
CA LEU B 131 -19.44 -6.36 -3.79
C LEU B 131 -19.81 -5.09 -2.99
N THR B 132 -20.22 -5.22 -1.72
CA THR B 132 -20.49 -4.04 -0.85
C THR B 132 -19.20 -3.30 -0.47
N GLN B 133 -18.07 -4.01 -0.53
CA GLN B 133 -16.74 -3.40 -0.39
C GLN B 133 -16.41 -2.59 -1.63
N GLY B 134 -15.46 -1.67 -1.49
CA GLY B 134 -14.92 -0.93 -2.62
C GLY B 134 -15.51 0.45 -2.82
N ARG B 135 -15.27 0.99 -4.02
CA ARG B 135 -15.51 2.40 -4.32
C ARG B 135 -17.01 2.69 -4.53
N GLN B 136 -17.35 3.96 -4.71
CA GLN B 136 -18.71 4.36 -5.11
C GLN B 136 -19.03 3.88 -6.52
N THR B 137 -20.29 3.52 -6.76
CA THR B 137 -20.74 3.06 -8.09
C THR B 137 -21.93 3.90 -8.58
N TYR B 138 -22.10 3.97 -9.89
CA TYR B 138 -23.25 4.65 -10.49
C TYR B 138 -24.52 3.82 -10.30
N ASP B 139 -25.50 4.41 -9.62
CA ASP B 139 -26.74 3.71 -9.29
C ASP B 139 -27.83 4.02 -10.32
N TRP B 140 -27.94 3.15 -11.32
CA TRP B 140 -28.97 3.25 -12.37
C TRP B 140 -30.41 3.47 -11.84
N THR B 141 -30.70 2.98 -10.64
CA THR B 141 -31.96 3.26 -9.95
C THR B 141 -32.18 4.76 -9.68
N LEU B 142 -31.14 5.44 -9.19
CA LEU B 142 -31.26 6.86 -8.80
C LEU B 142 -30.68 7.84 -9.81
N ASN B 143 -29.99 7.33 -10.84
CA ASN B 143 -29.28 8.16 -11.83
C ASN B 143 -28.24 9.10 -11.17
N ARG B 144 -27.59 8.58 -10.13
CA ARG B 144 -26.54 9.28 -9.38
C ARG B 144 -25.54 8.25 -8.86
N ASN B 145 -24.36 8.73 -8.49
CA ASN B 145 -23.38 7.88 -7.81
C ASN B 145 -23.88 7.58 -6.40
N GLN B 146 -23.61 6.36 -5.93
CA GLN B 146 -23.93 5.96 -4.56
C GLN B 146 -22.86 4.98 -4.03
N PRO B 147 -22.75 4.87 -2.68
CA PRO B 147 -21.88 3.86 -2.10
C PRO B 147 -22.28 2.43 -2.45
N ALA B 148 -21.27 1.61 -2.76
CA ALA B 148 -21.46 0.25 -3.25
C ALA B 148 -22.57 -0.49 -2.50
N ALA B 149 -22.47 -0.52 -1.17
CA ALA B 149 -23.44 -1.20 -0.31
C ALA B 149 -24.89 -0.79 -0.62
N THR B 150 -25.13 0.50 -0.79
CA THR B 150 -26.48 0.98 -1.14
C THR B 150 -26.78 0.68 -2.59
N ALA B 151 -25.90 1.15 -3.49
CA ALA B 151 -26.09 0.97 -4.94
C ALA B 151 -26.41 -0.47 -5.36
N LEU B 152 -25.80 -1.42 -4.66
CA LEU B 152 -26.13 -2.84 -4.77
C LEU B 152 -27.52 -3.12 -4.18
N ALA B 153 -27.70 -2.78 -2.90
CA ALA B 153 -28.98 -3.04 -2.18
C ALA B 153 -30.21 -2.56 -2.96
N ASN B 154 -30.10 -1.40 -3.58
CA ASN B 154 -31.14 -0.86 -4.46
C ASN B 154 -31.40 -1.78 -5.67
N THR B 155 -30.33 -2.18 -6.35
CA THR B 155 -30.46 -3.05 -7.52
C THR B 155 -31.02 -4.43 -7.14
N ILE B 156 -30.57 -4.96 -6.02
CA ILE B 156 -31.14 -6.21 -5.47
C ILE B 156 -32.61 -6.03 -5.11
N GLU B 157 -32.96 -4.93 -4.45
CA GLU B 157 -34.38 -4.65 -4.11
C GLU B 157 -35.27 -4.50 -5.35
N VAL B 158 -34.77 -3.79 -6.37
CA VAL B 158 -35.49 -3.64 -7.64
C VAL B 158 -35.61 -4.98 -8.37
N PHE B 159 -34.50 -5.74 -8.42
CA PHE B 159 -34.50 -7.11 -8.95
C PHE B 159 -35.52 -8.02 -8.23
N ARG B 160 -35.61 -7.86 -6.91
CA ARG B 160 -36.57 -8.58 -6.06
C ARG B 160 -38.01 -8.11 -6.33
N LYS B 161 -38.22 -6.81 -6.49
CA LYS B 161 -39.57 -6.27 -6.80
C LYS B 161 -40.04 -6.68 -8.21
N ASN B 162 -39.14 -6.67 -9.19
CA ASN B 162 -39.39 -7.38 -10.46
C ASN B 162 -39.12 -8.88 -10.21
N GLY B 163 -39.17 -9.71 -11.26
CA GLY B 163 -39.01 -11.16 -11.07
C GLY B 163 -37.59 -11.66 -11.15
N TYR B 164 -36.70 -11.23 -10.23
CA TYR B 164 -35.30 -11.67 -10.25
C TYR B 164 -34.73 -11.88 -8.83
N LYS B 165 -34.60 -13.14 -8.41
CA LYS B 165 -34.17 -13.45 -7.04
C LYS B 165 -33.32 -14.72 -6.90
N LEU B 166 -32.41 -14.94 -7.85
CA LEU B 166 -31.39 -15.98 -7.73
C LEU B 166 -30.36 -15.61 -6.65
N ASN B 167 -29.89 -14.36 -6.69
CA ASN B 167 -29.00 -13.79 -5.65
C ASN B 167 -29.41 -14.07 -4.20
N GLU B 168 -30.71 -14.26 -3.96
CA GLU B 168 -31.21 -14.71 -2.64
C GLU B 168 -30.46 -15.94 -2.11
N SER B 169 -29.91 -16.76 -3.02
CA SER B 169 -28.94 -17.81 -2.68
C SER B 169 -27.85 -17.33 -1.72
N GLY B 170 -27.18 -16.25 -2.12
CA GLY B 170 -26.04 -15.69 -1.40
C GLY B 170 -24.75 -16.18 -2.01
N ARG B 171 -24.56 -15.87 -3.30
CA ARG B 171 -23.30 -16.14 -4.00
C ARG B 171 -23.22 -15.28 -5.27
N LEU B 172 -22.07 -14.63 -5.46
CA LEU B 172 -21.94 -13.54 -6.42
C LEU B 172 -22.39 -13.91 -7.84
N ILE B 173 -22.09 -15.13 -8.27
CA ILE B 173 -22.50 -15.58 -9.61
C ILE B 173 -24.02 -15.67 -9.79
N ASP B 174 -24.76 -15.93 -8.71
CA ASP B 174 -26.23 -15.99 -8.80
C ASP B 174 -26.88 -14.59 -8.95
N PHE B 175 -26.24 -13.57 -8.39
CA PHE B 175 -26.56 -12.17 -8.71
C PHE B 175 -26.14 -11.92 -10.15
N LEU B 176 -24.86 -12.21 -10.42
CA LEU B 176 -24.24 -11.93 -11.71
C LEU B 176 -25.04 -12.51 -12.88
N LYS B 177 -25.67 -13.67 -12.67
CA LYS B 177 -26.66 -14.25 -13.58
C LYS B 177 -27.81 -13.29 -13.87
N ASP B 178 -28.53 -12.91 -12.80
CA ASP B 178 -29.74 -12.09 -12.89
C ASP B 178 -29.55 -10.92 -13.85
N VAL B 179 -28.41 -10.23 -13.70
CA VAL B 179 -28.04 -9.06 -14.52
C VAL B 179 -28.23 -9.30 -16.03
N LEU B 180 -27.91 -10.51 -16.50
CA LEU B 180 -28.08 -10.84 -17.91
C LEU B 180 -29.55 -11.12 -18.28
N LEU B 181 -30.30 -11.68 -17.34
CA LEU B 181 -31.74 -11.94 -17.55
C LEU B 181 -32.55 -10.64 -17.53
N SER B 182 -32.17 -9.72 -16.65
CA SER B 182 -32.82 -8.40 -16.54
C SER B 182 -32.82 -7.59 -17.84
N PHE B 183 -31.90 -7.87 -18.76
CA PHE B 183 -31.94 -7.28 -20.11
C PHE B 183 -33.15 -7.71 -20.94
N GLU B 184 -33.76 -8.84 -20.59
CA GLU B 184 -34.92 -9.34 -21.32
C GLU B 184 -36.19 -8.53 -21.00
N ASN B 185 -36.50 -8.40 -19.71
CA ASN B 185 -37.70 -7.68 -19.24
C ASN B 185 -37.79 -6.28 -19.84
N ASP B 186 -38.75 -6.08 -20.73
CA ASP B 186 -38.90 -4.82 -21.46
C ASP B 186 -39.48 -3.68 -20.63
N SER B 187 -40.41 -4.00 -19.72
CA SER B 187 -41.02 -3.01 -18.81
C SER B 187 -40.50 -3.19 -17.38
N MET B 188 -39.41 -2.48 -17.04
CA MET B 188 -38.74 -2.64 -15.73
C MET B 188 -39.31 -1.64 -14.72
N GLU B 189 -39.92 -2.14 -13.63
CA GLU B 189 -40.58 -1.28 -12.63
C GLU B 189 -39.60 -0.75 -11.57
N VAL B 190 -39.57 0.58 -11.43
CA VAL B 190 -38.76 1.27 -10.41
C VAL B 190 -39.66 2.22 -9.63
N THR B 191 -39.32 2.50 -8.37
CA THR B 191 -40.05 3.45 -7.54
C THR B 191 -39.28 4.78 -7.41
N THR B 192 -39.83 5.84 -7.99
CA THR B 192 -39.25 7.20 -7.91
C THR B 192 -39.88 7.98 -6.75
N HIS B 193 -39.11 8.86 -6.14
CA HIS B 193 -39.58 9.70 -5.03
C HIS B 193 -39.71 11.15 -5.47
N PHE B 194 -40.70 11.86 -4.91
CA PHE B 194 -40.96 13.27 -5.26
C PHE B 194 -41.57 14.03 -4.09
N GLN B 195 -41.38 15.36 -4.09
CA GLN B 195 -41.95 16.20 -3.03
C GLN B 195 -43.38 16.65 -3.37
N LYS B 196 -44.27 16.52 -2.39
CA LYS B 196 -45.62 17.09 -2.42
C LYS B 196 -45.76 18.05 -1.24
N LYS B 197 -46.87 18.78 -1.21
CA LYS B 197 -47.12 19.80 -0.20
C LYS B 197 -48.54 19.73 0.37
N LYS B 198 -48.65 19.21 1.59
CA LYS B 198 -49.93 19.16 2.33
C LYS B 198 -50.23 20.52 2.99
N ARG B 199 -51.42 20.61 3.59
CA ARG B 199 -51.88 21.81 4.30
C ARG B 199 -52.24 21.48 5.75
N ILE B 200 -51.49 22.03 6.70
CA ILE B 200 -51.57 21.67 8.11
C ILE B 200 -52.09 22.86 8.93
N ARG B 201 -52.81 22.56 10.03
CA ARG B 201 -53.36 23.58 10.93
C ARG B 201 -52.50 23.77 12.17
N ASP B 202 -52.73 24.88 12.87
CA ASP B 202 -51.92 25.27 14.04
C ASP B 202 -52.82 25.89 15.13
N ASN B 203 -53.03 25.15 16.22
CA ASN B 203 -53.92 25.57 17.32
C ASN B 203 -53.33 26.70 18.17
N MET B 208 -53.09 28.27 9.76
CA MET B 208 -52.99 27.19 8.78
C MET B 208 -51.85 27.43 7.79
N ILE B 209 -50.87 26.51 7.78
CA ILE B 209 -49.65 26.65 6.98
C ILE B 209 -49.43 25.42 6.08
N THR B 210 -48.77 25.65 4.94
CA THR B 210 -48.37 24.57 4.02
C THR B 210 -47.21 23.77 4.60
N GLN B 211 -47.16 22.48 4.26
CA GLN B 211 -46.16 21.55 4.81
C GLN B 211 -45.64 20.63 3.70
N ARG B 212 -44.34 20.72 3.40
CA ARG B 212 -43.70 19.82 2.44
C ARG B 212 -43.62 18.40 2.99
N THR B 213 -43.71 17.42 2.09
CA THR B 213 -43.57 16.00 2.47
C THR B 213 -43.30 15.15 1.23
N ILE B 214 -42.52 14.09 1.39
CA ILE B 214 -42.09 13.27 0.25
C ILE B 214 -43.07 12.12 0.04
N GLY B 215 -43.34 11.83 -1.23
CA GLY B 215 -44.17 10.70 -1.66
C GLY B 215 -43.52 9.92 -2.79
N LYS B 216 -44.03 8.71 -3.01
CA LYS B 216 -43.45 7.77 -3.97
C LYS B 216 -44.37 7.54 -5.17
N LYS B 217 -43.76 7.13 -6.28
CA LYS B 217 -44.43 7.02 -7.58
C LYS B 217 -43.72 5.95 -8.42
N ARG B 218 -44.43 4.89 -8.80
CA ARG B 218 -43.86 3.82 -9.62
C ARG B 218 -43.77 4.25 -11.08
N VAL B 219 -42.66 3.90 -11.73
CA VAL B 219 -42.44 4.15 -13.15
C VAL B 219 -41.90 2.87 -13.78
N LYS B 220 -42.24 2.66 -15.05
CA LYS B 220 -41.76 1.49 -15.81
C LYS B 220 -40.83 1.97 -16.93
N LEU B 221 -39.66 1.35 -17.03
CA LEU B 221 -38.64 1.71 -18.01
C LEU B 221 -38.63 0.70 -19.15
N THR B 222 -38.25 1.21 -20.33
CA THR B 222 -38.18 0.43 -21.57
C THR B 222 -36.87 -0.33 -21.68
N LYS B 223 -36.91 -1.52 -22.29
CA LYS B 223 -35.70 -2.21 -22.77
C LYS B 223 -34.59 -1.23 -23.16
N LYS B 224 -34.93 -0.37 -24.14
CA LYS B 224 -34.12 0.81 -24.53
C LYS B 224 -33.51 1.56 -23.36
N ASN B 225 -34.34 1.90 -22.35
CA ASN B 225 -33.88 2.66 -21.19
C ASN B 225 -33.00 1.79 -20.30
N TYR B 226 -33.57 0.75 -19.70
CA TYR B 226 -32.80 -0.12 -18.81
C TYR B 226 -31.46 -0.57 -19.41
N LEU B 227 -31.47 -0.91 -20.70
CA LEU B 227 -30.23 -1.31 -21.37
C LEU B 227 -29.21 -0.17 -21.44
N ILE B 228 -29.68 1.04 -21.73
CA ILE B 228 -28.81 2.24 -21.69
C ILE B 228 -28.27 2.40 -20.26
N ARG B 229 -29.19 2.51 -19.31
CA ARG B 229 -28.87 2.73 -17.89
C ARG B 229 -27.90 1.71 -17.32
N ALA B 230 -28.04 0.44 -17.74
CA ALA B 230 -27.11 -0.62 -17.32
C ALA B 230 -25.77 -0.62 -18.09
N LEU B 231 -25.71 0.06 -19.23
CA LEU B 231 -24.46 0.30 -19.95
C LEU B 231 -23.93 1.73 -19.76
N THR B 232 -24.53 2.48 -18.82
CA THR B 232 -24.13 3.85 -18.52
C THR B 232 -22.98 3.90 -17.51
N LEU B 233 -21.96 4.68 -17.85
CA LEU B 233 -20.86 5.03 -16.95
C LEU B 233 -20.96 6.52 -16.64
N ASN B 234 -20.73 6.88 -15.38
CA ASN B 234 -20.87 8.26 -14.94
C ASN B 234 -19.57 9.01 -15.17
N THR B 235 -19.63 10.33 -15.33
CA THR B 235 -18.41 11.15 -15.47
C THR B 235 -18.33 12.30 -14.48
N MET B 236 -17.09 12.63 -14.11
CA MET B 236 -16.79 13.74 -13.22
C MET B 236 -15.49 14.39 -13.67
N THR B 237 -15.19 15.56 -13.13
CA THR B 237 -13.87 16.17 -13.28
C THR B 237 -12.98 15.61 -12.17
N LYS B 238 -11.73 15.26 -12.47
CA LYS B 238 -10.80 14.83 -11.41
C LYS B 238 -10.20 16.06 -10.72
N ASP B 239 -10.42 16.17 -9.41
CA ASP B 239 -9.95 17.31 -8.63
C ASP B 239 -8.64 17.00 -7.91
N ALA B 240 -7.95 18.05 -7.48
CA ALA B 240 -6.71 17.94 -6.70
C ALA B 240 -5.57 17.22 -7.45
N GLU B 241 -5.58 17.32 -8.76
CA GLU B 241 -4.62 16.61 -9.59
C GLU B 241 -3.36 17.43 -9.76
N ARG B 242 -2.24 16.87 -9.29
CA ARG B 242 -0.95 17.55 -9.42
C ARG B 242 -0.32 17.32 -10.77
N GLY B 243 0.74 18.09 -11.02
CA GLY B 243 1.47 18.05 -12.28
C GLY B 243 0.87 18.56 -13.58
N LYS B 244 -0.35 19.11 -13.56
CA LYS B 244 -1.10 19.36 -14.81
C LYS B 244 -1.80 20.70 -14.87
N LEU B 245 -1.70 21.37 -16.02
CA LEU B 245 -2.33 22.69 -16.25
C LEU B 245 -3.86 22.63 -16.40
N LYS B 246 -4.37 21.64 -17.14
CA LYS B 246 -5.79 21.52 -17.46
C LYS B 246 -6.45 20.31 -16.78
N ARG B 247 -7.70 20.48 -16.36
CA ARG B 247 -8.46 19.41 -15.65
C ARG B 247 -8.84 18.29 -16.61
N ARG B 248 -9.05 17.09 -16.05
CA ARG B 248 -9.38 15.91 -16.85
C ARG B 248 -10.67 15.24 -16.33
N ALA B 249 -11.28 14.45 -17.21
CA ALA B 249 -12.56 13.83 -16.93
C ALA B 249 -12.35 12.38 -16.52
N ILE B 250 -12.73 12.06 -15.28
CA ILE B 250 -12.70 10.71 -14.75
C ILE B 250 -14.10 10.11 -14.86
N ALA B 251 -14.18 8.77 -14.85
CA ALA B 251 -15.47 8.07 -14.93
C ALA B 251 -15.69 7.03 -13.83
N THR B 252 -16.96 6.68 -13.62
CA THR B 252 -17.40 5.76 -12.55
C THR B 252 -18.30 4.68 -13.15
N PRO B 253 -18.01 3.40 -12.86
CA PRO B 253 -18.82 2.33 -13.45
C PRO B 253 -20.17 2.10 -12.74
N GLY B 254 -21.04 1.36 -13.44
CA GLY B 254 -22.39 1.04 -12.95
C GLY B 254 -22.45 -0.20 -12.07
N MET B 255 -23.63 -0.46 -11.52
CA MET B 255 -23.84 -1.57 -10.59
C MET B 255 -23.87 -2.95 -11.27
N GLN B 256 -24.17 -2.98 -12.56
CA GLN B 256 -24.25 -4.23 -13.30
C GLN B 256 -22.84 -4.79 -13.54
N ILE B 257 -22.02 -4.01 -14.26
CA ILE B 257 -20.70 -4.43 -14.75
C ILE B 257 -19.66 -4.72 -13.63
N ARG B 258 -19.85 -4.10 -12.47
CA ARG B 258 -18.99 -4.24 -11.28
C ARG B 258 -18.58 -5.69 -10.99
N GLY B 259 -19.58 -6.55 -10.86
CA GLY B 259 -19.37 -7.99 -10.58
C GLY B 259 -18.47 -8.71 -11.58
N PHE B 260 -18.56 -8.34 -12.85
CA PHE B 260 -17.74 -8.96 -13.91
C PHE B 260 -16.34 -8.34 -13.86
N VAL B 261 -16.32 -7.00 -13.86
CA VAL B 261 -15.05 -6.25 -13.73
C VAL B 261 -14.22 -6.81 -12.58
N TYR B 262 -14.87 -7.09 -11.45
CA TYR B 262 -14.21 -7.70 -10.30
C TYR B 262 -13.46 -8.98 -10.66
N PHE B 263 -14.12 -9.88 -11.41
CA PHE B 263 -13.49 -11.15 -11.77
C PHE B 263 -12.46 -11.01 -12.88
N VAL B 264 -12.73 -10.14 -13.86
CA VAL B 264 -11.72 -9.88 -14.91
C VAL B 264 -10.44 -9.33 -14.25
N GLU B 265 -10.61 -8.29 -13.44
CA GLU B 265 -9.49 -7.71 -12.68
C GLU B 265 -8.87 -8.73 -11.74
N LEU B 266 -9.68 -9.60 -11.13
CA LEU B 266 -9.16 -10.68 -10.27
C LEU B 266 -8.32 -11.69 -11.03
N LEU B 267 -8.67 -11.97 -12.29
CA LEU B 267 -7.82 -12.81 -13.13
C LEU B 267 -6.55 -12.03 -13.51
N ALA B 268 -6.74 -10.87 -14.14
CA ALA B 268 -5.60 -10.03 -14.58
C ALA B 268 -4.58 -9.73 -13.47
N ARG B 269 -5.08 -9.62 -12.24
CA ARG B 269 -4.24 -9.52 -11.04
C ARG B 269 -3.38 -10.76 -10.88
N ASN B 270 -4.01 -11.94 -10.83
CA ASN B 270 -3.28 -13.21 -10.69
C ASN B 270 -2.33 -13.44 -11.85
N ILE B 271 -2.67 -12.91 -13.02
CA ILE B 271 -1.74 -12.87 -14.15
C ILE B 271 -0.54 -11.96 -13.81
N CYS B 272 -0.83 -10.72 -13.41
CA CYS B 272 0.23 -9.73 -13.10
C CYS B 272 1.20 -10.15 -11.99
N GLU B 273 0.64 -10.60 -10.87
CA GLU B 273 1.40 -11.07 -9.68
C GLU B 273 2.59 -11.99 -9.97
N ARG B 274 2.55 -12.73 -11.08
CA ARG B 274 3.65 -13.58 -11.53
C ARG B 274 4.26 -13.05 -12.82
N LEU B 275 4.57 -11.76 -12.86
CA LEU B 275 5.31 -11.16 -13.98
C LEU B 275 6.32 -10.13 -13.50
N GLU B 276 7.60 -10.36 -13.83
CA GLU B 276 8.69 -9.43 -13.47
C GLU B 276 8.55 -8.04 -14.07
N GLN B 277 7.89 -7.93 -15.22
CA GLN B 277 7.71 -6.64 -15.92
C GLN B 277 6.44 -5.86 -15.50
N SER B 278 5.54 -6.52 -14.76
CA SER B 278 4.33 -5.87 -14.27
C SER B 278 4.61 -5.08 -13.00
N GLY B 279 4.34 -3.78 -13.05
CA GLY B 279 4.42 -2.93 -11.87
C GLY B 279 3.32 -3.17 -10.84
N LEU B 280 2.19 -3.72 -11.28
CA LEU B 280 0.99 -3.87 -10.44
C LEU B 280 0.91 -5.31 -9.90
N PRO B 281 0.36 -5.55 -8.71
CA PRO B 281 -0.21 -4.56 -7.78
C PRO B 281 0.76 -4.10 -6.67
N VAL B 282 2.06 -4.22 -6.89
CA VAL B 282 3.04 -4.12 -5.79
C VAL B 282 3.41 -2.68 -5.43
N GLY B 283 3.84 -2.50 -4.19
CA GLY B 283 4.24 -1.18 -3.67
C GLY B 283 5.60 -0.73 -4.17
N GLY B 284 5.87 0.57 -3.97
CA GLY B 284 7.07 1.24 -4.49
C GLY B 284 8.39 0.53 -4.20
N ASN B 285 8.54 0.07 -2.97
CA ASN B 285 9.73 -0.70 -2.60
C ASN B 285 9.90 -1.92 -3.48
N GLU B 286 8.79 -2.61 -3.76
CA GLU B 286 8.84 -3.79 -4.61
C GLU B 286 9.03 -3.41 -6.07
N LYS B 287 8.27 -2.42 -6.56
CA LYS B 287 8.49 -1.86 -7.91
C LYS B 287 9.97 -1.58 -8.16
N LYS B 288 10.59 -0.90 -7.19
CA LYS B 288 12.02 -0.61 -7.23
C LYS B 288 12.88 -1.89 -7.25
N ALA B 289 12.45 -2.92 -6.52
CA ALA B 289 13.14 -4.22 -6.54
C ALA B 289 13.03 -4.91 -7.91
N LYS B 290 11.86 -4.79 -8.55
CA LYS B 290 11.66 -5.32 -9.89
C LYS B 290 12.50 -4.55 -10.91
N LEU B 291 12.46 -3.22 -10.82
CA LEU B 291 13.37 -2.36 -11.59
C LEU B 291 14.87 -2.62 -11.35
N ALA B 292 15.24 -3.03 -10.13
CA ALA B 292 16.60 -3.50 -9.87
C ALA B 292 16.82 -4.80 -10.61
N ASN B 293 16.03 -5.82 -10.25
CA ASN B 293 16.09 -7.14 -10.89
C ASN B 293 16.25 -7.07 -12.40
N VAL B 294 15.40 -6.29 -13.07
CA VAL B 294 15.52 -6.18 -14.53
C VAL B 294 16.85 -5.58 -15.00
N ILE B 295 17.38 -4.59 -14.29
CA ILE B 295 18.69 -4.00 -14.67
C ILE B 295 19.82 -5.01 -14.39
N LYS B 296 19.81 -5.56 -13.18
CA LYS B 296 20.79 -6.58 -12.77
C LYS B 296 20.83 -7.73 -13.78
N LYS B 297 19.64 -8.22 -14.15
CA LYS B 297 19.52 -9.26 -15.18
C LYS B 297 19.97 -8.77 -16.56
N MET B 298 19.48 -7.61 -16.99
CA MET B 298 19.83 -7.06 -18.32
C MET B 298 21.32 -6.74 -18.48
N MET B 299 22.01 -6.52 -17.37
CA MET B 299 23.47 -6.40 -17.37
C MET B 299 24.06 -7.81 -17.36
N ALA B 300 23.71 -8.60 -16.34
CA ALA B 300 24.24 -9.98 -16.16
C ALA B 300 24.09 -10.91 -17.39
N LYS B 301 23.06 -10.68 -18.21
CA LYS B 301 22.87 -11.39 -19.48
C LYS B 301 23.67 -10.83 -20.66
N SER B 302 24.03 -9.54 -20.63
CA SER B 302 24.73 -8.89 -21.75
C SER B 302 26.22 -9.26 -21.83
N THR B 303 26.89 -8.77 -22.87
CA THR B 303 28.33 -8.98 -23.07
C THR B 303 29.09 -7.66 -23.09
N ASP B 304 30.36 -7.70 -22.71
CA ASP B 304 31.19 -6.51 -22.47
C ASP B 304 31.32 -5.55 -23.66
N GLU B 305 31.05 -6.03 -24.88
CA GLU B 305 30.95 -5.17 -26.06
C GLU B 305 29.49 -4.94 -26.50
N GLU B 306 28.61 -4.69 -25.53
CA GLU B 306 27.23 -4.28 -25.82
C GLU B 306 26.85 -2.98 -25.11
N LEU B 307 26.01 -2.19 -25.78
CA LEU B 307 25.42 -0.97 -25.20
C LEU B 307 24.14 -1.28 -24.43
N SER B 308 23.72 -0.32 -23.61
CA SER B 308 22.51 -0.41 -22.81
C SER B 308 21.88 0.99 -22.75
N TYR B 309 20.68 1.13 -23.33
CA TYR B 309 19.95 2.40 -23.25
C TYR B 309 18.59 2.22 -22.54
N THR B 310 18.35 3.03 -21.53
CA THR B 310 17.05 3.12 -20.87
C THR B 310 16.22 4.25 -21.50
N ILE B 311 14.94 3.92 -21.73
CA ILE B 311 13.89 4.88 -22.06
C ILE B 311 13.10 5.22 -20.80
N THR B 312 13.10 6.50 -20.40
CA THR B 312 12.11 7.02 -19.45
C THR B 312 10.83 7.21 -20.26
N GLY B 313 9.81 6.37 -19.98
CA GLY B 313 8.65 6.22 -20.87
C GLY B 313 7.27 6.53 -20.32
N ASP B 314 6.55 7.40 -21.05
CA ASP B 314 5.14 7.67 -20.83
C ASP B 314 4.37 7.35 -22.11
N ASN B 315 3.19 6.73 -21.98
CA ASN B 315 2.32 6.40 -23.11
C ASN B 315 1.19 7.43 -23.21
N THR B 316 1.20 8.24 -24.27
CA THR B 316 0.18 9.28 -24.52
C THR B 316 -1.22 8.69 -24.83
N LYS B 317 -2.26 9.24 -24.20
CA LYS B 317 -3.66 8.85 -24.42
C LYS B 317 -3.92 7.35 -24.22
N TRP B 318 -3.44 6.86 -23.07
CA TRP B 318 -3.49 5.43 -22.69
C TRP B 318 -4.88 4.82 -22.74
N ASN B 319 -5.85 5.52 -22.14
CA ASN B 319 -7.22 5.00 -22.03
C ASN B 319 -7.99 5.21 -23.32
N GLU B 320 -7.98 6.46 -23.79
CA GLU B 320 -8.62 6.86 -25.06
C GLU B 320 -8.41 5.86 -26.20
N ASN B 321 -7.23 5.22 -26.24
CA ASN B 321 -6.90 4.25 -27.27
C ASN B 321 -6.69 2.83 -26.74
N GLN B 322 -7.41 2.43 -25.69
CA GLN B 322 -7.43 1.01 -25.29
C GLN B 322 -8.83 0.41 -25.50
N ASN B 323 -8.95 -0.50 -26.47
CA ASN B 323 -10.26 -0.96 -26.95
C ASN B 323 -10.77 -2.18 -26.16
N PRO B 324 -12.09 -2.23 -25.88
CA PRO B 324 -12.67 -3.37 -25.14
C PRO B 324 -12.72 -4.70 -25.91
N ARG B 325 -12.82 -4.63 -27.24
CA ARG B 325 -12.81 -5.81 -28.10
C ARG B 325 -11.45 -6.53 -27.99
N ILE B 326 -10.39 -5.72 -27.92
CA ILE B 326 -9.05 -6.23 -27.63
C ILE B 326 -9.08 -6.94 -26.28
N PHE B 327 -9.72 -6.34 -25.27
CA PHE B 327 -9.86 -7.02 -23.97
C PHE B 327 -10.65 -8.34 -24.09
N LEU B 328 -11.65 -8.36 -24.96
CA LEU B 328 -12.37 -9.60 -25.27
C LEU B 328 -11.43 -10.67 -25.85
N ALA B 329 -10.64 -10.25 -26.85
CA ALA B 329 -9.58 -11.13 -27.39
C ALA B 329 -8.61 -11.65 -26.31
N MET B 330 -8.09 -10.73 -25.50
CA MET B 330 -7.18 -11.06 -24.41
C MET B 330 -7.80 -12.06 -23.43
N VAL B 331 -8.98 -11.71 -22.92
CA VAL B 331 -9.68 -12.51 -21.90
C VAL B 331 -10.07 -13.87 -22.47
N LEU B 332 -10.50 -13.92 -23.73
CA LEU B 332 -10.74 -15.20 -24.38
C LEU B 332 -9.42 -16.00 -24.45
N ARG B 333 -8.42 -15.47 -25.16
CA ARG B 333 -7.14 -16.18 -25.32
C ARG B 333 -6.49 -16.64 -24.01
N ILE B 334 -6.60 -15.84 -22.95
CA ILE B 334 -6.09 -16.20 -21.62
C ILE B 334 -6.87 -17.39 -21.00
N THR B 335 -8.18 -17.45 -21.29
CA THR B 335 -9.03 -18.54 -20.77
C THR B 335 -9.05 -19.78 -21.68
N ALA B 336 -8.65 -19.64 -22.94
CA ALA B 336 -8.59 -20.74 -23.93
C ALA B 336 -8.22 -22.09 -23.33
N GLY B 337 -9.11 -23.07 -23.51
CA GLY B 337 -8.97 -24.39 -22.89
C GLY B 337 -9.84 -24.62 -21.66
N GLN B 338 -10.22 -23.55 -20.96
CA GLN B 338 -11.01 -23.64 -19.73
C GLN B 338 -12.52 -23.79 -20.02
N PRO B 339 -13.33 -24.19 -19.00
CA PRO B 339 -14.79 -24.27 -19.08
C PRO B 339 -15.51 -23.06 -19.68
N GLU B 340 -16.34 -23.32 -20.70
CA GLU B 340 -16.96 -22.26 -21.49
C GLU B 340 -17.91 -21.35 -20.71
N TRP B 341 -18.47 -21.84 -19.60
CA TRP B 341 -19.19 -20.96 -18.67
C TRP B 341 -18.26 -19.91 -18.06
N PHE B 342 -17.06 -20.34 -17.66
CA PHE B 342 -16.05 -19.45 -17.10
C PHE B 342 -15.46 -18.54 -18.20
N ARG B 343 -15.25 -19.12 -19.39
CA ARG B 343 -14.85 -18.36 -20.59
C ARG B 343 -15.86 -17.26 -20.96
N ASP B 344 -17.16 -17.58 -20.82
CA ASP B 344 -18.24 -16.61 -21.06
C ASP B 344 -18.32 -15.56 -19.96
N LEU B 345 -18.44 -16.02 -18.71
CA LEU B 345 -18.58 -15.13 -17.55
C LEU B 345 -17.63 -13.94 -17.60
N LEU B 346 -16.33 -14.22 -17.78
CA LEU B 346 -15.31 -13.18 -17.85
C LEU B 346 -15.41 -12.31 -19.11
N ALA B 347 -15.85 -12.89 -20.22
CA ALA B 347 -16.03 -12.14 -21.47
C ALA B 347 -17.16 -11.09 -21.42
N VAL B 348 -18.02 -11.13 -20.41
CA VAL B 348 -19.14 -10.19 -20.24
C VAL B 348 -18.65 -8.74 -20.14
N ALA B 349 -17.69 -8.49 -19.23
CA ALA B 349 -17.20 -7.14 -18.97
C ALA B 349 -16.65 -6.42 -20.22
N PRO B 350 -15.72 -7.04 -20.97
CA PRO B 350 -15.28 -6.45 -22.24
C PRO B 350 -16.42 -6.10 -23.22
N ILE B 351 -17.43 -6.98 -23.30
CA ILE B 351 -18.59 -6.76 -24.18
C ILE B 351 -19.37 -5.53 -23.69
N MET B 352 -19.82 -5.64 -22.45
CA MET B 352 -20.58 -4.60 -21.77
C MET B 352 -19.87 -3.24 -21.86
N PHE B 353 -18.53 -3.25 -21.75
CA PHE B 353 -17.71 -2.06 -22.01
C PHE B 353 -17.75 -1.65 -23.48
N SER B 354 -17.60 -2.61 -24.39
CA SER B 354 -17.66 -2.28 -25.83
C SER B 354 -18.99 -1.69 -26.25
N ASN B 355 -20.05 -1.97 -25.48
CA ASN B 355 -21.33 -1.26 -25.64
C ASN B 355 -21.56 -0.19 -24.56
N LYS B 356 -20.50 0.50 -24.11
CA LYS B 356 -20.65 1.52 -23.06
C LYS B 356 -21.15 2.87 -23.59
N VAL B 357 -22.04 3.45 -22.78
CA VAL B 357 -22.53 4.78 -22.98
C VAL B 357 -22.12 5.59 -21.74
N ALA B 358 -21.83 6.87 -21.94
CA ALA B 358 -21.28 7.73 -20.89
C ALA B 358 -22.25 8.87 -20.59
N ARG B 359 -22.56 9.08 -19.31
CA ARG B 359 -23.35 10.28 -18.92
C ARG B 359 -22.50 11.54 -19.08
N LEU B 360 -23.16 12.66 -19.40
CA LEU B 360 -22.46 13.93 -19.66
C LEU B 360 -22.46 14.91 -18.47
N GLY B 361 -22.74 14.41 -17.27
CA GLY B 361 -22.58 15.21 -16.06
C GLY B 361 -23.68 16.23 -15.82
N ARG B 362 -23.35 17.25 -15.03
CA ARG B 362 -24.32 18.24 -14.55
C ARG B 362 -24.88 19.10 -15.67
N GLY B 363 -24.03 19.43 -16.65
CA GLY B 363 -24.44 20.18 -17.83
C GLY B 363 -23.76 21.52 -17.90
N TYR B 364 -24.55 22.60 -17.89
CA TYR B 364 -24.01 23.97 -17.98
C TYR B 364 -24.84 24.99 -17.19
N MET B 365 -24.19 26.11 -16.88
CA MET B 365 -24.79 27.19 -16.11
C MET B 365 -24.65 28.45 -16.95
N PHE B 366 -25.74 29.20 -17.11
CA PHE B 366 -25.74 30.45 -17.88
C PHE B 366 -26.00 31.66 -16.99
N GLU B 367 -25.54 32.81 -17.47
CA GLU B 367 -25.52 34.06 -16.73
C GLU B 367 -25.98 35.19 -17.66
N SER B 368 -26.90 36.03 -17.19
CA SER B 368 -27.31 37.22 -17.94
C SER B 368 -26.74 38.49 -17.29
N LYS B 369 -25.84 39.17 -18.00
CA LYS B 369 -25.18 40.38 -17.47
C LYS B 369 -26.16 41.51 -17.21
N SER B 370 -27.10 41.73 -18.15
CA SER B 370 -28.09 42.81 -18.04
C SER B 370 -29.13 42.52 -16.97
N MET B 371 -29.71 41.32 -17.02
CA MET B 371 -30.76 40.93 -16.06
C MET B 371 -30.21 40.59 -14.68
N HIS B 372 -28.91 40.28 -14.58
CA HIS B 372 -28.28 39.82 -13.34
C HIS B 372 -29.05 38.63 -12.78
N LEU B 373 -29.01 37.54 -13.53
CA LEU B 373 -29.57 36.26 -13.13
C LEU B 373 -28.76 35.11 -13.74
N ARG B 374 -28.87 33.95 -13.10
CA ARG B 374 -28.15 32.73 -13.51
C ARG B 374 -29.12 31.56 -13.58
N THR B 375 -28.79 30.57 -14.42
CA THR B 375 -29.64 29.38 -14.57
C THR B 375 -28.83 28.13 -14.87
N GLN B 376 -29.39 26.97 -14.50
CA GLN B 376 -28.77 25.67 -14.70
C GLN B 376 -29.45 24.91 -15.85
N ILE B 377 -28.69 24.05 -16.51
CA ILE B 377 -29.15 23.26 -17.66
C ILE B 377 -28.68 21.82 -17.54
N SER B 378 -29.62 20.89 -17.68
CA SER B 378 -29.32 19.46 -17.69
C SER B 378 -28.60 19.08 -18.99
N ALA B 379 -27.57 18.26 -18.87
CA ALA B 379 -26.87 17.70 -20.04
C ALA B 379 -27.84 16.98 -20.99
N GLU B 380 -28.84 16.30 -20.42
CA GLU B 380 -29.96 15.73 -21.19
C GLU B 380 -30.59 16.72 -22.16
N ASN B 381 -30.63 18.00 -21.79
CA ASN B 381 -31.16 19.05 -22.67
C ASN B 381 -30.19 19.46 -23.81
N LEU B 382 -29.02 18.84 -23.93
CA LEU B 382 -28.07 19.22 -24.99
C LEU B 382 -28.49 18.78 -26.40
N SER B 383 -29.47 17.88 -26.52
CA SER B 383 -30.09 17.58 -27.82
C SER B 383 -30.96 18.76 -28.27
N ASP B 384 -32.02 19.04 -27.51
CA ASP B 384 -32.97 20.11 -27.83
C ASP B 384 -32.59 21.40 -27.10
N ILE B 385 -31.67 22.17 -27.69
CA ILE B 385 -31.24 23.45 -27.10
C ILE B 385 -30.62 24.34 -28.18
N ASN B 386 -31.00 25.61 -28.18
CA ASN B 386 -30.42 26.57 -29.12
C ASN B 386 -28.98 26.83 -28.73
N LEU B 387 -28.11 26.97 -29.73
CA LEU B 387 -26.67 27.12 -29.52
C LEU B 387 -26.22 28.58 -29.34
N ARG B 388 -27.15 29.52 -29.27
CA ARG B 388 -26.82 30.94 -29.12
C ARG B 388 -26.16 31.27 -27.79
N TYR B 389 -26.46 30.48 -26.76
CA TYR B 389 -25.90 30.67 -25.42
C TYR B 389 -24.40 30.39 -25.40
N PHE B 390 -24.01 29.32 -26.07
CA PHE B 390 -22.64 28.80 -25.98
C PHE B 390 -21.62 29.62 -26.76
N ASN B 391 -20.34 29.29 -26.57
CA ASN B 391 -19.22 29.86 -27.33
C ASN B 391 -18.85 28.90 -28.46
N GLU B 392 -17.88 29.29 -29.29
CA GLU B 392 -17.43 28.46 -30.43
C GLU B 392 -17.03 27.05 -30.02
N ASP B 393 -15.98 26.95 -29.19
CA ASP B 393 -15.41 25.65 -28.80
C ASP B 393 -16.48 24.72 -28.23
N THR B 394 -17.33 25.26 -27.35
CA THR B 394 -18.41 24.51 -26.73
C THR B 394 -19.46 24.10 -27.76
N LYS B 395 -20.04 25.09 -28.45
CA LYS B 395 -21.11 24.80 -29.42
C LYS B 395 -20.63 23.79 -30.48
N LYS B 396 -19.38 23.90 -30.91
CA LYS B 396 -18.78 22.90 -31.82
C LYS B 396 -18.70 21.49 -31.19
N LYS B 397 -18.33 21.44 -29.90
CA LYS B 397 -18.37 20.18 -29.14
C LYS B 397 -19.79 19.62 -29.02
N ILE B 398 -20.78 20.50 -28.91
CA ILE B 398 -22.20 20.08 -28.98
C ILE B 398 -22.50 19.50 -30.37
N GLU B 399 -22.13 20.26 -31.41
CA GLU B 399 -22.33 19.84 -32.81
C GLU B 399 -21.77 18.44 -32.98
N LYS B 400 -20.52 18.24 -32.57
CA LYS B 400 -19.89 16.92 -32.68
C LYS B 400 -20.54 15.86 -31.76
N ILE B 401 -20.90 16.21 -30.54
CA ILE B 401 -21.46 15.20 -29.61
C ILE B 401 -22.87 14.74 -30.02
N ARG B 402 -23.67 15.65 -30.59
CA ARG B 402 -25.08 15.32 -30.90
C ARG B 402 -25.27 14.04 -31.73
N HIS B 403 -24.38 13.83 -32.70
CA HIS B 403 -24.41 12.61 -33.54
C HIS B 403 -24.14 11.32 -32.77
N LEU B 404 -23.50 11.41 -31.60
CA LEU B 404 -23.20 10.24 -30.74
C LEU B 404 -24.14 10.11 -29.54
N MET B 405 -25.17 10.97 -29.47
CA MET B 405 -25.93 11.18 -28.23
C MET B 405 -27.22 10.34 -28.18
N VAL B 406 -27.38 9.59 -27.09
CA VAL B 406 -28.46 8.60 -26.93
C VAL B 406 -29.13 8.75 -25.55
N GLU B 407 -30.41 9.13 -25.54
CA GLU B 407 -31.23 9.21 -24.32
C GLU B 407 -30.54 9.85 -23.12
N GLY B 408 -29.96 11.04 -23.36
CA GLY B 408 -29.22 11.79 -22.33
C GLY B 408 -27.73 11.48 -22.24
N THR B 409 -27.33 10.30 -22.67
CA THR B 409 -25.95 9.84 -22.58
C THR B 409 -25.26 9.97 -23.94
N ALA B 410 -23.98 9.59 -24.01
CA ALA B 410 -23.23 9.63 -25.27
C ALA B 410 -22.54 8.29 -25.51
N SER B 411 -22.68 7.73 -26.71
CA SER B 411 -22.11 6.41 -27.03
C SER B 411 -20.59 6.45 -26.98
N LEU B 412 -19.96 5.38 -26.46
CA LEU B 412 -18.50 5.37 -26.40
C LEU B 412 -17.93 3.97 -26.64
N SER B 413 -18.11 3.46 -27.85
CA SER B 413 -17.62 2.11 -28.19
C SER B 413 -16.09 1.98 -28.18
N PRO B 414 -15.37 2.88 -28.87
CA PRO B 414 -13.92 2.76 -28.89
C PRO B 414 -13.27 3.35 -27.64
N GLY B 415 -12.10 2.84 -27.27
CA GLY B 415 -11.34 3.38 -26.16
C GLY B 415 -11.90 3.11 -24.77
N MET B 416 -11.31 3.80 -23.79
CA MET B 416 -11.68 3.64 -22.39
C MET B 416 -11.54 5.00 -21.71
N MET B 417 -11.96 5.08 -20.45
CA MET B 417 -11.90 6.33 -19.69
C MET B 417 -11.41 6.04 -18.28
N MET B 418 -10.65 6.98 -17.73
CA MET B 418 -9.93 6.79 -16.46
C MET B 418 -10.92 6.45 -15.34
N GLY B 419 -10.60 5.40 -14.58
CA GLY B 419 -11.36 5.04 -13.41
C GLY B 419 -12.29 3.84 -13.54
N MET B 420 -12.51 3.35 -14.76
CA MET B 420 -13.42 2.21 -14.96
C MET B 420 -12.73 0.84 -14.93
N PHE B 421 -11.58 0.72 -15.59
CA PHE B 421 -10.90 -0.58 -15.77
C PHE B 421 -9.39 -0.48 -15.57
N ASN B 422 -8.77 -1.59 -15.15
CA ASN B 422 -7.37 -1.63 -14.68
C ASN B 422 -6.51 -2.75 -15.31
N MET B 423 -5.28 -2.85 -14.79
CA MET B 423 -4.46 -4.08 -14.78
C MET B 423 -4.29 -4.88 -16.07
N LEU B 424 -5.37 -5.45 -16.59
CA LEU B 424 -5.34 -6.13 -17.89
C LEU B 424 -4.65 -5.25 -18.96
N SER B 425 -5.00 -3.96 -18.97
CA SER B 425 -4.35 -2.99 -19.84
C SER B 425 -2.82 -3.01 -19.73
N THR B 426 -2.32 -3.18 -18.51
CA THR B 426 -0.89 -3.41 -18.26
C THR B 426 -0.38 -4.71 -18.91
N VAL B 427 -1.13 -5.81 -18.80
CA VAL B 427 -0.71 -7.10 -19.37
C VAL B 427 -0.38 -6.98 -20.88
N LEU B 428 -1.18 -6.18 -21.60
CA LEU B 428 -0.90 -5.85 -23.00
C LEU B 428 0.46 -5.18 -23.18
N GLY B 429 0.81 -4.25 -22.28
CA GLY B 429 2.14 -3.63 -22.30
C GLY B 429 3.23 -4.63 -21.99
N VAL B 430 3.06 -5.32 -20.86
CA VAL B 430 3.99 -6.34 -20.37
C VAL B 430 4.30 -7.33 -21.49
N SER B 431 3.26 -7.86 -22.16
CA SER B 431 3.48 -8.77 -23.29
C SER B 431 4.39 -8.19 -24.40
N VAL B 432 4.27 -6.89 -24.67
CA VAL B 432 5.17 -6.21 -25.63
C VAL B 432 6.61 -6.09 -25.08
N LEU B 433 6.76 -6.08 -23.76
CA LEU B 433 8.10 -6.13 -23.15
C LEU B 433 8.67 -7.55 -23.27
N ASN B 434 7.85 -8.53 -22.87
CA ASN B 434 8.14 -9.96 -22.95
C ASN B 434 8.37 -10.44 -24.39
N LEU B 435 7.89 -9.71 -25.38
CA LEU B 435 8.33 -9.96 -26.77
C LEU B 435 9.86 -9.81 -26.95
N GLY B 436 10.48 -8.87 -26.22
CA GLY B 436 11.87 -8.48 -26.51
C GLY B 436 13.03 -9.33 -26.02
N GLN B 437 12.78 -10.61 -25.75
CA GLN B 437 13.82 -11.54 -25.34
C GLN B 437 14.64 -11.91 -26.57
N ARG B 438 15.97 -12.00 -26.39
CA ARG B 438 16.88 -12.53 -27.42
C ARG B 438 16.29 -13.78 -28.08
N GLU B 439 15.87 -14.72 -27.22
CA GLU B 439 15.24 -15.99 -27.63
C GLU B 439 13.96 -15.88 -28.47
N ILE B 440 13.27 -14.73 -28.45
CA ILE B 440 12.13 -14.48 -29.33
C ILE B 440 12.53 -13.61 -30.54
N LEU B 441 13.14 -12.45 -30.28
CA LEU B 441 13.48 -11.50 -31.34
C LEU B 441 14.55 -12.04 -32.28
N LYS B 442 15.63 -12.56 -31.70
CA LYS B 442 16.78 -13.11 -32.44
C LYS B 442 17.42 -12.12 -33.43
N ARG B 443 17.47 -10.85 -33.03
CA ARG B 443 18.09 -9.80 -33.83
C ARG B 443 19.43 -9.45 -33.20
N THR B 444 20.08 -8.43 -33.76
CA THR B 444 21.28 -7.84 -33.13
C THR B 444 20.95 -7.12 -31.82
N TYR B 445 19.72 -6.59 -31.71
CA TYR B 445 19.23 -5.91 -30.49
C TYR B 445 18.28 -6.78 -29.66
N TRP B 446 17.98 -6.32 -28.45
CA TRP B 446 16.95 -6.94 -27.59
C TRP B 446 16.52 -5.99 -26.46
N TRP B 447 15.47 -6.35 -25.71
CA TRP B 447 14.97 -5.45 -24.64
C TRP B 447 14.29 -6.12 -23.45
N ASP B 448 14.07 -5.32 -22.41
CA ASP B 448 13.24 -5.72 -21.25
C ASP B 448 12.78 -4.44 -20.55
N GLY B 449 11.95 -4.55 -19.53
CA GLY B 449 11.56 -3.38 -18.75
C GLY B 449 10.55 -3.62 -17.65
N LEU B 450 9.94 -2.52 -17.21
CA LEU B 450 8.84 -2.55 -16.25
C LEU B 450 7.77 -1.58 -16.74
N GLN B 451 6.51 -1.99 -16.62
CA GLN B 451 5.37 -1.14 -17.00
C GLN B 451 4.26 -1.19 -15.97
N SER B 452 3.64 -0.03 -15.74
CA SER B 452 2.34 0.06 -15.06
C SER B 452 1.51 1.15 -15.74
N SER B 453 0.32 0.76 -16.20
CA SER B 453 -0.59 1.63 -16.96
C SER B 453 0.18 2.42 -18.03
N ASP B 454 0.06 3.75 -18.04
CA ASP B 454 0.74 4.57 -19.04
C ASP B 454 2.25 4.69 -18.81
N ASP B 455 2.74 4.36 -17.61
CA ASP B 455 4.14 4.61 -17.27
C ASP B 455 4.99 3.36 -17.47
N PHE B 456 6.08 3.52 -18.23
CA PHE B 456 7.00 2.41 -18.52
C PHE B 456 8.49 2.82 -18.55
N ALA B 457 9.32 1.88 -18.09
CA ALA B 457 10.77 1.96 -18.20
C ALA B 457 11.21 0.78 -19.05
N LEU B 458 11.92 1.07 -20.14
CA LEU B 458 12.35 0.07 -21.12
C LEU B 458 13.86 0.16 -21.33
N ILE B 459 14.56 -0.91 -20.95
CA ILE B 459 15.98 -1.09 -21.22
C ILE B 459 16.12 -1.85 -22.55
N ILE B 460 16.82 -1.21 -23.49
CA ILE B 460 17.14 -1.79 -24.79
C ILE B 460 18.66 -1.99 -24.83
N ASN B 461 19.05 -3.22 -25.19
CA ASN B 461 20.46 -3.59 -25.36
C ASN B 461 20.75 -3.96 -26.81
N GLY B 462 21.99 -3.71 -27.23
CA GLY B 462 22.45 -4.04 -28.58
C GLY B 462 23.96 -3.87 -28.72
N HIS B 463 24.42 -3.92 -29.97
CA HIS B 463 25.85 -3.76 -30.28
C HIS B 463 26.24 -2.31 -30.65
N PHE B 464 25.29 -1.54 -31.18
CA PHE B 464 25.54 -0.18 -31.71
C PHE B 464 24.31 0.73 -31.62
N LYS B 465 24.55 2.04 -31.65
CA LYS B 465 23.48 3.05 -31.49
C LYS B 465 22.33 2.89 -32.51
N GLU B 466 22.70 2.62 -33.76
CA GLU B 466 21.73 2.28 -34.82
C GLU B 466 21.00 0.97 -34.49
N ASP B 467 21.74 -0.01 -33.97
CA ASP B 467 21.15 -1.27 -33.54
C ASP B 467 20.13 -1.06 -32.40
N ILE B 468 20.38 -0.10 -31.51
CA ILE B 468 19.40 0.33 -30.48
C ILE B 468 18.21 1.03 -31.17
N GLN B 469 18.51 2.05 -31.98
CA GLN B 469 17.50 2.77 -32.79
C GLN B 469 16.49 1.84 -33.48
N GLN B 470 17.03 0.79 -34.12
CA GLN B 470 16.21 -0.26 -34.74
C GLN B 470 15.20 -0.84 -33.74
N GLY B 471 15.69 -1.21 -32.55
CA GLY B 471 14.84 -1.74 -31.47
C GLY B 471 13.84 -0.74 -30.90
N VAL B 472 14.25 0.52 -30.85
CA VAL B 472 13.35 1.62 -30.47
C VAL B 472 12.20 1.67 -31.48
N ASN B 473 12.54 1.85 -32.77
CA ASN B 473 11.50 1.86 -33.82
C ASN B 473 10.60 0.61 -33.79
N HIS B 474 11.25 -0.55 -33.72
CA HIS B 474 10.53 -1.83 -33.65
C HIS B 474 9.55 -1.87 -32.48
N PHE B 475 10.04 -1.52 -31.27
CA PHE B 475 9.16 -1.44 -30.08
C PHE B 475 8.00 -0.47 -30.30
N TYR B 476 8.38 0.76 -30.68
CA TYR B 476 7.43 1.84 -30.94
C TYR B 476 6.32 1.47 -31.92
N ARG B 477 6.67 0.77 -33.01
CA ARG B 477 5.65 0.30 -33.98
C ARG B 477 4.87 -0.91 -33.44
N THR B 478 5.59 -1.91 -32.92
CA THR B 478 4.96 -3.07 -32.26
C THR B 478 3.90 -2.68 -31.22
N CYS B 479 4.13 -1.57 -30.51
CA CYS B 479 3.08 -0.99 -29.64
C CYS B 479 1.90 -0.40 -30.44
N LYS B 480 2.22 0.41 -31.45
CA LYS B 480 1.20 1.04 -32.31
C LYS B 480 0.25 -0.02 -32.87
N LEU B 481 0.82 -1.13 -33.35
CA LEU B 481 0.02 -2.28 -33.81
C LEU B 481 -0.99 -2.85 -32.80
N VAL B 482 -0.75 -2.68 -31.50
CA VAL B 482 -1.76 -3.06 -30.49
C VAL B 482 -2.39 -1.83 -29.81
N GLY B 483 -2.42 -0.72 -30.53
CA GLY B 483 -3.02 0.51 -30.02
C GLY B 483 -2.34 1.15 -28.83
N ILE B 484 -1.03 0.93 -28.67
CA ILE B 484 -0.27 1.62 -27.62
C ILE B 484 0.57 2.74 -28.26
N ASN B 485 0.53 3.91 -27.65
CA ASN B 485 1.11 5.12 -28.23
C ASN B 485 2.12 5.73 -27.26
N MET B 486 3.40 5.53 -27.54
CA MET B 486 4.45 6.15 -26.75
C MET B 486 4.42 7.66 -26.98
N SER B 487 4.62 8.40 -25.89
CA SER B 487 4.65 9.85 -25.94
C SER B 487 6.03 10.32 -26.35
N GLN B 488 6.18 10.68 -27.63
CA GLN B 488 7.41 11.26 -28.15
C GLN B 488 7.75 12.59 -27.46
N LYS B 489 6.72 13.31 -27.00
CA LYS B 489 6.92 14.58 -26.30
C LYS B 489 7.59 14.33 -24.94
N LYS B 490 6.93 13.52 -24.12
CA LYS B 490 7.28 13.37 -22.72
C LYS B 490 8.28 12.25 -22.43
N SER B 491 8.29 11.18 -23.22
CA SER B 491 9.29 10.13 -23.03
C SER B 491 10.65 10.60 -23.52
N TYR B 492 11.71 9.99 -22.99
CA TYR B 492 13.07 10.28 -23.47
C TYR B 492 13.97 9.07 -23.25
N ILE B 493 15.21 9.14 -23.74
CA ILE B 493 16.12 7.99 -23.71
C ILE B 493 17.56 8.41 -23.36
N ASN B 494 18.26 7.55 -22.62
CA ASN B 494 19.70 7.77 -22.37
C ASN B 494 20.40 6.46 -22.00
N LYS B 495 21.72 6.47 -21.89
CA LYS B 495 22.47 5.27 -21.48
C LYS B 495 21.98 4.79 -20.12
N THR B 496 21.99 3.48 -19.92
CA THR B 496 21.48 2.90 -18.68
C THR B 496 22.36 3.32 -17.50
N GLY B 497 21.70 3.86 -16.47
CA GLY B 497 22.38 4.50 -15.35
C GLY B 497 21.43 5.44 -14.62
N THR B 498 20.80 6.35 -15.37
CA THR B 498 19.79 7.27 -14.83
C THR B 498 18.44 7.09 -15.53
N PHE B 499 17.36 7.07 -14.74
CA PHE B 499 15.99 7.17 -15.30
C PHE B 499 14.93 7.57 -14.26
N GLU B 500 13.75 7.92 -14.79
CA GLU B 500 12.57 8.27 -14.01
C GLU B 500 11.48 7.20 -14.22
N PHE B 501 10.78 6.83 -13.15
CA PHE B 501 9.65 5.90 -13.26
C PHE B 501 8.62 6.16 -12.16
N THR B 502 7.44 6.68 -12.54
CA THR B 502 6.35 7.00 -11.60
C THR B 502 6.82 7.84 -10.41
N SER B 503 7.57 8.88 -10.71
CA SER B 503 8.19 9.75 -9.70
C SER B 503 9.24 9.08 -8.80
N PHE B 504 9.67 7.86 -9.14
CA PHE B 504 10.88 7.30 -8.57
C PHE B 504 12.00 7.74 -9.49
N PHE B 505 13.14 8.08 -8.91
CA PHE B 505 14.31 8.54 -9.65
C PHE B 505 15.51 7.62 -9.36
N TYR B 506 15.91 6.89 -10.41
CA TYR B 506 17.08 5.99 -10.35
C TYR B 506 18.27 6.74 -10.93
N ARG B 507 19.29 6.88 -10.10
CA ARG B 507 20.60 7.44 -10.49
C ARG B 507 21.66 6.50 -9.92
N TYR B 508 22.02 5.49 -10.72
CA TYR B 508 22.90 4.38 -10.30
C TYR B 508 22.37 3.67 -9.04
N GLY B 509 21.05 3.72 -8.84
CA GLY B 509 20.41 3.38 -7.57
C GLY B 509 19.30 4.38 -7.35
N PHE B 510 18.24 3.96 -6.67
CA PHE B 510 17.11 4.85 -6.42
C PHE B 510 17.43 5.90 -5.37
N VAL B 511 17.20 7.17 -5.71
CA VAL B 511 17.40 8.27 -4.76
C VAL B 511 16.09 8.56 -4.00
N ALA B 512 16.10 9.61 -3.17
CA ALA B 512 14.93 9.99 -2.37
C ALA B 512 14.09 11.03 -3.10
N ASN B 513 12.76 10.91 -2.97
CA ASN B 513 11.83 11.96 -3.37
C ASN B 513 10.86 12.16 -2.23
N PHE B 514 11.28 12.97 -1.27
CA PHE B 514 10.50 13.23 -0.06
C PHE B 514 9.31 14.15 -0.36
N SER B 515 9.54 15.20 -1.15
CA SER B 515 8.50 16.19 -1.48
C SER B 515 7.14 15.59 -1.87
N MET B 516 7.19 14.45 -2.58
CA MET B 516 6.00 13.69 -2.93
C MET B 516 5.04 13.47 -1.76
N GLU B 517 5.60 13.16 -0.60
CA GLU B 517 4.83 12.75 0.57
C GLU B 517 4.43 13.90 1.51
N LEU B 518 4.94 15.11 1.29
CA LEU B 518 4.64 16.25 2.17
C LEU B 518 3.15 16.44 2.51
N PRO B 519 2.24 16.37 1.51
CA PRO B 519 0.82 16.45 1.82
C PRO B 519 0.34 15.46 2.88
N SER B 520 0.97 14.29 2.98
CA SER B 520 0.66 13.33 4.05
C SER B 520 1.00 13.83 5.47
N PHE B 521 1.97 14.75 5.59
CA PHE B 521 2.37 15.28 6.89
C PHE B 521 1.36 16.30 7.37
N GLY B 522 0.51 15.90 8.32
CA GLY B 522 -0.45 16.81 8.94
C GLY B 522 -1.57 16.03 9.60
N VAL B 523 -2.54 16.76 10.15
CA VAL B 523 -3.66 16.13 10.83
C VAL B 523 -4.62 15.54 9.80
N ALA B 524 -4.61 14.23 9.68
CA ALA B 524 -5.45 13.48 8.74
C ALA B 524 -6.94 13.74 8.92
N GLY B 525 -7.35 14.09 10.14
CA GLY B 525 -8.74 14.38 10.45
C GLY B 525 -9.69 13.19 10.47
N ASN B 526 -9.27 12.08 11.06
CA ASN B 526 -10.18 10.98 11.39
C ASN B 526 -10.75 11.22 12.79
N ASN B 527 -9.85 11.34 13.76
CA ASN B 527 -10.17 11.73 15.15
C ASN B 527 -8.89 11.86 15.99
N GLU B 528 -9.05 12.38 17.20
CA GLU B 528 -7.95 12.56 18.15
C GLU B 528 -7.09 11.30 18.31
N SER B 529 -7.74 10.14 18.45
CA SER B 529 -7.01 8.89 18.61
C SER B 529 -6.23 8.55 17.35
N ALA B 530 -6.95 8.32 16.27
CA ALA B 530 -6.37 7.88 15.00
C ALA B 530 -5.28 8.82 14.49
N ASP B 531 -5.58 10.12 14.49
CA ASP B 531 -4.67 11.10 13.90
C ASP B 531 -3.29 11.07 14.53
N MET B 532 -3.26 10.95 15.85
CA MET B 532 -2.02 10.80 16.60
C MET B 532 -1.24 9.55 16.18
N SER B 533 -1.94 8.46 15.87
CA SER B 533 -1.27 7.23 15.43
C SER B 533 -0.78 7.37 14.00
N ILE B 534 -1.59 7.97 13.14
CA ILE B 534 -1.23 8.16 11.74
C ILE B 534 -0.01 9.10 11.62
N GLY B 535 -0.17 10.31 12.16
CA GLY B 535 0.88 11.34 12.12
C GLY B 535 2.29 10.88 12.45
N THR B 536 2.41 10.08 13.51
CA THR B 536 3.69 9.51 13.92
C THR B 536 4.21 8.49 12.89
N THR B 537 3.28 7.65 12.40
CA THR B 537 3.65 6.60 11.46
C THR B 537 4.06 7.18 10.11
N VAL B 538 3.46 8.31 9.74
CA VAL B 538 3.87 9.04 8.53
C VAL B 538 5.31 9.47 8.67
N ILE B 539 5.66 10.04 9.82
CA ILE B 539 7.04 10.43 10.07
C ILE B 539 7.94 9.19 10.04
N LYS B 540 7.50 8.12 10.70
CA LYS B 540 8.28 6.90 10.82
C LYS B 540 8.57 6.26 9.47
N THR B 541 7.54 6.01 8.67
CA THR B 541 7.70 5.32 7.38
C THR B 541 8.51 6.12 6.36
N ASN B 542 8.41 7.45 6.44
CA ASN B 542 9.22 8.33 5.57
C ASN B 542 10.70 8.35 5.92
N MET B 543 11.05 8.26 7.21
CA MET B 543 12.45 8.09 7.64
C MET B 543 13.06 6.86 6.98
N ILE B 544 12.30 5.76 7.00
CA ILE B 544 12.71 4.49 6.40
C ILE B 544 12.75 4.55 4.88
N ASN B 545 11.68 5.03 4.26
CA ASN B 545 11.48 4.92 2.80
C ASN B 545 11.96 6.08 1.93
N ASN B 546 12.00 7.30 2.48
CA ASN B 546 12.29 8.48 1.65
C ASN B 546 13.36 9.42 2.22
N ASP B 547 14.29 8.85 2.99
CA ASP B 547 15.45 9.59 3.54
C ASP B 547 15.10 10.84 4.35
N LEU B 548 14.07 10.75 5.19
CA LEU B 548 13.73 11.85 6.09
C LEU B 548 14.65 11.76 7.29
N GLY B 549 15.62 12.65 7.37
CA GLY B 549 16.65 12.58 8.41
C GLY B 549 16.17 12.91 9.82
N PRO B 550 16.98 12.54 10.84
CA PRO B 550 16.64 12.63 12.26
C PRO B 550 16.14 14.00 12.69
N ALA B 551 16.93 15.01 12.37
CA ALA B 551 16.68 16.38 12.80
C ALA B 551 15.41 16.92 12.18
N THR B 552 15.16 16.61 10.91
CA THR B 552 13.93 17.04 10.25
C THR B 552 12.76 16.27 10.86
N ALA B 553 12.88 14.94 10.97
CA ALA B 553 11.86 14.09 11.66
C ALA B 553 11.44 14.59 13.06
N GLN B 554 12.44 14.94 13.88
CA GLN B 554 12.15 15.63 15.15
C GLN B 554 11.22 16.83 14.95
N MET B 555 11.56 17.64 13.95
CA MET B 555 10.81 18.86 13.67
C MET B 555 9.41 18.57 13.12
N ALA B 556 9.29 17.47 12.37
CA ALA B 556 7.99 16.96 11.95
C ALA B 556 7.17 16.52 13.16
N ILE B 557 7.80 15.87 14.15
CA ILE B 557 7.06 15.58 15.38
C ILE B 557 6.59 16.91 15.97
N GLN B 558 7.55 17.82 16.15
CA GLN B 558 7.26 19.15 16.73
C GLN B 558 6.10 19.90 16.06
N LEU B 559 6.11 19.95 14.73
CA LEU B 559 5.05 20.62 13.98
C LEU B 559 3.75 19.81 14.04
N PHE B 560 3.84 18.49 13.88
CA PHE B 560 2.63 17.66 13.99
C PHE B 560 1.94 17.97 15.30
N ILE B 561 2.71 17.96 16.40
CA ILE B 561 2.07 18.20 17.71
C ILE B 561 1.32 19.53 17.68
N LYS B 562 2.00 20.58 17.21
CA LYS B 562 1.42 21.93 17.09
C LYS B 562 0.14 21.94 16.26
N ASP B 563 0.15 21.26 15.12
CA ASP B 563 -1.05 21.20 14.26
C ASP B 563 -2.17 20.43 14.95
N TYR B 564 -1.86 19.25 15.49
CA TYR B 564 -2.82 18.42 16.26
C TYR B 564 -3.47 19.16 17.43
N ARG B 565 -2.65 19.82 18.24
CA ARG B 565 -3.15 20.58 19.39
C ARG B 565 -4.13 21.67 18.98
N TYR B 566 -3.68 22.49 18.02
CA TYR B 566 -4.50 23.59 17.48
C TYR B 566 -5.78 23.07 16.83
N THR B 567 -5.66 22.09 15.95
CA THR B 567 -6.82 21.55 15.24
C THR B 567 -7.90 21.06 16.20
N TYR B 568 -7.51 20.23 17.17
CA TYR B 568 -8.46 19.68 18.15
C TYR B 568 -8.73 20.56 19.39
N ARG B 569 -8.05 21.71 19.49
CA ARG B 569 -8.23 22.66 20.59
C ARG B 569 -7.75 22.06 21.92
N CYS B 570 -6.76 21.17 21.82
CA CYS B 570 -6.30 20.42 22.98
C CYS B 570 -4.87 20.81 23.32
N HIS B 571 -4.70 22.07 23.69
CA HIS B 571 -3.40 22.60 24.09
C HIS B 571 -3.05 22.13 25.47
N ARG B 572 -1.77 22.22 25.81
CA ARG B 572 -1.27 21.68 27.06
C ARG B 572 -1.91 22.39 28.25
N GLY B 573 -2.31 21.59 29.26
CA GLY B 573 -3.11 22.08 30.39
C GLY B 573 -2.53 23.27 31.16
N ASP B 574 -1.22 23.44 31.08
CA ASP B 574 -0.55 24.62 31.62
C ASP B 574 -0.25 25.70 30.55
N THR B 575 -1.19 25.91 29.62
CA THR B 575 -1.14 27.10 28.75
C THR B 575 -2.28 28.06 29.06
N ASN B 576 -2.07 29.33 28.71
CA ASN B 576 -3.04 30.40 28.95
C ASN B 576 -3.93 30.70 27.72
N LEU B 577 -3.91 29.84 26.69
CA LEU B 577 -4.76 30.02 25.51
C LEU B 577 -6.23 29.89 25.87
N GLU B 578 -7.08 30.50 25.07
CA GLU B 578 -8.51 30.63 25.39
C GLU B 578 -9.34 30.01 24.26
N THR B 579 -9.83 28.80 24.49
CA THR B 579 -10.70 28.09 23.55
C THR B 579 -11.91 27.53 24.30
N ARG B 580 -12.80 26.85 23.57
CA ARG B 580 -13.97 26.19 24.17
C ARG B 580 -13.64 25.01 25.11
N ARG B 581 -12.43 24.44 25.03
CA ARG B 581 -12.01 23.30 25.86
C ARG B 581 -11.12 23.67 27.06
N THR B 582 -10.32 24.72 26.90
CA THR B 582 -9.19 25.01 27.81
C THR B 582 -9.52 24.99 29.30
N LYS B 583 -10.73 25.42 29.65
CA LYS B 583 -11.21 25.32 31.04
C LYS B 583 -11.36 23.87 31.48
N SER B 584 -12.18 23.12 30.74
CA SER B 584 -12.42 21.71 31.07
C SER B 584 -11.13 20.89 30.97
N ILE B 585 -10.18 21.31 30.14
CA ILE B 585 -8.83 20.69 30.14
C ILE B 585 -8.01 21.14 31.38
N LYS B 586 -8.12 22.41 31.77
CA LYS B 586 -7.48 22.92 33.01
C LYS B 586 -7.95 22.15 34.24
N ARG B 587 -9.26 21.99 34.37
CA ARG B 587 -9.85 21.21 35.47
C ARG B 587 -9.14 19.86 35.59
N LEU B 588 -9.13 19.12 34.48
CA LEU B 588 -8.43 17.84 34.41
C LEU B 588 -6.94 17.96 34.73
N TRP B 589 -6.30 19.02 34.24
CA TRP B 589 -4.87 19.23 34.47
C TRP B 589 -4.57 19.40 35.98
N THR B 590 -5.29 20.30 36.65
CA THR B 590 -5.11 20.47 38.12
C THR B 590 -5.55 19.24 38.89
N GLU B 591 -6.72 18.68 38.55
CA GLU B 591 -7.18 17.42 39.13
C GLU B 591 -6.13 16.30 39.03
N THR B 592 -5.45 16.18 37.89
CA THR B 592 -4.52 15.05 37.67
C THR B 592 -3.25 15.14 38.54
N ILE B 593 -2.84 13.98 39.08
CA ILE B 593 -1.60 13.89 39.87
C ILE B 593 -0.39 13.70 38.95
N SER B 594 -0.38 12.61 38.18
CA SER B 594 0.71 12.33 37.22
C SER B 594 0.40 12.89 35.84
N LYS B 595 0.94 14.07 35.55
CA LYS B 595 0.55 14.85 34.38
C LYS B 595 1.03 14.18 33.08
N ALA B 596 2.29 13.76 33.07
CA ALA B 596 2.90 12.99 31.96
C ALA B 596 2.07 11.82 31.42
N GLY B 597 1.10 11.34 32.21
CA GLY B 597 0.20 10.29 31.76
C GLY B 597 -0.97 10.75 30.91
N LEU B 598 -1.43 11.99 31.13
CA LEU B 598 -2.49 12.57 30.29
C LEU B 598 -2.09 12.56 28.81
N LEU B 599 -3.03 12.17 27.96
CA LEU B 599 -2.84 12.23 26.50
C LEU B 599 -2.77 13.69 26.02
N VAL B 600 -2.11 13.88 24.88
CA VAL B 600 -2.03 15.20 24.23
C VAL B 600 -3.45 15.74 24.04
N ALA B 601 -4.35 14.88 23.57
CA ALA B 601 -5.76 15.21 23.42
C ALA B 601 -6.49 15.63 24.70
N ASP B 602 -5.90 15.37 25.88
CA ASP B 602 -6.41 15.88 27.15
C ASP B 602 -5.44 16.90 27.75
N GLY B 603 -4.66 17.57 26.91
CA GLY B 603 -3.75 18.62 27.38
C GLY B 603 -2.50 18.12 28.07
N GLY B 604 -2.12 16.89 27.78
CA GLY B 604 -0.88 16.34 28.31
C GLY B 604 0.30 16.66 27.42
N PRO B 605 1.51 16.32 27.85
CA PRO B 605 2.72 16.59 27.08
C PRO B 605 2.93 15.59 25.97
N ASN B 606 3.66 16.02 24.94
CA ASN B 606 4.08 15.14 23.84
C ASN B 606 5.17 14.20 24.34
N PRO B 607 4.98 12.87 24.23
CA PRO B 607 6.02 11.93 24.61
C PRO B 607 6.97 11.55 23.47
N TYR B 608 6.64 11.87 22.22
CA TYR B 608 7.34 11.30 21.08
C TYR B 608 8.68 11.90 20.73
N ASN B 609 9.56 11.01 20.27
CA ASN B 609 10.87 11.32 19.69
C ASN B 609 11.19 10.14 18.75
N LEU B 610 12.31 10.20 18.05
CA LEU B 610 12.67 9.19 17.04
C LEU B 610 12.38 7.74 17.45
N ARG B 611 12.85 7.34 18.63
CA ARG B 611 12.65 5.97 19.13
C ARG B 611 11.18 5.60 19.44
N ASN B 612 10.32 6.57 19.79
CA ASN B 612 8.95 6.24 20.24
C ASN B 612 7.92 6.10 19.13
N LEU B 613 8.26 6.53 17.91
CA LEU B 613 7.26 6.73 16.84
C LEU B 613 6.35 5.53 16.55
N HIS B 614 6.88 4.32 16.75
CA HIS B 614 6.13 3.08 16.55
C HIS B 614 5.28 2.61 17.75
N ILE B 615 5.23 3.40 18.82
CA ILE B 615 4.55 2.98 20.04
C ILE B 615 3.34 3.90 20.26
N PRO B 616 2.12 3.34 20.24
CA PRO B 616 0.89 4.11 20.46
C PRO B 616 0.89 4.93 21.72
N GLU B 617 0.25 6.11 21.68
CA GLU B 617 0.36 7.09 22.76
C GLU B 617 -0.10 6.52 24.11
N VAL B 618 -1.26 5.86 24.10
CA VAL B 618 -1.85 5.24 25.29
C VAL B 618 -0.87 4.21 25.87
N CYS B 619 -0.44 3.30 25.00
CA CYS B 619 0.54 2.28 25.34
C CYS B 619 1.83 2.88 25.95
N LEU B 620 2.31 3.96 25.32
CA LEU B 620 3.52 4.67 25.74
C LEU B 620 3.37 5.39 27.08
N LYS B 621 2.19 5.95 27.33
CA LYS B 621 1.91 6.69 28.56
C LYS B 621 1.17 5.88 29.64
N TRP B 622 0.99 4.58 29.40
CA TRP B 622 0.16 3.71 30.27
C TRP B 622 0.57 3.76 31.75
N SER B 623 1.80 3.38 32.04
CA SER B 623 2.35 3.35 33.41
C SER B 623 2.28 4.67 34.17
N LEU B 624 2.33 5.78 33.42
CA LEU B 624 2.30 7.13 34.00
C LEU B 624 0.89 7.73 34.21
N MET B 625 -0.16 7.01 33.82
CA MET B 625 -1.53 7.53 33.99
C MET B 625 -2.07 7.40 35.42
N ASP B 626 -2.90 8.36 35.83
CA ASP B 626 -3.74 8.21 37.02
C ASP B 626 -4.76 7.09 36.75
N PRO B 627 -4.80 6.05 37.63
CA PRO B 627 -5.63 4.87 37.37
C PRO B 627 -7.13 5.17 37.29
N ASP B 628 -7.61 6.21 37.96
CA ASP B 628 -8.94 6.77 37.69
C ASP B 628 -9.00 7.21 36.22
N TYR B 629 -8.13 8.16 35.86
CA TYR B 629 -8.14 8.79 34.53
C TYR B 629 -8.06 7.76 33.41
N ARG B 630 -7.16 6.77 33.53
CA ARG B 630 -7.11 5.71 32.51
C ARG B 630 -8.38 4.85 32.50
N GLY B 631 -8.93 4.62 33.70
CA GLY B 631 -10.18 3.88 33.86
C GLY B 631 -11.38 4.58 33.24
N ARG B 632 -11.35 5.92 33.23
CA ARG B 632 -12.33 6.72 32.49
C ARG B 632 -12.03 6.74 30.99
N LEU B 633 -10.77 6.99 30.65
CA LEU B 633 -10.29 7.04 29.27
C LEU B 633 -10.61 5.78 28.48
N CYS B 634 -10.26 4.63 29.04
CA CYS B 634 -10.47 3.35 28.34
C CYS B 634 -11.77 2.62 28.72
N ASN B 635 -12.71 3.34 29.36
CA ASN B 635 -14.00 2.76 29.81
C ASN B 635 -14.85 2.23 28.64
N PRO B 636 -14.90 0.89 28.47
CA PRO B 636 -15.54 0.30 27.28
C PRO B 636 -17.04 0.60 27.19
N ASN B 637 -17.63 1.05 28.30
CA ASN B 637 -19.01 1.52 28.34
C ASN B 637 -19.22 2.95 27.82
N ASN B 638 -18.17 3.63 27.33
CA ASN B 638 -18.33 5.04 26.89
C ASN B 638 -19.21 5.20 25.63
N PRO B 639 -19.96 6.32 25.53
CA PRO B 639 -20.86 6.57 24.40
C PRO B 639 -20.25 7.27 23.17
N PHE B 640 -18.99 7.69 23.25
CA PHE B 640 -18.33 8.42 22.17
C PHE B 640 -17.90 7.50 21.04
N VAL B 641 -17.41 6.30 21.39
CA VAL B 641 -17.10 5.27 20.42
C VAL B 641 -18.41 4.65 19.97
N HIS B 642 -18.42 4.12 18.75
CA HIS B 642 -19.50 3.26 18.27
C HIS B 642 -18.87 1.97 17.75
N HIS B 643 -19.45 0.83 18.14
CA HIS B 643 -18.77 -0.46 17.99
C HIS B 643 -18.64 -0.89 16.54
N MET B 644 -17.38 -0.93 16.08
CA MET B 644 -17.04 -1.25 14.70
C MET B 644 -17.11 -2.78 14.50
N GLU B 645 -16.71 -3.22 13.30
CA GLU B 645 -16.51 -4.63 13.02
C GLU B 645 -15.03 -4.84 12.73
N VAL B 646 -14.54 -6.07 12.95
CA VAL B 646 -13.10 -6.35 12.89
C VAL B 646 -12.48 -5.93 11.57
N GLU B 647 -13.18 -6.20 10.46
CA GLU B 647 -12.71 -5.80 9.14
C GLU B 647 -12.56 -4.28 8.94
N SER B 648 -13.29 -3.49 9.72
CA SER B 648 -13.23 -2.03 9.67
C SER B 648 -12.80 -1.36 10.99
N THR B 649 -12.22 -2.13 11.93
CA THR B 649 -11.69 -1.56 13.18
C THR B 649 -10.30 -1.04 12.91
N ASN B 650 -10.00 0.15 13.43
CA ASN B 650 -8.70 0.81 13.23
C ASN B 650 -8.31 0.88 11.73
N LEU B 651 -9.20 1.46 10.93
CA LEU B 651 -8.97 1.72 9.50
C LEU B 651 -9.35 3.15 9.12
N ALA B 652 -8.59 3.72 8.18
CA ALA B 652 -8.84 5.06 7.64
C ALA B 652 -8.73 4.98 6.14
N VAL B 653 -8.97 6.10 5.44
CA VAL B 653 -8.83 6.15 3.99
C VAL B 653 -7.79 7.20 3.59
N VAL B 654 -6.97 6.85 2.59
CA VAL B 654 -5.86 7.69 2.13
C VAL B 654 -5.71 7.56 0.60
N MET B 655 -5.22 8.63 -0.03
CA MET B 655 -4.95 8.67 -1.48
C MET B 655 -3.47 8.99 -1.72
N PRO B 656 -2.74 8.09 -2.41
CA PRO B 656 -1.34 8.36 -2.75
C PRO B 656 -1.18 9.21 -4.01
N GLY B 659 -1.98 6.73 -7.01
CA GLY B 659 -3.05 5.75 -7.05
C GLY B 659 -4.44 6.36 -6.94
N PRO B 660 -5.50 5.52 -6.95
CA PRO B 660 -6.88 6.02 -6.85
C PRO B 660 -7.30 6.35 -5.40
N ALA B 661 -7.44 5.32 -4.56
CA ALA B 661 -7.89 5.47 -3.17
C ALA B 661 -7.68 4.16 -2.42
N LYS B 662 -7.03 4.22 -1.26
CA LYS B 662 -6.66 3.01 -0.49
C LYS B 662 -6.98 3.14 0.99
N SER B 663 -7.15 2.01 1.66
CA SER B 663 -7.37 1.98 3.11
C SER B 663 -6.03 2.00 3.84
N LEU B 664 -6.04 2.57 5.04
CA LEU B 664 -4.85 2.68 5.87
C LEU B 664 -5.16 2.16 7.27
N GLU B 665 -4.51 1.04 7.63
CA GLU B 665 -4.56 0.53 8.99
C GLU B 665 -3.64 1.35 9.88
N TYR B 666 -4.03 1.49 11.14
CA TYR B 666 -3.23 2.20 12.14
C TYR B 666 -3.36 1.55 13.51
N ASP B 667 -2.38 1.81 14.37
CA ASP B 667 -2.27 1.15 15.67
C ASP B 667 -2.72 2.07 16.79
N ALA B 668 -3.81 1.73 17.45
CA ALA B 668 -4.34 2.54 18.55
C ALA B 668 -5.21 1.74 19.53
N VAL B 669 -5.28 2.25 20.76
CA VAL B 669 -6.09 1.68 21.83
C VAL B 669 -7.41 2.44 21.83
N ALA B 670 -8.53 1.71 21.84
CA ALA B 670 -9.86 2.33 21.76
C ALA B 670 -10.17 3.13 23.01
N THR B 671 -10.04 4.45 22.90
CA THR B 671 -10.32 5.38 23.99
C THR B 671 -11.55 6.22 23.68
N THR B 672 -11.95 7.05 24.64
CA THR B 672 -13.01 8.04 24.41
C THR B 672 -12.64 9.07 23.33
N HIS B 673 -11.36 9.12 22.95
CA HIS B 673 -10.92 9.88 21.78
C HIS B 673 -11.08 9.15 20.45
N SER B 674 -11.63 7.94 20.45
CA SER B 674 -11.87 7.20 19.20
C SER B 674 -13.31 7.40 18.73
N TRP B 675 -13.70 8.66 18.55
CA TRP B 675 -15.06 9.02 18.14
C TRP B 675 -15.14 9.24 16.62
N THR B 676 -16.36 9.46 16.12
CA THR B 676 -16.59 9.89 14.74
C THR B 676 -17.30 11.25 14.70
N PRO B 677 -16.98 12.09 13.69
CA PRO B 677 -17.59 13.40 13.60
C PRO B 677 -18.99 13.36 13.00
N LYS B 678 -19.71 14.47 13.10
CA LYS B 678 -21.10 14.53 12.67
C LYS B 678 -21.25 14.32 11.18
N ARG B 679 -22.33 13.65 10.79
CA ARG B 679 -22.63 13.35 9.39
C ARG B 679 -23.06 14.60 8.63
N ASN B 680 -22.91 14.56 7.30
CA ASN B 680 -23.47 15.58 6.42
C ASN B 680 -24.99 15.51 6.51
N ARG B 681 -25.63 16.68 6.48
CA ARG B 681 -27.08 16.80 6.67
C ARG B 681 -27.85 17.30 5.43
N SER B 682 -27.14 17.72 4.39
CA SER B 682 -27.75 18.24 3.17
C SER B 682 -28.84 17.35 2.56
N ILE B 683 -28.76 16.04 2.79
CA ILE B 683 -29.79 15.10 2.32
C ILE B 683 -31.19 15.41 2.92
N LEU B 684 -31.23 15.95 4.14
CA LEU B 684 -32.50 16.33 4.78
C LEU B 684 -33.39 17.22 3.89
N ASN B 685 -32.76 18.11 3.13
CA ASN B 685 -33.48 18.97 2.18
C ASN B 685 -33.90 18.25 0.88
N THR B 686 -33.23 17.15 0.53
CA THR B 686 -33.49 16.47 -0.76
C THR B 686 -34.67 15.49 -0.67
N ASN B 687 -35.02 14.91 -1.82
CA ASN B 687 -36.06 13.87 -1.91
C ASN B 687 -35.62 12.50 -1.41
N GLN B 688 -34.33 12.31 -1.17
CA GLN B 688 -33.78 11.06 -0.61
C GLN B 688 -33.81 11.02 0.92
N ARG B 689 -34.41 12.04 1.54
CA ARG B 689 -34.67 12.12 2.99
C ARG B 689 -35.03 10.82 3.71
N GLY B 690 -35.73 9.91 3.03
CA GLY B 690 -36.07 8.59 3.57
C GLY B 690 -34.90 7.66 3.84
N ILE B 691 -33.83 7.78 3.05
CA ILE B 691 -32.65 6.89 3.17
C ILE B 691 -32.08 6.92 4.61
N LEU B 692 -32.16 8.07 5.26
CA LEU B 692 -31.77 8.20 6.67
C LEU B 692 -32.61 7.30 7.57
N GLU B 693 -33.93 7.30 7.36
CA GLU B 693 -34.85 6.45 8.14
C GLU B 693 -34.61 4.99 7.80
N ASP B 694 -34.48 4.69 6.51
CA ASP B 694 -34.10 3.35 6.05
C ASP B 694 -32.86 2.86 6.80
N GLU B 695 -31.81 3.68 6.81
CA GLU B 695 -30.57 3.38 7.52
C GLU B 695 -30.79 3.18 9.03
N ARG B 696 -31.47 4.15 9.65
CA ARG B 696 -31.81 4.11 11.08
C ARG B 696 -32.53 2.83 11.47
N ILE B 697 -33.48 2.39 10.64
CA ILE B 697 -34.20 1.14 10.89
C ILE B 697 -33.25 -0.03 10.65
N TYR B 698 -32.71 -0.13 9.43
CA TYR B 698 -31.77 -1.19 9.04
C TYR B 698 -30.71 -1.46 10.11
N GLN B 699 -30.15 -0.40 10.69
CA GLN B 699 -29.14 -0.57 11.75
C GLN B 699 -29.71 -1.20 13.03
N LYS B 700 -30.91 -0.80 13.43
CA LYS B 700 -31.53 -1.33 14.67
C LYS B 700 -31.85 -2.84 14.60
N CYS B 701 -32.04 -3.37 13.39
CA CYS B 701 -32.20 -4.82 13.20
C CYS B 701 -30.89 -5.59 13.43
N CYS B 702 -29.83 -5.13 12.77
CA CYS B 702 -28.49 -5.73 12.92
C CYS B 702 -27.96 -5.56 14.35
N GLN B 703 -28.21 -4.39 14.93
CA GLN B 703 -27.86 -4.11 16.33
C GLN B 703 -28.44 -5.15 17.27
N VAL B 704 -29.72 -5.49 17.10
CA VAL B 704 -30.34 -6.51 17.95
C VAL B 704 -29.88 -7.91 17.53
N PHE B 705 -29.84 -8.20 16.23
CA PHE B 705 -29.34 -9.50 15.72
C PHE B 705 -27.99 -9.86 16.33
N GLU B 706 -27.09 -8.88 16.40
CA GLU B 706 -25.77 -9.07 17.03
C GLU B 706 -25.80 -9.56 18.49
N LYS B 707 -26.87 -9.25 19.22
CA LYS B 707 -27.10 -9.83 20.56
C LYS B 707 -27.32 -11.35 20.49
N PHE B 708 -28.00 -11.81 19.44
CA PHE B 708 -28.20 -13.24 19.22
C PHE B 708 -27.02 -13.91 18.51
N PHE B 709 -26.25 -13.15 17.73
CA PHE B 709 -25.03 -13.65 17.09
C PHE B 709 -23.86 -12.68 17.21
N PRO B 710 -23.26 -12.56 18.41
CA PRO B 710 -22.00 -11.81 18.58
C PRO B 710 -20.94 -12.16 17.53
N SER B 711 -20.87 -13.43 17.13
CA SER B 711 -19.98 -13.89 16.05
C SER B 711 -20.15 -13.14 14.71
N SER B 712 -21.34 -12.57 14.46
CA SER B 712 -21.62 -11.83 13.22
C SER B 712 -20.69 -10.62 12.97
N THR B 713 -20.23 -9.97 14.04
CA THR B 713 -19.37 -8.79 13.92
C THR B 713 -17.90 -9.13 13.56
N TYR B 714 -17.45 -10.35 13.84
CA TYR B 714 -16.08 -10.78 13.49
C TYR B 714 -16.04 -11.40 12.08
N ARG B 715 -16.84 -12.44 11.86
CA ARG B 715 -17.00 -13.06 10.54
C ARG B 715 -18.44 -12.87 10.06
N ARG B 716 -18.61 -12.65 8.77
CA ARG B 716 -19.95 -12.46 8.18
C ARG B 716 -20.70 -13.78 8.23
N PRO B 717 -21.90 -13.80 8.86
CA PRO B 717 -22.64 -15.04 8.97
C PRO B 717 -23.23 -15.47 7.63
N ILE B 718 -22.77 -16.59 7.10
CA ILE B 718 -23.29 -17.16 5.86
C ILE B 718 -24.52 -17.98 6.22
N GLY B 719 -25.67 -17.61 5.66
CA GLY B 719 -26.91 -18.33 5.91
C GLY B 719 -28.07 -17.80 5.09
N MET B 720 -28.82 -18.72 4.47
CA MET B 720 -30.03 -18.39 3.73
C MET B 720 -31.24 -18.76 4.59
N ALA B 721 -31.67 -17.82 5.43
CA ALA B 721 -32.81 -18.02 6.32
C ALA B 721 -33.28 -16.67 6.83
N SER B 722 -34.56 -16.58 7.18
CA SER B 722 -35.16 -15.32 7.67
C SER B 722 -34.46 -14.84 8.94
N MET B 723 -34.01 -13.58 8.91
CA MET B 723 -33.21 -12.98 9.99
C MET B 723 -33.86 -13.17 11.37
N LEU B 724 -35.18 -13.11 11.43
CA LEU B 724 -35.94 -13.38 12.65
C LEU B 724 -35.84 -14.85 13.09
N ASP B 725 -36.06 -15.76 12.14
CA ASP B 725 -36.06 -17.21 12.42
C ASP B 725 -34.78 -17.66 13.11
N ALA B 726 -33.65 -17.19 12.57
CA ALA B 726 -32.33 -17.40 13.17
C ALA B 726 -32.27 -16.86 14.60
N MET B 727 -32.85 -15.68 14.84
CA MET B 727 -32.86 -15.09 16.19
C MET B 727 -33.71 -15.93 17.15
N LEU B 728 -34.86 -16.39 16.67
CA LEU B 728 -35.75 -17.24 17.47
C LEU B 728 -35.13 -18.61 17.80
N SER B 729 -34.71 -19.30 16.75
CA SER B 729 -34.10 -20.65 16.89
C SER B 729 -33.01 -20.69 17.95
N ARG B 730 -32.18 -19.64 17.97
CA ARG B 730 -31.19 -19.45 19.03
C ARG B 730 -31.86 -19.07 20.34
N ALA B 731 -32.70 -18.03 20.29
CA ALA B 731 -33.41 -17.52 21.49
C ALA B 731 -34.09 -18.61 22.30
N ARG B 732 -34.52 -19.68 21.63
CA ARG B 732 -34.93 -20.89 22.34
C ARG B 732 -33.73 -21.52 23.09
N ILE B 733 -32.80 -22.09 22.32
CA ILE B 733 -31.74 -22.93 22.92
C ILE B 733 -30.87 -22.19 23.92
N ASP B 734 -30.59 -20.90 23.70
CA ASP B 734 -29.91 -20.09 24.72
C ASP B 734 -30.73 -20.05 26.01
N ALA B 735 -32.02 -19.75 25.88
CA ALA B 735 -32.92 -19.67 27.04
C ALA B 735 -33.10 -21.02 27.75
N ARG B 736 -33.04 -22.10 26.98
CA ARG B 736 -33.07 -23.46 27.54
C ARG B 736 -31.75 -23.80 28.26
N ILE B 737 -30.63 -23.78 27.53
CA ILE B 737 -29.30 -24.14 28.08
C ILE B 737 -28.88 -23.22 29.25
N ASP B 738 -29.31 -21.95 29.23
CA ASP B 738 -29.11 -21.07 30.40
C ASP B 738 -29.73 -21.64 31.69
N LEU B 739 -30.83 -22.40 31.55
CA LEU B 739 -31.46 -23.13 32.67
C LEU B 739 -30.90 -24.55 32.82
N GLU B 740 -31.22 -25.41 31.85
CA GLU B 740 -30.98 -26.88 31.88
C GLU B 740 -29.67 -27.27 32.57
N SER B 741 -28.56 -26.80 32.00
CA SER B 741 -27.23 -27.02 32.56
C SER B 741 -26.65 -25.66 32.95
N GLY B 742 -27.38 -24.94 33.80
CA GLY B 742 -26.99 -23.58 34.19
C GLY B 742 -27.74 -23.02 35.39
N ARG B 743 -28.07 -21.73 35.32
CA ARG B 743 -28.58 -20.96 36.46
C ARG B 743 -29.65 -19.97 36.01
N ILE B 744 -30.83 -20.52 35.69
CA ILE B 744 -32.04 -19.74 35.35
C ILE B 744 -33.24 -20.47 35.98
N SER B 745 -34.35 -19.77 36.17
CA SER B 745 -35.61 -20.37 36.61
C SER B 745 -36.53 -20.75 35.44
N SER B 746 -37.22 -21.88 35.61
CA SER B 746 -38.09 -22.43 34.55
C SER B 746 -39.32 -21.56 34.29
N GLN B 747 -39.68 -20.71 35.27
CA GLN B 747 -40.64 -19.61 35.02
C GLN B 747 -40.08 -18.59 34.00
N ASP B 748 -38.79 -18.25 34.12
CA ASP B 748 -38.12 -17.37 33.16
C ASP B 748 -37.93 -18.07 31.82
N PHE B 749 -37.52 -19.34 31.84
CA PHE B 749 -37.46 -20.14 30.60
C PHE B 749 -38.82 -20.21 29.89
N SER B 750 -39.86 -20.55 30.67
CA SER B 750 -41.24 -20.58 30.15
C SER B 750 -41.69 -19.22 29.65
N GLU B 751 -41.33 -18.14 30.35
CA GLU B 751 -41.64 -16.78 29.90
C GLU B 751 -40.93 -16.46 28.57
N ILE B 752 -39.64 -16.79 28.48
CA ILE B 752 -38.86 -16.57 27.26
C ILE B 752 -39.41 -17.41 26.08
N THR B 753 -39.71 -18.69 26.31
CA THR B 753 -40.31 -19.52 25.24
C THR B 753 -41.73 -19.05 24.85
N ASN B 754 -42.52 -18.64 25.85
CA ASN B 754 -43.83 -18.02 25.62
C ASN B 754 -43.72 -16.73 24.79
N THR B 755 -42.71 -15.90 25.08
CA THR B 755 -42.43 -14.73 24.24
C THR B 755 -42.03 -15.17 22.82
N CYS B 756 -41.05 -16.08 22.73
CA CYS B 756 -40.57 -16.64 21.45
C CYS B 756 -41.68 -17.19 20.56
N LYS B 757 -42.64 -17.90 21.16
CA LYS B 757 -43.85 -18.31 20.43
C LYS B 757 -44.74 -17.10 20.11
N ALA B 758 -45.06 -16.32 21.15
CA ALA B 758 -45.95 -15.14 21.04
C ALA B 758 -45.58 -14.18 19.92
N ILE B 759 -44.28 -13.94 19.70
CA ILE B 759 -43.87 -13.10 18.56
C ILE B 759 -44.00 -13.89 17.25
N GLU B 760 -43.63 -15.18 17.26
CA GLU B 760 -43.68 -16.03 16.06
C GLU B 760 -45.10 -16.21 15.53
N ALA B 761 -46.08 -16.14 16.43
CA ALA B 761 -47.48 -16.04 16.04
C ALA B 761 -47.74 -14.86 15.11
N LEU B 762 -47.11 -13.71 15.40
CA LEU B 762 -47.26 -12.51 14.57
C LEU B 762 -46.49 -12.65 13.24
N LYS B 763 -47.08 -13.40 12.32
CA LYS B 763 -46.60 -13.53 10.93
C LYS B 763 -45.08 -13.78 10.79
N SER C 8 -29.23 -13.92 31.74
CA SER C 8 -30.69 -14.17 31.55
C SER C 8 -31.06 -14.44 30.10
N GLY C 9 -30.71 -13.49 29.23
CA GLY C 9 -31.18 -13.48 27.83
C GLY C 9 -32.62 -13.01 27.74
N MET C 10 -33.01 -12.14 28.66
CA MET C 10 -34.40 -11.72 28.82
C MET C 10 -34.69 -10.50 27.94
N GLU C 11 -34.05 -9.37 28.28
CA GLU C 11 -34.34 -8.08 27.66
C GLU C 11 -34.14 -8.06 26.14
N ARG C 12 -33.32 -8.97 25.62
CA ARG C 12 -33.18 -9.16 24.17
C ARG C 12 -34.46 -9.67 23.50
N ILE C 13 -35.20 -10.57 24.16
CA ILE C 13 -36.47 -11.04 23.60
C ILE C 13 -37.59 -10.02 23.82
N LYS C 14 -37.53 -9.28 24.93
CA LYS C 14 -38.40 -8.11 25.14
C LYS C 14 -38.19 -7.10 24.01
N GLU C 15 -36.93 -6.72 23.80
CA GLU C 15 -36.53 -5.87 22.67
C GLU C 15 -37.02 -6.45 21.34
N LEU C 16 -36.77 -7.74 21.10
CA LEU C 16 -37.17 -8.39 19.85
C LEU C 16 -38.69 -8.36 19.63
N MET C 17 -39.45 -8.61 20.71
CA MET C 17 -40.91 -8.44 20.67
C MET C 17 -41.28 -7.00 20.34
N GLU C 18 -40.72 -6.06 21.11
CA GLU C 18 -40.96 -4.62 20.92
C GLU C 18 -40.61 -4.12 19.51
N MET C 19 -39.64 -4.78 18.86
CA MET C 19 -39.34 -4.52 17.45
C MET C 19 -40.35 -5.20 16.53
N VAL C 20 -40.56 -6.50 16.72
CA VAL C 20 -41.44 -7.31 15.86
C VAL C 20 -42.90 -6.79 15.87
N LYS C 21 -43.31 -6.16 16.97
CA LYS C 21 -44.57 -5.39 16.99
C LYS C 21 -44.65 -4.40 15.81
N ASN C 22 -43.57 -3.63 15.61
CA ASN C 22 -43.50 -2.64 14.52
C ASN C 22 -43.32 -3.30 13.14
N SER C 23 -44.35 -3.16 12.31
CA SER C 23 -44.39 -3.77 10.97
C SER C 23 -43.29 -3.26 10.04
N ARG C 24 -42.94 -1.98 10.18
CA ARG C 24 -41.80 -1.35 9.50
C ARG C 24 -40.57 -2.25 9.49
N MET C 25 -40.21 -2.74 10.68
CA MET C 25 -39.01 -3.57 10.86
C MET C 25 -39.32 -5.08 10.83
N ARG C 26 -40.50 -5.48 11.34
CA ARG C 26 -40.93 -6.89 11.20
C ARG C 26 -40.99 -7.31 9.71
N GLU C 27 -41.25 -6.34 8.84
CA GLU C 27 -41.06 -6.50 7.38
C GLU C 27 -39.63 -6.93 7.10
N ILE C 28 -38.67 -6.12 7.53
CA ILE C 28 -37.25 -6.31 7.22
C ILE C 28 -36.73 -7.64 7.78
N LEU C 29 -36.96 -7.84 9.07
CA LEU C 29 -36.51 -9.05 9.78
C LEU C 29 -36.99 -10.35 9.12
N THR C 30 -38.25 -10.35 8.66
CA THR C 30 -38.81 -11.49 7.95
C THR C 30 -38.30 -11.59 6.52
N THR C 31 -38.34 -10.47 5.78
CA THR C 31 -38.00 -10.47 4.36
C THR C 31 -36.52 -10.68 4.07
N THR C 32 -35.64 -9.87 4.68
CA THR C 32 -34.20 -9.93 4.36
C THR C 32 -33.51 -11.07 5.09
N SER C 33 -32.84 -11.94 4.33
CA SER C 33 -32.18 -13.12 4.89
C SER C 33 -30.83 -12.79 5.53
N VAL C 34 -30.28 -13.77 6.24
CA VAL C 34 -28.97 -13.64 6.93
C VAL C 34 -27.83 -13.27 5.97
N ASP C 35 -27.85 -13.81 4.75
CA ASP C 35 -26.92 -13.35 3.70
C ASP C 35 -27.13 -11.87 3.35
N HIS C 36 -28.39 -11.44 3.34
CA HIS C 36 -28.73 -10.06 2.97
C HIS C 36 -28.47 -9.05 4.11
N MET C 37 -28.52 -9.52 5.36
CA MET C 37 -28.32 -8.65 6.53
C MET C 37 -26.96 -7.92 6.52
N ALA C 38 -25.95 -8.61 5.97
CA ALA C 38 -24.64 -8.01 5.71
C ALA C 38 -24.69 -6.94 4.62
N VAL C 39 -25.50 -7.16 3.58
CA VAL C 39 -25.74 -6.15 2.54
C VAL C 39 -26.45 -4.92 3.12
N ILE C 40 -27.49 -5.16 3.93
CA ILE C 40 -28.24 -4.02 4.51
C ILE C 40 -27.53 -3.33 5.69
N LYS C 41 -26.63 -4.03 6.40
CA LYS C 41 -25.85 -3.37 7.47
C LYS C 41 -24.97 -2.23 6.95
N LYS C 42 -24.30 -2.45 5.83
CA LYS C 42 -23.44 -1.42 5.21
C LYS C 42 -24.21 -0.35 4.40
N TYR C 43 -25.53 -0.48 4.26
CA TYR C 43 -26.40 0.51 3.59
C TYR C 43 -26.42 1.85 4.33
N THR C 44 -25.82 2.88 3.75
CA THR C 44 -25.86 4.24 4.31
C THR C 44 -25.94 5.35 3.26
N SER C 45 -26.56 6.46 3.64
CA SER C 45 -26.52 7.69 2.85
C SER C 45 -25.10 8.29 2.75
N GLY C 46 -24.30 8.09 3.80
CA GLY C 46 -23.00 8.73 3.92
C GLY C 46 -21.94 8.21 2.96
N ARG C 47 -21.16 9.12 2.39
CA ARG C 47 -20.04 8.77 1.52
C ARG C 47 -18.78 8.76 2.34
N GLN C 48 -17.74 8.15 1.78
CA GLN C 48 -16.40 8.28 2.32
C GLN C 48 -15.98 9.72 2.11
N GLU C 49 -15.48 10.35 3.15
CA GLU C 49 -15.00 11.74 3.06
C GLU C 49 -13.77 11.82 2.16
N LYS C 50 -13.80 12.75 1.21
CA LYS C 50 -12.69 12.96 0.27
C LYS C 50 -11.53 13.73 0.89
N ASN C 51 -11.83 14.75 1.70
CA ASN C 51 -10.84 15.63 2.31
C ASN C 51 -11.06 15.72 3.85
N PRO C 52 -10.78 14.61 4.56
CA PRO C 52 -11.05 14.58 6.01
C PRO C 52 -10.21 15.57 6.80
N ALA C 53 -8.97 15.82 6.37
CA ALA C 53 -8.12 16.81 7.02
C ALA C 53 -8.78 18.19 7.03
N LEU C 54 -9.30 18.60 5.86
CA LEU C 54 -10.07 19.86 5.74
C LEU C 54 -11.37 19.79 6.52
N ARG C 55 -12.14 18.73 6.27
CA ARG C 55 -13.43 18.60 6.93
C ARG C 55 -13.31 18.66 8.45
N MET C 56 -12.24 18.11 9.00
CA MET C 56 -12.08 18.13 10.45
C MET C 56 -11.72 19.52 10.93
N LYS C 57 -10.80 20.19 10.25
CA LYS C 57 -10.48 21.59 10.57
C LYS C 57 -11.73 22.47 10.48
N TRP C 58 -12.58 22.21 9.50
CA TRP C 58 -13.89 22.88 9.39
C TRP C 58 -14.81 22.55 10.58
N MET C 59 -15.01 21.26 10.85
CA MET C 59 -15.96 20.84 11.91
C MET C 59 -15.52 21.15 13.34
N MET C 60 -14.22 21.07 13.63
CA MET C 60 -13.73 21.36 15.00
C MET C 60 -14.00 22.78 15.47
N ALA C 61 -14.21 23.72 14.54
CA ALA C 61 -14.63 25.09 14.88
C ALA C 61 -16.14 25.19 15.20
N MET C 62 -16.90 24.13 14.93
CA MET C 62 -18.32 24.10 15.29
C MET C 62 -18.49 23.69 16.76
N LYS C 63 -19.66 24.00 17.31
CA LYS C 63 -19.97 23.76 18.73
C LYS C 63 -20.18 22.29 19.07
N TYR C 64 -20.94 21.60 18.22
CA TYR C 64 -21.31 20.19 18.47
C TYR C 64 -21.00 19.30 17.25
N PRO C 65 -19.69 19.03 16.99
CA PRO C 65 -19.23 18.20 15.87
C PRO C 65 -19.14 16.71 16.11
N ILE C 66 -19.04 16.27 17.36
CA ILE C 66 -18.91 14.84 17.67
C ILE C 66 -20.30 14.22 17.85
N SER C 67 -20.49 13.00 17.35
CA SER C 67 -21.73 12.27 17.53
C SER C 67 -21.54 11.18 18.57
N ALA C 68 -22.48 11.07 19.51
CA ALA C 68 -22.38 10.07 20.59
C ALA C 68 -23.74 9.45 20.96
N SER C 69 -23.71 8.24 21.51
CA SER C 69 -24.92 7.48 21.88
C SER C 69 -25.82 8.25 22.84
N SER C 70 -27.12 8.24 22.58
CA SER C 70 -28.10 9.07 23.32
C SER C 70 -28.05 8.91 24.84
N ARG C 71 -27.81 7.68 25.29
CA ARG C 71 -27.44 7.37 26.69
C ARG C 71 -26.46 8.36 27.38
N ILE C 72 -25.59 9.00 26.59
CA ILE C 72 -24.75 10.11 27.06
C ILE C 72 -25.54 11.17 27.85
N ARG C 73 -26.78 11.42 27.44
CA ARG C 73 -27.66 12.36 28.13
C ARG C 73 -28.03 11.88 29.54
N GLU C 74 -28.10 10.57 29.74
CA GLU C 74 -28.27 9.99 31.08
C GLU C 74 -26.96 10.01 31.82
N MET C 75 -25.88 9.60 31.13
CA MET C 75 -24.57 9.42 31.74
C MET C 75 -23.90 10.72 32.22
N ILE C 76 -23.99 11.80 31.45
CA ILE C 76 -23.30 13.06 31.82
C ILE C 76 -24.28 14.25 31.85
N PRO C 77 -23.91 15.36 32.52
CA PRO C 77 -24.79 16.54 32.55
C PRO C 77 -24.88 17.27 31.21
N GLU C 78 -25.88 18.15 31.10
CA GLU C 78 -26.08 18.96 29.90
C GLU C 78 -25.14 20.16 29.88
N LYS C 79 -25.01 20.82 31.03
CA LYS C 79 -24.07 21.92 31.20
C LYS C 79 -22.98 21.51 32.19
N ASP C 80 -21.71 21.76 31.86
CA ASP C 80 -20.64 21.49 32.82
C ASP C 80 -20.50 22.65 33.82
N GLU C 81 -19.65 22.46 34.83
CA GLU C 81 -19.40 23.44 35.88
C GLU C 81 -19.15 24.86 35.37
N ASP C 82 -18.38 24.98 34.30
CA ASP C 82 -18.04 26.27 33.69
C ASP C 82 -19.12 26.85 32.77
N GLY C 83 -20.23 26.13 32.59
CA GLY C 83 -21.34 26.59 31.75
C GLY C 83 -21.23 26.19 30.30
N ASN C 84 -20.28 25.32 29.96
CA ASN C 84 -20.17 24.78 28.61
C ASN C 84 -21.28 23.75 28.43
N THR C 85 -21.98 23.82 27.30
CA THR C 85 -22.97 22.83 26.91
C THR C 85 -22.21 21.62 26.38
N LEU C 86 -22.56 20.44 26.89
CA LEU C 86 -21.83 19.19 26.60
C LEU C 86 -22.50 18.36 25.51
N TRP C 87 -23.82 18.21 25.60
CA TRP C 87 -24.60 17.52 24.55
C TRP C 87 -25.82 18.31 24.12
N THR C 88 -26.34 17.97 22.95
CA THR C 88 -27.58 18.58 22.44
C THR C 88 -28.58 17.50 22.10
N ASN C 89 -29.81 17.93 21.83
CA ASN C 89 -30.88 17.02 21.43
C ASN C 89 -30.91 16.76 19.93
N THR C 90 -30.14 17.53 19.15
CA THR C 90 -30.03 17.32 17.70
C THR C 90 -29.37 15.96 17.37
N LYS C 91 -30.06 15.20 16.54
CA LYS C 91 -29.71 13.82 16.25
C LYS C 91 -28.90 13.72 14.96
N ASP C 92 -28.03 12.72 14.91
CA ASP C 92 -27.07 12.58 13.83
C ASP C 92 -27.75 11.98 12.62
N ALA C 93 -27.64 12.66 11.47
CA ALA C 93 -28.23 12.20 10.22
C ALA C 93 -28.03 10.70 10.05
N GLY C 94 -29.16 9.97 9.95
CA GLY C 94 -29.15 8.53 9.76
C GLY C 94 -28.86 7.68 10.98
N SER C 95 -29.03 8.24 12.18
CA SER C 95 -28.78 7.51 13.43
C SER C 95 -29.65 8.00 14.58
N ASN C 96 -29.88 7.12 15.56
CA ASN C 96 -30.47 7.51 16.84
C ASN C 96 -29.31 7.86 17.78
N ARG C 97 -28.59 8.90 17.39
CA ARG C 97 -27.34 9.31 18.01
C ARG C 97 -27.40 10.82 18.15
N VAL C 98 -26.62 11.39 19.09
CA VAL C 98 -26.79 12.79 19.48
C VAL C 98 -25.53 13.62 19.16
N LEU C 99 -25.73 14.89 18.80
CA LEU C 99 -24.60 15.82 18.63
C LEU C 99 -24.09 16.41 19.96
N VAL C 100 -22.77 16.47 20.07
CA VAL C 100 -22.04 16.58 21.32
C VAL C 100 -20.81 17.48 21.14
N SER C 101 -20.44 18.18 22.21
CA SER C 101 -19.27 19.07 22.25
C SER C 101 -18.03 18.30 22.69
N PRO C 102 -16.83 18.66 22.18
CA PRO C 102 -15.58 18.06 22.68
C PRO C 102 -15.48 18.04 24.19
N ASN C 103 -15.99 19.11 24.82
CA ASN C 103 -16.10 19.22 26.28
C ASN C 103 -16.75 18.00 26.98
N ALA C 104 -17.64 17.30 26.28
CA ALA C 104 -18.16 16.02 26.77
C ALA C 104 -17.04 15.01 26.97
N VAL C 105 -16.20 14.84 25.94
CA VAL C 105 -15.08 13.89 26.00
C VAL C 105 -14.14 14.22 27.16
N THR C 106 -13.86 15.50 27.36
CA THR C 106 -12.99 15.95 28.45
C THR C 106 -13.67 15.68 29.80
N TRP C 107 -14.92 16.17 29.93
CA TRP C 107 -15.72 15.94 31.15
C TRP C 107 -15.75 14.47 31.54
N TRP C 108 -15.96 13.60 30.56
CA TRP C 108 -15.89 12.16 30.81
C TRP C 108 -14.53 11.77 31.36
N ASN C 109 -13.46 12.23 30.72
CA ASN C 109 -12.10 11.85 31.10
C ASN C 109 -11.70 12.39 32.48
N ARG C 110 -12.29 13.51 32.90
CA ARG C 110 -11.98 14.05 34.24
C ARG C 110 -12.96 13.65 35.35
N ALA C 111 -14.22 13.35 35.01
CA ALA C 111 -15.24 13.05 36.03
C ALA C 111 -16.36 12.07 35.61
N GLY C 112 -16.10 11.23 34.62
CA GLY C 112 -17.03 10.15 34.26
C GLY C 112 -16.90 8.89 35.12
N PRO C 113 -17.59 7.81 34.72
CA PRO C 113 -17.45 6.50 35.38
C PRO C 113 -16.08 5.88 35.19
N VAL C 114 -15.55 5.29 36.27
CA VAL C 114 -14.26 4.58 36.22
C VAL C 114 -14.52 3.10 35.94
N SER C 115 -13.53 2.43 35.36
CA SER C 115 -13.64 1.02 35.01
C SER C 115 -12.33 0.30 35.32
N ASP C 116 -12.43 -1.01 35.51
CA ASP C 116 -11.26 -1.85 35.71
C ASP C 116 -10.73 -2.20 34.33
N VAL C 117 -9.51 -1.74 34.04
CA VAL C 117 -8.86 -2.03 32.75
C VAL C 117 -7.47 -2.65 32.90
N VAL C 118 -7.12 -3.07 34.12
CA VAL C 118 -5.72 -3.44 34.45
C VAL C 118 -5.15 -4.63 33.65
N HIS C 119 -6.04 -5.46 33.09
CA HIS C 119 -5.62 -6.56 32.19
C HIS C 119 -5.51 -6.18 30.69
N TYR C 120 -5.87 -4.95 30.33
CA TYR C 120 -5.85 -4.50 28.92
C TYR C 120 -4.53 -4.76 28.15
N PRO C 121 -3.36 -4.60 28.81
CA PRO C 121 -2.09 -4.98 28.18
C PRO C 121 -2.03 -6.43 27.64
N ARG C 122 -2.81 -7.34 28.23
CA ARG C 122 -2.93 -8.70 27.70
C ARG C 122 -3.71 -8.73 26.37
N VAL C 123 -4.68 -7.82 26.20
CA VAL C 123 -5.38 -7.67 24.92
C VAL C 123 -4.45 -6.98 23.92
N TYR C 124 -3.88 -5.87 24.36
CA TYR C 124 -3.00 -5.05 23.51
C TYR C 124 -1.52 -5.48 23.52
N LYS C 125 -1.24 -6.73 23.89
CA LYS C 125 0.13 -7.27 23.95
C LYS C 125 0.99 -6.78 22.79
N MET C 126 0.55 -7.05 21.56
CA MET C 126 1.26 -6.65 20.35
C MET C 126 1.88 -5.24 20.45
N TYR C 127 1.14 -4.29 21.03
CA TYR C 127 1.64 -2.93 21.23
C TYR C 127 2.66 -2.88 22.39
N PHE C 128 2.24 -3.37 23.56
CA PHE C 128 3.07 -3.29 24.78
C PHE C 128 4.41 -4.04 24.69
N ASP C 129 4.49 -5.05 23.82
CA ASP C 129 5.77 -5.71 23.53
C ASP C 129 6.74 -4.80 22.79
N ARG C 130 6.21 -3.85 22.00
CA ARG C 130 7.04 -2.85 21.32
C ARG C 130 7.73 -1.98 22.36
N LEU C 131 6.93 -1.50 23.30
CA LEU C 131 7.45 -0.72 24.43
C LEU C 131 8.44 -1.59 25.21
N GLU C 132 7.99 -2.77 25.61
CA GLU C 132 8.83 -3.75 26.33
C GLU C 132 10.20 -3.94 25.69
N ARG C 133 10.25 -4.20 24.39
CA ARG C 133 11.55 -4.32 23.69
C ARG C 133 12.40 -3.05 23.73
N LEU C 134 11.74 -1.89 23.73
CA LEU C 134 12.44 -0.60 23.67
C LEU C 134 13.01 -0.22 25.02
N THR C 135 12.15 -0.23 26.04
CA THR C 135 12.54 0.05 27.43
C THR C 135 13.74 -0.79 27.87
N HIS C 136 13.74 -2.08 27.51
CA HIS C 136 14.86 -3.00 27.81
C HIS C 136 15.85 -3.12 26.66
N GLY C 137 15.78 -2.20 25.69
CA GLY C 137 16.79 -2.13 24.63
C GLY C 137 18.05 -1.47 25.18
N THR C 138 19.16 -1.67 24.49
CA THR C 138 20.38 -0.90 24.79
C THR C 138 20.99 -0.35 23.51
N PHE C 139 21.39 0.91 23.56
CA PHE C 139 22.05 1.61 22.45
C PHE C 139 23.56 1.51 22.62
N GLY C 140 24.26 1.50 21.48
CA GLY C 140 25.70 1.64 21.43
C GLY C 140 26.03 2.97 20.78
N PRO C 141 27.20 3.06 20.13
CA PRO C 141 27.58 4.30 19.47
C PRO C 141 26.93 4.44 18.10
N VAL C 142 26.95 5.65 17.56
CA VAL C 142 26.52 5.92 16.19
C VAL C 142 27.74 5.87 15.28
N LYS C 143 27.66 5.06 14.23
CA LYS C 143 28.72 5.00 13.23
C LYS C 143 28.24 5.70 11.97
N PHE C 144 29.16 6.39 11.29
CA PHE C 144 28.86 7.18 10.10
C PHE C 144 29.55 6.58 8.87
N TYR C 145 28.77 6.06 7.93
CA TYR C 145 29.31 5.53 6.66
C TYR C 145 28.24 5.32 5.59
N ASN C 146 28.70 5.08 4.35
CA ASN C 146 27.82 4.79 3.22
C ASN C 146 27.04 3.51 3.49
N GLN C 147 25.75 3.68 3.79
CA GLN C 147 24.89 2.58 4.24
C GLN C 147 24.08 2.00 3.07
N VAL C 148 24.61 0.95 2.45
CA VAL C 148 23.94 0.31 1.31
C VAL C 148 22.80 -0.57 1.84
N LYS C 149 21.61 -0.37 1.28
CA LYS C 149 20.39 -1.03 1.75
C LYS C 149 19.82 -1.91 0.65
N VAL C 150 19.55 -3.18 0.99
CA VAL C 150 18.88 -4.11 0.09
C VAL C 150 17.38 -3.99 0.28
N ARG C 151 16.65 -3.74 -0.81
CA ARG C 151 15.19 -3.76 -0.78
C ARG C 151 14.76 -5.21 -0.76
N LYS C 152 14.20 -5.64 0.37
CA LYS C 152 13.89 -7.04 0.62
C LYS C 152 12.53 -7.17 1.32
N ARG C 153 11.83 -8.27 1.04
CA ARG C 153 10.60 -8.66 1.76
C ARG C 153 11.01 -9.22 3.13
N VAL C 154 10.39 -8.71 4.18
CA VAL C 154 10.74 -9.12 5.55
C VAL C 154 9.53 -9.08 6.48
N ASP C 155 9.68 -9.72 7.64
CA ASP C 155 8.62 -9.84 8.63
C ASP C 155 8.35 -8.52 9.34
N ILE C 156 7.09 -8.32 9.73
CA ILE C 156 6.62 -7.09 10.37
C ILE C 156 5.97 -7.31 11.74
N ASN C 157 5.76 -8.57 12.14
CA ASN C 157 4.88 -8.90 13.26
C ASN C 157 5.61 -9.74 14.34
N PRO C 158 6.63 -9.16 14.99
CA PRO C 158 7.40 -9.93 15.97
C PRO C 158 6.51 -10.51 17.08
N GLY C 159 6.78 -11.76 17.45
CA GLY C 159 5.86 -12.55 18.25
C GLY C 159 4.75 -13.17 17.43
N HIS C 160 4.91 -13.23 16.11
CA HIS C 160 3.97 -13.98 15.25
C HIS C 160 4.10 -15.47 15.53
N LYS C 161 3.12 -16.01 16.25
CA LYS C 161 2.97 -17.46 16.35
C LYS C 161 2.40 -17.89 14.99
N ASP C 162 3.29 -18.45 14.16
CA ASP C 162 3.07 -18.63 12.72
C ASP C 162 1.99 -19.68 12.41
N LEU C 163 0.82 -19.21 12.00
CA LEU C 163 -0.27 -20.07 11.53
C LEU C 163 -1.16 -19.30 10.56
N THR C 164 -1.73 -20.01 9.59
CA THR C 164 -2.48 -19.37 8.49
C THR C 164 -3.82 -18.77 8.94
N SER C 165 -4.32 -17.86 8.11
CA SER C 165 -5.45 -16.96 8.45
C SER C 165 -6.66 -17.65 9.09
N ARG C 166 -7.15 -18.69 8.43
CA ARG C 166 -8.28 -19.48 8.93
C ARG C 166 -7.90 -20.25 10.20
N GLU C 167 -6.65 -20.71 10.23
CA GLU C 167 -6.09 -21.41 11.40
C GLU C 167 -6.12 -20.49 12.62
N ALA C 168 -5.79 -19.21 12.39
CA ALA C 168 -5.94 -18.17 13.42
C ALA C 168 -7.42 -17.94 13.73
N GLN C 169 -8.21 -17.75 12.68
CA GLN C 169 -9.66 -17.53 12.80
C GLN C 169 -10.33 -18.53 13.74
N GLU C 170 -10.04 -19.81 13.53
CA GLU C 170 -10.50 -20.87 14.44
C GLU C 170 -10.11 -20.59 15.90
N VAL C 171 -8.84 -20.26 16.11
CA VAL C 171 -8.29 -19.98 17.45
C VAL C 171 -8.98 -18.78 18.10
N ILE C 172 -9.26 -17.76 17.30
CA ILE C 172 -9.95 -16.55 17.77
C ILE C 172 -11.38 -16.94 18.17
N MET C 173 -12.07 -17.51 17.18
CA MET C 173 -13.47 -17.94 17.34
C MET C 173 -13.61 -18.78 18.61
N GLU C 174 -12.71 -19.75 18.78
CA GLU C 174 -12.62 -20.53 20.03
C GLU C 174 -12.57 -19.68 21.30
N VAL C 175 -11.67 -18.70 21.32
CA VAL C 175 -11.42 -17.89 22.53
C VAL C 175 -12.55 -16.91 22.81
N VAL C 176 -12.93 -16.13 21.81
CA VAL C 176 -13.92 -15.04 22.02
C VAL C 176 -15.38 -15.42 21.74
N PHE C 177 -15.61 -16.46 20.94
CA PHE C 177 -16.96 -16.83 20.49
C PHE C 177 -17.25 -18.34 20.69
N PRO C 178 -17.08 -18.84 21.94
CA PRO C 178 -17.00 -20.29 22.21
C PRO C 178 -18.27 -21.09 21.87
N ASN C 179 -19.43 -20.55 22.22
CA ASN C 179 -20.72 -21.17 21.92
C ASN C 179 -21.04 -21.03 20.42
N GLU C 180 -20.71 -19.86 19.87
CA GLU C 180 -21.01 -19.51 18.46
C GLU C 180 -19.89 -19.92 17.48
N VAL C 181 -18.93 -20.75 17.94
CA VAL C 181 -17.94 -21.43 17.09
C VAL C 181 -18.60 -22.13 15.88
N GLY C 182 -17.90 -22.15 14.75
CA GLY C 182 -18.36 -22.83 13.53
C GLY C 182 -18.32 -24.36 13.62
N ALA C 183 -17.53 -24.97 12.75
CA ALA C 183 -17.54 -26.43 12.59
C ALA C 183 -16.25 -26.97 11.96
N ARG C 184 -15.15 -26.91 12.73
CA ARG C 184 -13.85 -27.41 12.29
C ARG C 184 -13.07 -28.02 13.44
N THR C 185 -12.06 -28.82 13.08
CA THR C 185 -11.18 -29.47 14.07
C THR C 185 -10.05 -28.53 14.48
N LEU C 186 -9.65 -28.62 15.75
CA LEU C 186 -8.48 -27.91 16.25
C LEU C 186 -7.23 -28.73 15.88
N SER C 187 -6.60 -28.33 14.79
CA SER C 187 -5.57 -29.13 14.09
C SER C 187 -4.45 -29.64 15.00
N SER C 188 -3.84 -28.73 15.76
CA SER C 188 -2.64 -29.05 16.52
C SER C 188 -2.58 -28.44 17.92
N ASP C 189 -1.65 -28.99 18.71
CA ASP C 189 -1.24 -28.40 19.99
C ASP C 189 -0.77 -26.95 19.77
N ALA C 190 -0.21 -26.68 18.59
CA ALA C 190 0.00 -25.30 18.10
C ALA C 190 -1.25 -24.43 18.33
N GLN C 191 -2.41 -24.88 17.85
CA GLN C 191 -3.66 -24.16 18.08
C GLN C 191 -4.15 -24.28 19.53
N LEU C 192 -4.17 -25.51 20.05
CA LEU C 192 -4.76 -25.79 21.36
C LEU C 192 -4.07 -25.07 22.52
N THR C 193 -2.73 -25.10 22.54
CA THR C 193 -1.94 -24.42 23.57
C THR C 193 -2.16 -22.91 23.54
N ILE C 194 -2.10 -22.33 22.34
CA ILE C 194 -2.39 -20.89 22.16
C ILE C 194 -3.81 -20.59 22.66
N THR C 195 -4.77 -21.43 22.26
CA THR C 195 -6.17 -21.26 22.67
C THR C 195 -6.32 -21.27 24.19
N LYS C 196 -5.81 -22.33 24.84
CA LYS C 196 -5.92 -22.43 26.30
C LYS C 196 -5.13 -21.35 27.05
N GLU C 197 -3.91 -21.05 26.58
CA GLU C 197 -3.07 -20.00 27.19
C GLU C 197 -3.69 -18.61 27.05
N LYS C 198 -4.14 -18.29 25.84
CA LYS C 198 -4.73 -16.97 25.58
C LYS C 198 -6.11 -16.85 26.24
N LYS C 199 -6.85 -17.97 26.29
CA LYS C 199 -8.09 -18.04 27.07
C LYS C 199 -7.81 -17.83 28.57
N GLU C 200 -6.74 -18.44 29.07
CA GLU C 200 -6.29 -18.25 30.47
C GLU C 200 -5.88 -16.80 30.74
N GLU C 201 -5.13 -16.20 29.79
CA GLU C 201 -4.65 -14.82 29.91
C GLU C 201 -5.80 -13.81 29.84
N LEU C 202 -6.67 -13.96 28.85
CA LEU C 202 -7.80 -13.03 28.66
C LEU C 202 -9.04 -13.32 29.53
N LYS C 203 -8.91 -14.18 30.55
CA LYS C 203 -10.00 -14.50 31.47
C LYS C 203 -10.67 -13.23 32.04
N ASN C 204 -11.99 -13.16 31.90
CA ASN C 204 -12.81 -12.07 32.44
C ASN C 204 -12.15 -10.67 32.36
N CYS C 205 -11.92 -10.21 31.14
CA CYS C 205 -11.40 -8.88 30.86
C CYS C 205 -12.51 -8.01 30.29
N LYS C 206 -12.82 -6.90 30.96
CA LYS C 206 -13.96 -6.05 30.60
C LYS C 206 -13.64 -5.19 29.37
N ILE C 207 -13.95 -5.71 28.20
CA ILE C 207 -13.60 -5.08 26.93
C ILE C 207 -14.47 -5.62 25.80
N SER C 208 -14.64 -4.84 24.74
CA SER C 208 -15.39 -5.28 23.57
C SER C 208 -14.70 -6.46 22.85
N PRO C 209 -15.36 -7.63 22.79
CA PRO C 209 -14.82 -8.80 22.10
C PRO C 209 -14.21 -8.49 20.73
N ILE C 210 -14.87 -7.62 19.97
CA ILE C 210 -14.39 -7.16 18.66
C ILE C 210 -12.92 -6.71 18.68
N MET C 211 -12.55 -6.02 19.76
CA MET C 211 -11.20 -5.52 19.93
C MET C 211 -10.25 -6.69 20.17
N VAL C 212 -10.70 -7.68 20.93
CA VAL C 212 -9.90 -8.88 21.20
C VAL C 212 -9.71 -9.68 19.90
N ALA C 213 -10.79 -9.89 19.17
CA ALA C 213 -10.73 -10.53 17.85
C ALA C 213 -9.75 -9.79 16.91
N TYR C 214 -9.89 -8.46 16.86
CA TYR C 214 -8.99 -7.63 16.04
C TYR C 214 -7.53 -7.83 16.46
N MET C 215 -7.26 -7.57 17.74
CA MET C 215 -5.90 -7.65 18.28
C MET C 215 -5.29 -9.04 18.10
N LEU C 216 -6.08 -10.08 18.33
CA LEU C 216 -5.64 -11.45 18.05
C LEU C 216 -5.36 -11.68 16.57
N GLU C 217 -6.27 -11.22 15.71
CA GLU C 217 -6.08 -11.34 14.26
C GLU C 217 -4.78 -10.69 13.83
N ARG C 218 -4.53 -9.48 14.35
CA ARG C 218 -3.26 -8.78 14.09
C ARG C 218 -2.05 -9.53 14.69
N GLU C 219 -2.24 -10.08 15.89
CA GLU C 219 -1.19 -10.75 16.67
C GLU C 219 -0.73 -12.12 16.16
N LEU C 220 -1.66 -12.92 15.63
CA LEU C 220 -1.36 -14.30 15.26
C LEU C 220 -0.72 -14.45 13.87
N VAL C 221 -1.40 -13.94 12.84
CA VAL C 221 -0.96 -14.17 11.45
C VAL C 221 0.32 -13.38 11.12
N ARG C 222 1.20 -13.97 10.30
CA ARG C 222 2.38 -13.25 9.81
C ARG C 222 1.96 -12.11 8.91
N ARG C 223 2.78 -11.06 8.93
CA ARG C 223 2.67 -9.97 7.95
C ARG C 223 4.08 -9.61 7.50
N THR C 224 4.25 -9.46 6.19
CA THR C 224 5.54 -9.10 5.58
C THR C 224 5.44 -7.75 4.86
N ARG C 225 6.60 -7.15 4.59
CA ARG C 225 6.67 -5.96 3.72
C ARG C 225 7.98 -5.89 2.98
N PHE C 226 7.94 -5.27 1.80
CA PHE C 226 9.15 -4.91 1.05
C PHE C 226 9.75 -3.63 1.64
N LEU C 227 10.92 -3.76 2.26
CA LEU C 227 11.59 -2.62 2.92
C LEU C 227 13.05 -2.52 2.47
N PRO C 228 13.61 -1.29 2.44
CA PRO C 228 15.05 -1.15 2.24
C PRO C 228 15.76 -1.39 3.57
N ILE C 229 16.61 -2.41 3.63
CA ILE C 229 17.28 -2.79 4.87
C ILE C 229 18.79 -2.94 4.67
N ALA C 230 19.53 -2.31 5.58
CA ALA C 230 20.95 -2.58 5.81
C ALA C 230 21.05 -3.26 7.17
N GLY C 231 21.78 -4.37 7.23
CA GLY C 231 22.03 -5.08 8.48
C GLY C 231 21.00 -6.12 8.83
N ALA C 232 20.70 -6.21 10.13
CA ALA C 232 19.83 -7.27 10.67
C ALA C 232 18.46 -7.24 10.03
N THR C 233 17.97 -8.41 9.61
CA THR C 233 16.66 -8.54 8.98
C THR C 233 15.62 -9.28 9.83
N SER C 234 15.98 -9.65 11.05
CA SER C 234 15.00 -10.19 12.01
C SER C 234 13.89 -9.17 12.32
N SER C 235 12.67 -9.69 12.49
CA SER C 235 11.49 -8.91 12.87
C SER C 235 11.74 -7.85 13.94
N THR C 236 12.35 -8.26 15.05
CA THR C 236 12.69 -7.34 16.15
C THR C 236 13.64 -6.19 15.75
N TYR C 237 14.46 -6.43 14.73
CA TYR C 237 15.31 -5.38 14.16
C TYR C 237 14.57 -4.57 13.08
N VAL C 238 13.67 -5.21 12.35
CA VAL C 238 12.80 -4.52 11.38
C VAL C 238 11.86 -3.55 12.09
N GLU C 239 11.42 -3.91 13.29
CA GLU C 239 10.57 -3.02 14.12
C GLU C 239 11.11 -1.60 14.32
N VAL C 240 12.43 -1.45 14.31
CA VAL C 240 13.09 -0.18 14.66
C VAL C 240 14.06 0.38 13.60
N LEU C 241 13.88 -0.01 12.33
CA LEU C 241 14.72 0.50 11.23
C LEU C 241 14.93 2.02 11.26
N HIS C 242 13.82 2.74 11.46
CA HIS C 242 13.83 4.20 11.59
C HIS C 242 14.80 4.74 12.65
N LEU C 243 14.94 4.00 13.75
CA LEU C 243 15.91 4.33 14.81
C LEU C 243 17.30 3.74 14.55
N THR C 244 17.35 2.59 13.89
CA THR C 244 18.57 1.83 13.67
C THR C 244 19.45 2.37 12.53
N GLN C 245 18.84 2.66 11.38
CA GLN C 245 19.59 3.05 10.20
C GLN C 245 19.14 4.36 9.60
N GLY C 246 20.09 5.08 9.00
CA GLY C 246 19.80 6.28 8.22
C GLY C 246 20.50 6.18 6.88
N THR C 247 20.56 7.30 6.17
CA THR C 247 21.28 7.36 4.90
C THR C 247 22.76 7.13 5.10
N CYS C 248 23.33 7.89 6.03
CA CYS C 248 24.77 7.90 6.27
C CYS C 248 25.17 7.36 7.63
N TRP C 249 24.22 6.78 8.39
CA TRP C 249 24.51 6.39 9.77
C TRP C 249 23.85 5.11 10.27
N GLU C 250 24.55 4.45 11.20
CA GLU C 250 24.05 3.27 11.91
C GLU C 250 24.08 3.58 13.40
N GLN C 251 22.91 3.49 14.03
CA GLN C 251 22.79 3.63 15.48
C GLN C 251 22.74 2.23 16.01
N GLN C 252 23.88 1.72 16.48
CA GLN C 252 23.96 0.35 17.01
C GLN C 252 23.00 0.21 18.17
N TYR C 253 22.22 -0.87 18.16
CA TYR C 253 21.14 -1.05 19.12
C TYR C 253 20.82 -2.53 19.24
N THR C 254 20.64 -3.00 20.49
CA THR C 254 20.15 -4.36 20.73
C THR C 254 18.83 -4.26 21.49
N PRO C 255 17.72 -4.74 20.88
CA PRO C 255 16.40 -4.64 21.49
C PRO C 255 16.18 -5.67 22.56
N GLY C 256 15.39 -5.31 23.58
CA GLY C 256 15.14 -6.17 24.75
C GLY C 256 14.71 -7.60 24.44
N GLY C 257 14.98 -8.50 25.38
CA GLY C 257 14.64 -9.91 25.21
C GLY C 257 15.64 -10.70 24.37
N GLU C 258 15.37 -11.99 24.22
CA GLU C 258 16.35 -12.97 23.77
C GLU C 258 16.25 -13.28 22.28
N ALA C 259 17.39 -13.55 21.66
CA ALA C 259 17.48 -13.86 20.23
C ALA C 259 16.93 -15.26 19.94
N GLU C 260 16.73 -15.54 18.65
CA GLU C 260 16.07 -16.77 18.22
C GLU C 260 17.04 -17.74 17.57
N ASN C 261 16.98 -18.99 18.03
CA ASN C 261 17.93 -20.03 17.66
C ASN C 261 18.11 -20.17 16.15
N ASP C 262 17.00 -20.15 15.41
CA ASP C 262 17.04 -20.19 13.93
C ASP C 262 17.87 -19.02 13.37
N ASP C 263 17.63 -17.82 13.89
CA ASP C 263 18.33 -16.61 13.41
C ASP C 263 19.81 -16.67 13.78
N LEU C 264 20.07 -17.08 15.02
CA LEU C 264 21.44 -17.26 15.53
C LEU C 264 22.24 -18.27 14.65
N ASP C 265 21.65 -19.46 14.49
CA ASP C 265 22.21 -20.54 13.68
C ASP C 265 22.39 -20.12 12.23
N GLN C 266 21.40 -19.40 11.69
CA GLN C 266 21.49 -18.87 10.32
C GLN C 266 22.63 -17.85 10.16
N THR C 267 22.71 -16.90 11.09
CA THR C 267 23.72 -15.82 10.99
C THR C 267 25.16 -16.34 11.26
N LEU C 268 25.30 -17.21 12.26
CA LEU C 268 26.59 -17.87 12.57
C LEU C 268 27.31 -18.43 11.35
N ILE C 269 26.54 -19.10 10.49
CA ILE C 269 27.04 -19.64 9.21
C ILE C 269 27.63 -18.52 8.35
N ILE C 270 26.89 -17.42 8.25
CA ILE C 270 27.30 -16.29 7.39
C ILE C 270 28.54 -15.63 7.97
N ALA C 271 28.56 -15.46 9.30
CA ALA C 271 29.76 -14.95 9.97
C ALA C 271 30.95 -15.85 9.66
N SER C 272 30.85 -17.11 10.11
CA SER C 272 31.92 -18.08 9.95
C SER C 272 32.42 -18.16 8.51
N ARG C 273 31.48 -18.18 7.57
CA ARG C 273 31.83 -18.14 6.14
C ARG C 273 32.70 -16.94 5.82
N ASN C 274 32.29 -15.74 6.23
CA ASN C 274 33.05 -14.53 5.90
C ASN C 274 34.41 -14.52 6.60
N ILE C 275 34.44 -14.97 7.85
CA ILE C 275 35.70 -15.16 8.59
C ILE C 275 36.64 -16.07 7.77
N VAL C 276 36.15 -17.25 7.40
CA VAL C 276 36.94 -18.21 6.61
C VAL C 276 37.43 -17.59 5.29
N ARG C 277 36.48 -17.05 4.54
CA ARG C 277 36.75 -16.47 3.22
C ARG C 277 37.73 -15.29 3.30
N ARG C 278 37.68 -14.53 4.39
CA ARG C 278 38.72 -13.51 4.66
C ARG C 278 40.05 -14.19 4.94
N SER C 279 40.07 -15.00 6.01
CA SER C 279 41.29 -15.69 6.49
C SER C 279 42.07 -16.38 5.38
N ILE C 280 41.36 -17.13 4.54
CA ILE C 280 41.97 -17.78 3.36
C ILE C 280 42.95 -16.84 2.61
N VAL C 281 42.59 -15.56 2.47
CA VAL C 281 43.44 -14.60 1.74
C VAL C 281 44.69 -14.20 2.54
N ALA C 282 44.57 -14.12 3.87
CA ALA C 282 45.66 -13.59 4.71
C ALA C 282 46.77 -14.62 4.95
N ILE C 283 47.99 -14.12 5.23
CA ILE C 283 49.12 -14.98 5.58
C ILE C 283 48.94 -15.47 7.02
N ASP C 284 49.23 -16.76 7.24
CA ASP C 284 48.82 -17.50 8.43
C ASP C 284 47.27 -17.45 8.64
N PRO C 285 46.51 -18.00 7.66
CA PRO C 285 45.04 -18.02 7.73
C PRO C 285 44.47 -18.53 9.05
N LEU C 286 45.10 -19.54 9.65
CA LEU C 286 44.69 -20.00 10.97
C LEU C 286 44.77 -18.87 12.00
N ALA C 287 45.90 -18.16 12.02
CA ALA C 287 46.10 -17.04 12.95
C ALA C 287 45.18 -15.87 12.64
N SER C 288 45.02 -15.55 11.34
CA SER C 288 44.07 -14.51 10.90
C SER C 288 42.64 -14.83 11.34
N LEU C 289 42.25 -16.10 11.17
CA LEU C 289 40.95 -16.59 11.62
C LEU C 289 40.82 -16.46 13.12
N LEU C 290 41.70 -17.13 13.86
CA LEU C 290 41.60 -17.21 15.33
C LEU C 290 41.33 -15.84 16.00
N SER C 291 42.05 -14.81 15.54
CA SER C 291 41.87 -13.45 16.05
C SER C 291 40.48 -12.91 15.75
N MET C 292 40.01 -13.08 14.51
CA MET C 292 38.64 -12.69 14.13
C MET C 292 37.60 -13.46 14.94
N CYS C 293 37.81 -14.76 15.12
CA CYS C 293 36.93 -15.58 15.96
C CYS C 293 36.92 -15.14 17.43
N HIS C 294 38.08 -14.71 17.93
CA HIS C 294 38.15 -14.13 19.28
C HIS C 294 37.47 -12.76 19.38
N THR C 295 37.65 -11.91 18.37
CA THR C 295 37.16 -10.51 18.40
C THR C 295 35.70 -10.29 17.97
N THR C 296 35.18 -11.17 17.09
CA THR C 296 33.81 -11.04 16.55
C THR C 296 32.74 -11.30 17.61
N SER C 297 31.64 -10.56 17.51
CA SER C 297 30.50 -10.70 18.42
C SER C 297 29.20 -10.61 17.61
N ILE C 298 28.29 -11.57 17.80
CA ILE C 298 26.98 -11.55 17.13
C ILE C 298 25.92 -11.07 18.12
N SER C 299 25.14 -10.06 17.70
CA SER C 299 24.05 -9.51 18.51
C SER C 299 24.49 -9.18 19.95
N SER C 300 25.70 -8.63 20.09
CA SER C 300 26.36 -8.40 21.38
C SER C 300 26.53 -9.68 22.21
N GLU C 301 27.06 -10.73 21.58
CA GLU C 301 27.45 -11.97 22.27
C GLU C 301 28.71 -12.55 21.61
N PRO C 302 29.66 -13.07 22.42
CA PRO C 302 30.90 -13.65 21.85
C PRO C 302 30.73 -14.91 20.97
N LEU C 303 31.14 -14.77 19.70
CA LEU C 303 31.18 -15.86 18.71
C LEU C 303 31.81 -17.15 19.26
N VAL C 304 32.85 -16.97 20.07
CA VAL C 304 33.47 -18.07 20.81
C VAL C 304 32.44 -18.76 21.70
N GLU C 305 31.79 -18.02 22.59
CA GLU C 305 30.83 -18.62 23.55
C GLU C 305 29.52 -19.08 22.87
N ILE C 306 29.25 -18.59 21.67
CA ILE C 306 28.26 -19.21 20.79
C ILE C 306 28.78 -20.58 20.35
N LEU C 307 29.86 -20.56 19.55
CA LEU C 307 30.48 -21.77 18.97
C LEU C 307 30.72 -22.90 19.99
N ARG C 308 31.12 -22.53 21.20
CA ARG C 308 31.31 -23.48 22.32
C ARG C 308 30.04 -24.26 22.62
N SER C 309 28.91 -23.58 22.65
CA SER C 309 27.63 -24.22 23.01
C SER C 309 26.55 -23.98 21.95
N ASN C 310 26.95 -24.11 20.68
CA ASN C 310 25.99 -24.13 19.55
C ASN C 310 26.26 -25.33 18.62
N PRO C 311 25.20 -26.09 18.25
CA PRO C 311 25.38 -27.39 17.60
C PRO C 311 25.39 -27.42 16.06
N THR C 312 25.57 -26.28 15.40
CA THR C 312 25.43 -26.22 13.93
C THR C 312 26.52 -27.05 13.21
N ASP C 313 26.12 -27.71 12.13
CA ASP C 313 27.04 -28.45 11.25
C ASP C 313 27.11 -27.76 9.90
N GLU C 314 28.20 -27.02 9.68
CA GLU C 314 28.48 -26.36 8.40
C GLU C 314 30.00 -26.38 8.24
N GLN C 315 30.49 -26.36 7.00
CA GLN C 315 31.95 -26.49 6.76
C GLN C 315 32.80 -25.36 7.38
N ALA C 316 32.39 -24.10 7.18
CA ALA C 316 33.08 -22.94 7.78
C ALA C 316 33.01 -22.94 9.32
N VAL C 317 31.81 -23.17 9.84
CA VAL C 317 31.58 -23.27 11.29
C VAL C 317 32.44 -24.40 11.89
N ASN C 318 32.54 -25.52 11.17
CA ASN C 318 33.41 -26.64 11.57
C ASN C 318 34.90 -26.29 11.47
N ILE C 319 35.31 -25.57 10.43
CA ILE C 319 36.67 -25.02 10.36
C ILE C 319 36.97 -24.14 11.59
N CYS C 320 36.03 -23.26 11.92
CA CYS C 320 36.15 -22.40 13.10
C CYS C 320 36.17 -23.20 14.43
N LYS C 321 35.33 -24.22 14.53
CA LYS C 321 35.31 -25.11 15.70
C LYS C 321 36.61 -25.92 15.87
N ALA C 322 37.11 -26.41 14.74
CA ALA C 322 38.42 -27.09 14.68
C ALA C 322 39.54 -26.14 15.06
N ALA C 323 39.51 -24.92 14.52
CA ALA C 323 40.51 -23.90 14.87
C ALA C 323 40.46 -23.51 16.36
N LEU C 324 39.26 -23.25 16.87
CA LEU C 324 39.09 -22.92 18.31
C LEU C 324 39.23 -24.12 19.24
N GLY C 325 39.21 -25.33 18.70
CA GLY C 325 39.48 -26.53 19.48
C GLY C 325 38.25 -26.90 20.28
N ILE C 326 37.19 -27.20 19.55
CA ILE C 326 35.93 -27.67 20.15
C ILE C 326 35.30 -28.72 19.23
N ARG C 327 34.82 -29.82 19.82
CA ARG C 327 34.39 -31.00 19.05
C ARG C 327 33.29 -30.68 18.04
N ILE C 328 33.67 -30.72 16.76
CA ILE C 328 32.80 -30.39 15.61
C ILE C 328 31.32 -30.61 15.90
N ASN C 329 30.96 -31.87 16.16
CA ASN C 329 29.58 -32.26 16.44
C ASN C 329 29.58 -33.67 17.02
N SER C 331 29.24 -36.66 16.80
CA SER C 331 28.46 -37.89 16.90
C SER C 331 27.04 -37.63 17.38
N PHE C 332 26.18 -38.62 17.21
CA PHE C 332 24.78 -38.52 17.66
C PHE C 332 24.17 -39.93 17.78
N SER C 333 22.88 -40.03 18.03
CA SER C 333 22.21 -41.33 18.11
C SER C 333 20.85 -41.36 17.42
N PHE C 334 20.43 -42.58 17.06
CA PHE C 334 19.18 -42.80 16.34
C PHE C 334 18.78 -44.28 16.40
N GLY C 335 17.48 -44.53 16.63
CA GLY C 335 16.89 -45.87 16.65
C GLY C 335 17.50 -46.86 17.62
N GLY C 336 18.14 -46.36 18.68
CA GLY C 336 18.92 -47.18 19.59
C GLY C 336 20.42 -47.08 19.39
N TYR C 337 20.85 -46.86 18.15
CA TYR C 337 22.27 -46.95 17.80
C TYR C 337 22.95 -45.58 17.88
N ASN C 338 24.26 -45.58 18.07
CA ASN C 338 25.07 -44.36 18.11
C ASN C 338 25.86 -44.24 16.82
N PHE C 339 25.65 -43.12 16.12
CA PHE C 339 26.31 -42.80 14.86
C PHE C 339 27.44 -41.79 15.10
N LYS C 340 28.60 -42.05 14.49
CA LYS C 340 29.73 -41.12 14.52
C LYS C 340 30.25 -40.94 13.10
N ARG C 341 30.17 -39.70 12.58
CA ARG C 341 30.58 -39.42 11.21
C ARG C 341 32.09 -39.26 11.10
N VAL C 342 32.69 -40.07 10.24
CA VAL C 342 34.14 -40.15 10.07
C VAL C 342 34.63 -39.26 8.93
N LYS C 343 33.90 -39.26 7.82
CA LYS C 343 34.31 -38.58 6.60
C LYS C 343 33.11 -37.97 5.88
N GLY C 344 33.35 -36.82 5.24
CA GLY C 344 32.36 -36.16 4.39
C GLY C 344 31.53 -35.11 5.11
N SER C 345 30.40 -34.78 4.49
CA SER C 345 29.47 -33.78 5.01
C SER C 345 28.17 -33.81 4.22
N SER C 346 27.12 -33.18 4.75
CA SER C 346 25.84 -33.10 4.05
C SER C 346 25.08 -31.80 4.30
N GLN C 347 24.43 -31.32 3.24
CA GLN C 347 23.56 -30.16 3.33
C GLN C 347 22.14 -30.62 3.59
N ARG C 348 21.41 -29.78 4.32
CA ARG C 348 20.09 -30.09 4.86
C ARG C 348 19.01 -29.38 4.05
N THR C 349 18.07 -30.17 3.51
CA THR C 349 16.96 -29.64 2.71
C THR C 349 15.66 -30.18 3.30
N GLU C 350 14.80 -29.29 3.79
CA GLU C 350 13.50 -29.68 4.32
C GLU C 350 12.55 -29.93 3.14
N LYS C 351 11.89 -31.08 3.13
CA LYS C 351 10.99 -31.46 2.02
C LYS C 351 9.76 -32.20 2.48
N ALA C 352 8.77 -32.28 1.58
CA ALA C 352 7.58 -33.12 1.77
C ALA C 352 7.66 -34.26 0.77
N VAL C 353 7.39 -35.49 1.24
CA VAL C 353 7.46 -36.67 0.37
C VAL C 353 6.36 -37.68 0.70
N LEU C 354 6.05 -38.53 -0.28
CA LEU C 354 4.92 -39.46 -0.22
C LEU C 354 5.35 -40.89 0.12
N THR C 355 4.64 -41.52 1.06
CA THR C 355 4.83 -42.95 1.36
C THR C 355 4.17 -43.80 0.26
N GLY C 356 4.30 -45.13 0.35
CA GLY C 356 3.67 -46.03 -0.64
C GLY C 356 2.16 -46.02 -0.56
N ASN C 357 1.62 -45.64 0.61
CA ASN C 357 0.19 -45.31 0.75
C ASN C 357 -0.14 -43.82 0.46
N LEU C 358 0.76 -43.11 -0.24
CA LEU C 358 0.54 -41.71 -0.64
C LEU C 358 0.34 -40.70 0.51
N GLN C 359 0.88 -41.02 1.69
CA GLN C 359 0.84 -40.13 2.85
C GLN C 359 2.02 -39.17 2.75
N THR C 360 1.77 -37.88 3.00
CA THR C 360 2.80 -36.84 2.90
C THR C 360 3.51 -36.62 4.24
N LEU C 361 4.75 -37.10 4.33
CA LEU C 361 5.63 -36.85 5.48
C LEU C 361 6.55 -35.67 5.16
N THR C 362 6.88 -34.88 6.18
CA THR C 362 7.73 -33.70 6.03
C THR C 362 9.11 -33.94 6.66
N MET C 363 10.05 -34.38 5.81
CA MET C 363 11.42 -34.72 6.22
C MET C 363 12.35 -33.51 6.22
N THR C 364 13.45 -33.64 6.96
CA THR C 364 14.63 -32.78 6.79
C THR C 364 15.72 -33.62 6.13
N ILE C 365 15.63 -33.77 4.81
CA ILE C 365 16.50 -34.66 4.03
C ILE C 365 17.94 -34.15 3.93
N PHE C 366 18.89 -35.09 3.96
CA PHE C 366 20.32 -34.80 3.96
C PHE C 366 20.90 -35.18 2.60
N GLU C 367 21.58 -34.23 1.93
CA GLU C 367 22.25 -34.51 0.67
C GLU C 367 23.76 -34.36 0.82
N GLY C 368 24.50 -35.37 0.40
CA GLY C 368 25.98 -35.39 0.49
C GLY C 368 26.54 -36.76 0.81
N TYR C 369 27.77 -37.03 0.32
CA TYR C 369 28.48 -38.25 0.64
C TYR C 369 28.95 -38.17 2.09
N GLU C 370 28.58 -39.17 2.88
CA GLU C 370 28.96 -39.25 4.30
C GLU C 370 29.39 -40.66 4.66
N GLU C 371 30.32 -40.76 5.60
CA GLU C 371 30.76 -42.06 6.12
C GLU C 371 30.57 -42.08 7.64
N PHE C 372 29.91 -43.13 8.16
CA PHE C 372 29.66 -43.28 9.60
C PHE C 372 30.20 -44.58 10.17
N ASN C 373 30.70 -44.50 11.41
CA ASN C 373 30.81 -45.65 12.31
C ASN C 373 29.56 -45.64 13.16
N VAL C 374 28.74 -46.69 12.99
CA VAL C 374 27.49 -46.85 13.73
C VAL C 374 27.69 -48.00 14.71
N SER C 375 27.27 -47.83 15.97
CA SER C 375 27.44 -48.89 16.98
C SER C 375 26.32 -48.96 17.99
N GLY C 376 26.39 -49.94 18.88
CA GLY C 376 25.49 -50.04 20.02
C GLY C 376 25.25 -51.47 20.48
N LYS C 377 24.08 -51.65 21.09
CA LYS C 377 23.53 -52.97 21.46
C LYS C 377 23.85 -54.14 20.50
N ARG C 378 24.86 -54.93 20.87
CA ARG C 378 25.11 -56.25 20.25
C ARG C 378 25.41 -56.26 18.74
N ALA C 379 25.64 -55.08 18.16
CA ALA C 379 25.72 -54.93 16.70
C ALA C 379 26.41 -53.62 16.33
N SER C 380 27.37 -53.69 15.40
CA SER C 380 28.07 -52.51 14.91
C SER C 380 28.04 -52.52 13.39
N ALA C 381 28.25 -51.36 12.79
CA ALA C 381 28.36 -51.27 11.33
C ALA C 381 29.13 -50.05 10.87
N VAL C 382 29.68 -50.14 9.66
CA VAL C 382 30.20 -48.96 8.96
C VAL C 382 29.26 -48.65 7.81
N LEU C 383 28.87 -47.37 7.71
CA LEU C 383 27.92 -46.89 6.72
C LEU C 383 28.55 -45.88 5.76
N LYS C 384 28.16 -45.99 4.50
CA LYS C 384 28.51 -45.06 3.44
C LYS C 384 27.20 -44.57 2.83
N LYS C 385 26.87 -43.31 3.11
CA LYS C 385 25.58 -42.74 2.72
C LYS C 385 25.74 -41.67 1.64
N GLY C 386 24.87 -41.72 0.65
CA GLY C 386 24.68 -40.64 -0.31
C GLY C 386 23.30 -40.04 -0.16
N ALA C 387 23.05 -38.95 -0.89
CA ALA C 387 21.76 -38.24 -0.86
C ALA C 387 20.59 -39.19 -1.16
N GLN C 388 19.84 -39.53 -0.12
CA GLN C 388 18.80 -40.58 -0.20
C GLN C 388 19.34 -41.90 -0.80
N ARG C 389 20.51 -42.32 -0.34
CA ARG C 389 21.22 -43.49 -0.90
C ARG C 389 22.03 -44.22 0.17
N LEU C 390 21.85 -45.54 0.26
CA LEU C 390 22.74 -46.40 1.03
C LEU C 390 23.77 -46.94 0.04
N ILE C 391 24.96 -46.37 0.06
CA ILE C 391 26.01 -46.76 -0.89
C ILE C 391 26.56 -48.12 -0.48
N GLN C 392 26.99 -48.22 0.78
CA GLN C 392 27.45 -49.50 1.36
C GLN C 392 27.34 -49.52 2.88
N ALA C 393 26.86 -50.63 3.43
CA ALA C 393 26.81 -50.84 4.88
C ALA C 393 27.47 -52.17 5.21
N ILE C 394 28.60 -52.11 5.93
CA ILE C 394 29.23 -53.33 6.43
C ILE C 394 28.78 -53.52 7.87
N ILE C 395 27.97 -54.56 8.10
CA ILE C 395 27.34 -54.83 9.40
C ILE C 395 27.91 -56.10 10.08
N GLY C 396 28.14 -55.98 11.38
CA GLY C 396 28.53 -57.09 12.24
C GLY C 396 27.67 -57.09 13.50
N GLY C 397 27.51 -58.26 14.10
CA GLY C 397 26.75 -58.38 15.34
C GLY C 397 26.91 -59.72 16.01
N ARG C 398 26.46 -59.78 17.25
CA ARG C 398 26.51 -61.01 18.04
C ARG C 398 25.33 -61.97 17.75
N THR C 399 24.33 -61.50 17.01
CA THR C 399 23.24 -62.36 16.52
C THR C 399 22.69 -61.86 15.18
N LEU C 400 22.30 -62.80 14.33
CA LEU C 400 21.72 -62.46 13.03
C LEU C 400 20.57 -61.49 13.23
N GLU C 401 19.69 -61.76 14.19
CA GLU C 401 18.67 -60.80 14.64
C GLU C 401 19.21 -59.37 14.85
N ASP C 402 20.26 -59.27 15.67
CA ASP C 402 20.86 -57.98 16.03
C ASP C 402 21.51 -57.29 14.83
N ILE C 403 22.08 -58.08 13.93
CA ILE C 403 22.50 -57.58 12.63
C ILE C 403 21.28 -57.00 11.91
N LEU C 404 20.35 -57.87 11.53
CA LEU C 404 19.13 -57.49 10.80
C LEU C 404 18.45 -56.22 11.35
N ASN C 405 18.37 -56.11 12.69
CA ASN C 405 17.79 -54.91 13.33
C ASN C 405 18.54 -53.63 12.91
N LEU C 406 19.85 -53.68 13.05
CA LEU C 406 20.72 -52.58 12.62
C LEU C 406 20.61 -52.37 11.10
N MET C 407 20.53 -53.45 10.32
CA MET C 407 20.33 -53.33 8.88
C MET C 407 19.06 -52.53 8.59
N ILE C 408 17.95 -52.89 9.24
CA ILE C 408 16.69 -52.12 9.05
C ILE C 408 16.88 -50.68 9.51
N THR C 409 17.49 -50.50 10.68
CA THR C 409 17.78 -49.15 11.18
C THR C 409 18.57 -48.27 10.17
N LEU C 410 19.61 -48.84 9.56
CA LEU C 410 20.40 -48.13 8.55
C LEU C 410 19.61 -47.93 7.26
N MET C 411 19.01 -49.00 6.76
CA MET C 411 18.14 -48.93 5.57
C MET C 411 17.05 -47.86 5.71
N VAL C 412 16.57 -47.64 6.94
CA VAL C 412 15.73 -46.48 7.22
C VAL C 412 16.53 -45.18 7.06
N PHE C 413 17.60 -45.10 7.86
CA PHE C 413 18.46 -43.91 7.96
C PHE C 413 18.96 -43.37 6.60
N SER C 414 19.11 -44.26 5.62
CA SER C 414 19.46 -43.86 4.26
C SER C 414 18.49 -42.85 3.64
N GLN C 415 17.21 -42.90 4.02
CA GLN C 415 16.14 -42.07 3.44
C GLN C 415 15.90 -42.37 1.95
N GLU C 416 16.08 -43.63 1.55
CA GLU C 416 15.93 -44.01 0.14
C GLU C 416 14.48 -43.91 -0.35
N GLU C 417 14.31 -43.71 -1.66
CA GLU C 417 12.98 -43.76 -2.28
C GLU C 417 12.37 -45.14 -2.05
N LYS C 418 13.12 -46.18 -2.42
CA LYS C 418 12.78 -47.58 -2.14
C LYS C 418 12.00 -47.78 -0.86
N MET C 419 12.57 -47.30 0.25
CA MET C 419 12.01 -47.53 1.58
C MET C 419 10.72 -46.73 1.81
N LEU C 420 10.59 -45.57 1.17
CA LEU C 420 9.34 -44.78 1.28
C LEU C 420 8.25 -45.39 0.39
N LYS C 421 8.55 -45.54 -0.91
CA LYS C 421 7.79 -46.39 -1.84
C LYS C 421 7.29 -47.68 -1.18
N ALA C 422 8.14 -48.31 -0.37
CA ALA C 422 7.79 -49.54 0.35
C ALA C 422 6.67 -49.43 1.39
N VAL C 423 6.44 -48.23 1.97
CA VAL C 423 5.46 -48.08 3.07
C VAL C 423 4.01 -48.20 2.58
N ARG C 424 3.40 -49.34 2.91
CA ARG C 424 1.96 -49.59 2.74
C ARG C 424 1.23 -49.17 4.02
N GLY C 425 0.02 -48.65 3.88
CA GLY C 425 -0.75 -48.12 5.01
C GLY C 425 -0.30 -46.77 5.53
N ASP C 426 -1.06 -46.25 6.50
CA ASP C 426 -0.74 -44.98 7.17
C ASP C 426 0.13 -45.21 8.40
N LEU C 427 0.88 -44.18 8.77
CA LEU C 427 1.78 -44.20 9.93
C LEU C 427 1.26 -43.26 11.01
N ASN C 428 0.62 -43.84 12.04
CA ASN C 428 0.07 -43.08 13.17
C ASN C 428 0.70 -43.48 14.50
N PHE C 429 2.02 -43.71 14.49
CA PHE C 429 2.74 -44.14 15.69
C PHE C 429 2.93 -42.98 16.68
N VAL C 430 2.84 -43.31 17.97
CA VAL C 430 2.83 -42.32 19.04
C VAL C 430 3.89 -42.66 20.09
N ASN C 434 1.55 -39.44 24.80
CA ASN C 434 0.80 -39.16 23.59
C ASN C 434 1.60 -38.35 22.55
N GLN C 435 2.93 -38.39 22.65
CA GLN C 435 3.81 -37.65 21.73
C GLN C 435 3.94 -38.41 20.41
N ARG C 436 3.48 -37.80 19.31
CA ARG C 436 3.57 -38.41 17.98
C ARG C 436 5.01 -38.26 17.48
N LEU C 437 5.68 -39.38 17.24
CA LEU C 437 7.09 -39.38 16.86
C LEU C 437 7.31 -38.79 15.47
N ASN C 438 8.50 -38.24 15.26
CA ASN C 438 8.86 -37.62 13.97
C ASN C 438 8.97 -38.68 12.85
N PRO C 439 8.80 -38.25 11.57
CA PRO C 439 8.75 -39.21 10.45
C PRO C 439 9.88 -40.23 10.42
N MET C 440 11.11 -39.77 10.67
CA MET C 440 12.29 -40.65 10.77
C MET C 440 12.04 -41.83 11.70
N TYR C 441 11.42 -41.55 12.84
CA TYR C 441 11.02 -42.62 13.77
C TYR C 441 9.77 -43.35 13.30
N GLN C 442 8.76 -42.61 12.85
CA GLN C 442 7.53 -43.24 12.28
C GLN C 442 7.91 -44.40 11.34
N LEU C 443 8.77 -44.08 10.38
CA LEU C 443 9.27 -45.06 9.41
C LEU C 443 9.99 -46.23 10.07
N LEU C 444 10.81 -45.95 11.09
CA LEU C 444 11.54 -47.01 11.79
C LEU C 444 10.55 -47.95 12.50
N ARG C 445 9.78 -47.38 13.44
CA ARG C 445 8.82 -48.14 14.25
C ARG C 445 7.73 -48.79 13.38
N HIS C 446 7.51 -48.28 12.16
CA HIS C 446 6.80 -49.05 11.14
C HIS C 446 7.59 -50.31 10.75
N PHE C 447 8.75 -50.09 10.13
CA PHE C 447 9.47 -51.18 9.42
C PHE C 447 10.04 -52.26 10.35
N GLN C 448 10.35 -51.88 11.58
CA GLN C 448 10.66 -52.85 12.63
C GLN C 448 9.48 -53.79 12.87
N LYS C 449 8.27 -53.23 12.91
CA LYS C 449 7.07 -54.04 13.07
C LYS C 449 6.72 -54.80 11.79
N ASP C 450 6.99 -54.20 10.62
CA ASP C 450 6.84 -54.94 9.36
C ASP C 450 7.80 -54.48 8.24
N SER C 451 8.93 -55.19 8.14
CA SER C 451 9.87 -55.05 7.00
C SER C 451 9.65 -56.08 5.89
N SER C 452 8.45 -56.68 5.80
CA SER C 452 8.19 -57.73 4.82
C SER C 452 8.29 -57.22 3.37
N THR C 453 7.67 -56.06 3.10
CA THR C 453 7.67 -55.47 1.75
C THR C 453 9.03 -54.81 1.45
N LEU C 454 9.53 -54.05 2.42
CA LEU C 454 10.82 -53.36 2.33
C LEU C 454 11.93 -54.19 1.70
N LEU C 455 12.07 -55.43 2.18
CA LEU C 455 13.07 -56.35 1.66
C LEU C 455 12.70 -56.90 0.28
N LYS C 456 11.40 -57.12 0.03
CA LYS C 456 10.92 -57.51 -1.31
C LYS C 456 11.21 -56.45 -2.36
N ASN C 457 11.17 -55.17 -1.96
CA ASN C 457 11.44 -54.05 -2.86
C ASN C 457 12.88 -53.50 -2.83
N TRP C 458 13.67 -53.82 -1.80
CA TRP C 458 15.03 -53.28 -1.68
C TRP C 458 15.98 -53.78 -2.78
N GLY C 459 15.86 -55.05 -3.15
CA GLY C 459 16.60 -55.60 -4.30
C GLY C 459 17.97 -56.16 -4.00
N THR C 460 18.49 -56.91 -4.96
CA THR C 460 19.63 -57.82 -4.76
C THR C 460 20.74 -57.61 -5.79
N GLU C 461 21.99 -57.61 -5.31
CA GLU C 461 23.18 -57.69 -6.15
C GLU C 461 23.75 -59.09 -6.12
N GLU C 462 24.33 -59.51 -7.25
CA GLU C 462 25.36 -60.53 -7.25
C GLU C 462 26.68 -59.85 -6.91
N ILE C 463 27.50 -60.50 -6.08
CA ILE C 463 28.78 -59.93 -5.62
C ILE C 463 29.90 -60.95 -5.62
N ASP C 464 31.13 -60.45 -5.58
CA ASP C 464 32.32 -61.29 -5.67
C ASP C 464 32.63 -61.84 -4.27
N PRO C 465 32.79 -63.19 -4.14
CA PRO C 465 33.00 -63.80 -2.83
C PRO C 465 34.37 -63.49 -2.23
N ILE C 466 34.38 -63.03 -0.98
CA ILE C 466 35.59 -62.64 -0.26
C ILE C 466 35.61 -63.35 1.10
N MET C 467 36.80 -63.73 1.56
CA MET C 467 36.96 -64.43 2.85
C MET C 467 36.70 -63.46 4.00
N GLY C 468 35.70 -63.77 4.81
CA GLY C 468 35.29 -62.89 5.93
C GLY C 468 33.96 -62.19 5.68
N ILE C 469 33.72 -61.79 4.43
CA ILE C 469 32.51 -61.02 4.07
C ILE C 469 31.44 -61.98 3.56
N ALA C 470 30.18 -61.65 3.80
CA ALA C 470 29.07 -62.45 3.31
C ALA C 470 27.86 -61.60 3.06
N GLY C 471 26.97 -62.10 2.22
CA GLY C 471 25.79 -61.35 1.82
C GLY C 471 24.53 -61.86 2.47
N ILE C 472 23.54 -60.97 2.61
CA ILE C 472 22.24 -61.32 3.22
C ILE C 472 21.12 -61.21 2.18
N MET C 473 20.23 -62.20 2.19
CA MET C 473 19.12 -62.28 1.24
C MET C 473 17.81 -61.78 1.86
N PRO C 474 16.85 -61.34 1.01
CA PRO C 474 15.59 -60.78 1.50
C PRO C 474 14.78 -61.72 2.39
N ASP C 475 14.87 -63.02 2.12
CA ASP C 475 14.27 -64.05 3.00
C ASP C 475 15.03 -64.31 4.32
N GLY C 476 16.13 -63.62 4.60
CA GLY C 476 16.91 -63.82 5.82
C GLY C 476 18.10 -64.76 5.69
N THR C 477 18.18 -65.51 4.59
CA THR C 477 19.31 -66.39 4.28
C THR C 477 20.64 -65.65 4.15
N ILE C 478 21.73 -66.33 4.48
CA ILE C 478 23.07 -65.84 4.18
C ILE C 478 23.55 -66.52 2.90
N ASN C 479 24.11 -65.70 2.01
CA ASN C 479 24.56 -66.14 0.70
C ASN C 479 25.94 -65.53 0.47
N LYS C 480 26.83 -66.32 -0.09
CA LYS C 480 28.21 -65.89 -0.29
C LYS C 480 28.29 -64.86 -1.43
N THR C 481 27.58 -65.13 -2.52
CA THR C 481 27.71 -64.38 -3.77
C THR C 481 26.48 -63.56 -4.17
N GLN C 482 25.46 -63.52 -3.32
CA GLN C 482 24.28 -62.66 -3.54
C GLN C 482 24.06 -61.84 -2.28
N THR C 483 23.49 -60.65 -2.42
CA THR C 483 23.23 -59.81 -1.24
C THR C 483 22.20 -58.72 -1.49
N LEU C 484 21.62 -58.20 -0.41
CA LEU C 484 20.75 -57.03 -0.51
C LEU C 484 21.54 -55.78 -0.90
N MET C 485 20.95 -54.98 -1.78
CA MET C 485 21.59 -53.78 -2.35
C MET C 485 22.40 -52.97 -1.34
N GLY C 486 23.71 -53.05 -1.45
CA GLY C 486 24.62 -52.26 -0.65
C GLY C 486 24.97 -52.82 0.72
N VAL C 487 24.38 -53.96 1.11
CA VAL C 487 24.60 -54.50 2.45
C VAL C 487 25.64 -55.62 2.41
N ARG C 488 26.57 -55.60 3.36
CA ARG C 488 27.59 -56.65 3.51
C ARG C 488 27.72 -57.02 4.98
N LEU C 489 27.55 -58.30 5.32
CA LEU C 489 27.76 -58.80 6.68
C LEU C 489 29.19 -59.26 6.87
N SER C 490 29.80 -58.86 7.98
CA SER C 490 31.19 -59.27 8.28
C SER C 490 31.55 -59.07 9.76
N GLN C 491 32.11 -60.11 10.38
CA GLN C 491 32.54 -60.02 11.78
C GLN C 491 33.89 -59.33 11.90
N ARG C 504 40.53 -38.14 16.58
CA ARG C 504 41.25 -36.90 16.86
C ARG C 504 41.50 -36.10 15.57
N VAL C 505 41.17 -34.81 15.62
CA VAL C 505 41.19 -33.92 14.46
C VAL C 505 42.23 -32.82 14.67
N ASN C 506 42.85 -32.35 13.57
CA ASN C 506 43.74 -31.18 13.61
C ASN C 506 43.50 -30.26 12.41
N ILE C 507 44.09 -29.07 12.50
CA ILE C 507 43.95 -28.04 11.48
C ILE C 507 45.26 -27.26 11.31
N ASP C 508 45.71 -27.14 10.07
CA ASP C 508 47.01 -26.51 9.76
C ASP C 508 46.90 -25.02 9.42
N LYS C 509 48.07 -24.38 9.29
CA LYS C 509 48.22 -22.98 8.86
C LYS C 509 47.13 -22.50 7.89
N TYR C 510 46.98 -23.22 6.78
CA TYR C 510 46.04 -22.86 5.72
C TYR C 510 44.62 -23.49 5.85
N LEU C 511 44.19 -23.77 7.09
CA LEU C 511 42.79 -24.14 7.39
C LEU C 511 42.27 -25.46 6.78
N ARG C 512 43.17 -26.37 6.40
CA ARG C 512 42.79 -27.71 5.97
C ARG C 512 42.55 -28.52 7.24
N VAL C 513 41.43 -29.23 7.33
CA VAL C 513 41.14 -30.04 8.52
C VAL C 513 41.54 -31.49 8.27
N ARG C 514 42.54 -31.96 9.02
CA ARG C 514 43.09 -33.32 8.86
C ARG C 514 42.62 -34.19 10.02
N ASN C 515 42.41 -35.49 9.78
CA ASN C 515 42.22 -36.44 10.89
C ASN C 515 43.58 -36.95 11.39
N GLU C 516 43.58 -37.68 12.51
CA GLU C 516 44.83 -38.23 13.09
C GLU C 516 45.69 -39.06 12.11
N LYS C 517 45.03 -39.75 11.18
CA LYS C 517 45.71 -40.50 10.11
C LYS C 517 46.40 -39.61 9.05
N GLY C 518 46.01 -38.34 8.98
CA GLY C 518 46.57 -37.39 7.99
C GLY C 518 45.69 -37.21 6.76
N GLU C 519 44.43 -37.67 6.84
CA GLU C 519 43.48 -37.58 5.74
C GLU C 519 42.61 -36.32 5.88
N LEU C 520 42.24 -35.77 4.73
CA LEU C 520 41.53 -34.50 4.64
C LEU C 520 40.03 -34.70 4.89
N LEU C 521 39.50 -34.03 5.91
CA LEU C 521 38.07 -34.04 6.22
C LEU C 521 37.36 -32.84 5.58
N ILE C 522 37.89 -31.65 5.84
CA ILE C 522 37.27 -30.37 5.43
C ILE C 522 38.33 -29.46 4.81
N SER C 523 37.96 -28.82 3.70
CA SER C 523 38.86 -27.99 2.90
C SER C 523 38.22 -26.60 2.63
N PRO C 524 38.98 -25.50 2.85
CA PRO C 524 38.44 -24.14 2.57
C PRO C 524 38.10 -23.88 1.09
N GLU C 525 38.65 -24.69 0.18
CA GLU C 525 38.20 -24.73 -1.21
C GLU C 525 36.73 -25.19 -1.35
N GLU C 526 36.27 -26.04 -0.43
CA GLU C 526 34.90 -26.59 -0.48
C GLU C 526 33.84 -25.64 0.13
N VAL C 527 34.26 -24.62 0.87
CA VAL C 527 33.32 -23.71 1.59
C VAL C 527 32.61 -22.76 0.63
N SER C 528 31.29 -22.73 0.71
CA SER C 528 30.45 -21.91 -0.19
C SER C 528 30.46 -20.44 0.21
N GLU C 529 29.88 -19.62 -0.67
CA GLU C 529 29.71 -18.18 -0.42
C GLU C 529 28.57 -17.93 0.56
N ALA C 530 28.61 -16.79 1.25
CA ALA C 530 27.54 -16.37 2.16
C ALA C 530 26.29 -16.01 1.35
N GLN C 531 25.22 -16.75 1.59
CA GLN C 531 24.07 -16.78 0.66
C GLN C 531 23.16 -15.55 0.78
N GLY C 532 22.34 -15.51 1.82
CA GLY C 532 21.30 -14.49 1.95
C GLY C 532 21.84 -13.21 2.55
N GLN C 533 21.11 -12.69 3.54
CA GLN C 533 21.53 -11.53 4.31
C GLN C 533 21.29 -11.80 5.80
N GLU C 534 22.25 -11.42 6.62
CA GLU C 534 22.22 -11.68 8.07
C GLU C 534 20.90 -11.33 8.74
N LYS C 535 20.43 -12.20 9.63
CA LYS C 535 19.17 -12.03 10.35
C LYS C 535 19.39 -11.13 11.55
N LEU C 536 20.37 -11.52 12.37
CA LEU C 536 20.86 -10.75 13.53
C LEU C 536 22.15 -10.02 13.14
N PRO C 537 22.54 -8.97 13.91
CA PRO C 537 23.69 -8.17 13.50
C PRO C 537 25.03 -8.78 13.89
N ILE C 538 26.00 -8.71 12.97
CA ILE C 538 27.35 -9.23 13.18
C ILE C 538 28.29 -8.05 13.41
N ASN C 539 29.08 -8.12 14.49
CA ASN C 539 30.03 -7.07 14.87
C ASN C 539 31.47 -7.63 14.96
N TYR C 540 32.24 -7.43 13.89
CA TYR C 540 33.68 -7.75 13.88
C TYR C 540 34.45 -6.58 14.49
N ASN C 541 35.28 -6.85 15.50
CA ASN C 541 36.20 -5.85 16.05
C ASN C 541 37.61 -6.22 15.59
N SER C 542 37.80 -6.29 14.27
CA SER C 542 39.05 -6.81 13.69
C SER C 542 39.57 -5.94 12.54
N SER C 543 40.79 -5.43 12.70
CA SER C 543 41.47 -4.62 11.68
C SER C 543 41.56 -5.27 10.30
N LEU C 544 41.60 -6.60 10.26
CA LEU C 544 41.55 -7.37 9.01
C LEU C 544 40.23 -7.16 8.26
N MET C 545 39.14 -6.96 8.99
CA MET C 545 37.82 -6.70 8.40
C MET C 545 37.53 -5.19 8.40
N TRP C 546 36.75 -4.73 7.41
CA TRP C 546 36.28 -3.33 7.41
C TRP C 546 35.22 -3.14 8.48
N GLU C 547 34.94 -1.88 8.81
CA GLU C 547 33.98 -1.55 9.87
C GLU C 547 32.53 -1.94 9.52
N VAL C 548 32.21 -1.96 8.23
CA VAL C 548 30.86 -2.26 7.74
C VAL C 548 30.84 -3.68 7.17
N ASN C 549 29.67 -4.33 7.25
CA ASN C 549 29.50 -5.72 6.83
C ASN C 549 29.16 -5.82 5.34
N GLY C 550 29.33 -7.01 4.78
CA GLY C 550 28.97 -7.29 3.37
C GLY C 550 30.01 -6.84 2.36
N PRO C 551 29.75 -7.06 1.06
CA PRO C 551 30.68 -6.72 -0.05
C PRO C 551 30.67 -5.27 -0.58
N GLU C 552 29.47 -4.65 -0.62
CA GLU C 552 29.32 -3.27 -1.10
C GLU C 552 30.20 -2.34 -0.25
N SER C 553 30.06 -2.52 1.06
CA SER C 553 31.04 -2.06 2.05
C SER C 553 32.48 -2.23 1.58
N ILE C 554 32.89 -3.46 1.29
CA ILE C 554 34.26 -3.76 0.86
C ILE C 554 34.65 -2.90 -0.35
N LEU C 555 33.82 -2.92 -1.40
CA LEU C 555 34.13 -2.12 -2.59
C LEU C 555 34.26 -0.63 -2.26
N THR C 556 33.24 -0.09 -1.59
CA THR C 556 33.20 1.35 -1.29
C THR C 556 34.37 1.78 -0.40
N ASN C 557 34.61 1.06 0.70
CA ASN C 557 35.76 1.34 1.58
C ASN C 557 37.11 1.16 0.88
N THR C 558 37.25 0.06 0.14
CA THR C 558 38.48 -0.20 -0.62
C THR C 558 38.77 0.91 -1.63
N TYR C 559 37.74 1.36 -2.35
CA TYR C 559 37.95 2.51 -3.25
C TYR C 559 38.06 3.86 -2.52
N HIS C 560 37.52 3.95 -1.30
CA HIS C 560 37.59 5.17 -0.47
C HIS C 560 39.01 5.39 0.07
N TRP C 561 39.50 4.39 0.80
CA TRP C 561 40.86 4.38 1.35
C TRP C 561 41.90 4.85 0.31
N ILE C 562 41.79 4.29 -0.90
CA ILE C 562 42.63 4.67 -2.05
C ILE C 562 42.58 6.18 -2.31
N ILE C 563 41.38 6.74 -2.39
CA ILE C 563 41.19 8.15 -2.73
C ILE C 563 41.68 9.03 -1.57
N LYS C 564 41.36 8.63 -0.35
CA LYS C 564 41.81 9.35 0.84
C LYS C 564 43.34 9.35 0.95
N ASN C 565 43.98 8.23 0.61
CA ASN C 565 45.45 8.15 0.63
C ASN C 565 46.07 8.08 -0.77
N TRP C 566 45.48 8.81 -1.73
CA TRP C 566 45.94 8.74 -3.13
C TRP C 566 47.37 9.23 -3.33
N GLU C 567 47.62 10.50 -2.99
CA GLU C 567 48.93 11.13 -3.19
C GLU C 567 50.08 10.33 -2.57
N LEU C 568 49.84 9.78 -1.38
CA LEU C 568 50.77 8.83 -0.74
C LEU C 568 51.06 7.64 -1.65
N LEU C 569 50.02 6.99 -2.16
CA LEU C 569 50.17 5.76 -2.93
C LEU C 569 50.60 5.97 -4.39
N LYS C 570 50.43 7.18 -4.92
CA LYS C 570 50.79 7.52 -6.31
C LYS C 570 52.31 7.47 -6.54
N THR C 571 53.07 8.00 -5.58
CA THR C 571 54.52 7.89 -5.60
C THR C 571 54.95 6.44 -5.34
N GLN C 572 54.30 5.79 -4.37
CA GLN C 572 54.51 4.37 -4.06
C GLN C 572 54.27 3.46 -5.27
N TRP C 573 53.38 3.88 -6.16
CA TRP C 573 53.18 3.24 -7.47
C TRP C 573 54.40 3.41 -8.37
N MET C 574 54.97 4.62 -8.40
CA MET C 574 56.14 4.92 -9.24
C MET C 574 57.42 4.24 -8.74
N THR C 575 57.75 4.47 -7.47
CA THR C 575 59.03 4.02 -6.92
C THR C 575 59.05 2.53 -6.57
N ASP C 576 58.31 2.13 -5.53
CA ASP C 576 58.34 0.77 -4.99
C ASP C 576 56.94 0.11 -5.04
N PRO C 577 56.45 -0.23 -6.27
CA PRO C 577 55.11 -0.83 -6.43
C PRO C 577 54.91 -2.16 -5.69
N THR C 578 55.80 -3.12 -5.95
CA THR C 578 55.74 -4.45 -5.34
C THR C 578 55.43 -4.45 -3.82
N VAL C 579 55.81 -3.37 -3.12
CA VAL C 579 55.33 -3.13 -1.76
C VAL C 579 53.86 -2.72 -1.77
N LEU C 580 53.49 -1.77 -2.65
CA LEU C 580 52.11 -1.27 -2.74
C LEU C 580 51.11 -2.41 -2.93
N TYR C 581 51.37 -3.23 -3.95
CA TYR C 581 50.48 -4.34 -4.29
C TYR C 581 50.24 -5.31 -3.12
N ASN C 582 51.22 -5.43 -2.22
CA ASN C 582 51.07 -6.25 -1.00
C ASN C 582 50.40 -5.52 0.19
N ARG C 583 49.79 -4.36 -0.05
CA ARG C 583 49.05 -3.64 1.01
C ARG C 583 47.86 -4.45 1.56
N ILE C 584 47.93 -4.82 2.84
CA ILE C 584 46.90 -5.66 3.47
C ILE C 584 45.49 -5.06 3.48
N GLU C 585 45.37 -3.75 3.22
CA GLU C 585 44.07 -3.13 2.97
C GLU C 585 43.37 -3.66 1.71
N PHE C 586 44.13 -4.17 0.74
CA PHE C 586 43.51 -4.77 -0.47
C PHE C 586 42.99 -6.21 -0.29
N GLU C 587 43.29 -6.86 0.83
CA GLU C 587 42.88 -8.26 1.06
C GLU C 587 41.36 -8.50 1.05
N PRO C 588 40.57 -7.73 1.86
CA PRO C 588 39.10 -7.89 1.80
C PRO C 588 38.48 -7.81 0.39
N PHE C 589 39.03 -6.96 -0.47
CA PHE C 589 38.63 -6.88 -1.88
C PHE C 589 38.81 -8.22 -2.62
N GLN C 590 39.85 -8.96 -2.27
CA GLN C 590 40.17 -10.23 -2.95
C GLN C 590 39.10 -11.31 -2.74
N THR C 591 38.48 -11.35 -1.56
CA THR C 591 37.38 -12.29 -1.27
C THR C 591 36.27 -12.23 -2.34
N LEU C 592 36.03 -11.04 -2.88
CA LEU C 592 35.04 -10.84 -3.93
C LEU C 592 35.45 -11.44 -5.29
N ILE C 593 36.75 -11.60 -5.53
CA ILE C 593 37.26 -12.21 -6.77
C ILE C 593 37.20 -13.74 -6.61
N PRO C 594 36.86 -14.50 -7.68
CA PRO C 594 36.87 -15.97 -7.57
C PRO C 594 38.26 -16.59 -7.54
N LYS C 595 38.41 -17.64 -6.72
CA LYS C 595 39.70 -18.27 -6.36
C LYS C 595 40.77 -18.26 -7.47
N GLY C 596 40.43 -18.87 -8.60
CA GLY C 596 41.36 -19.04 -9.71
C GLY C 596 41.69 -17.80 -10.51
N ASN C 597 40.84 -16.77 -10.43
CA ASN C 597 41.03 -15.56 -11.24
C ASN C 597 42.09 -14.60 -10.68
N ARG C 598 42.29 -14.62 -9.36
CA ARG C 598 43.09 -13.60 -8.66
C ARG C 598 44.49 -13.42 -9.26
N ALA C 599 45.16 -14.54 -9.49
CA ALA C 599 46.52 -14.54 -10.04
C ALA C 599 46.59 -13.89 -11.42
N ILE C 600 45.85 -14.45 -12.38
CA ILE C 600 45.84 -13.93 -13.75
C ILE C 600 45.30 -12.49 -13.83
N TYR C 601 44.31 -12.16 -12.98
CA TYR C 601 43.79 -10.79 -12.85
C TYR C 601 44.88 -9.83 -12.36
N SER C 602 45.56 -10.21 -11.28
CA SER C 602 46.65 -9.40 -10.71
C SER C 602 47.83 -9.27 -11.67
N GLY C 603 48.17 -10.35 -12.37
CA GLY C 603 49.21 -10.32 -13.41
C GLY C 603 48.84 -9.41 -14.56
N PHE C 604 47.62 -9.59 -15.06
CA PHE C 604 47.06 -8.75 -16.13
C PHE C 604 47.10 -7.27 -15.71
N THR C 605 46.61 -6.99 -14.50
CA THR C 605 46.66 -5.63 -13.94
C THR C 605 48.11 -5.11 -13.89
N ARG C 606 48.97 -5.84 -13.19
CA ARG C 606 50.38 -5.47 -13.03
C ARG C 606 51.07 -5.18 -14.37
N THR C 607 50.83 -6.04 -15.37
CA THR C 607 51.33 -5.80 -16.73
C THR C 607 50.78 -4.49 -17.32
N LEU C 608 49.48 -4.26 -17.10
CA LEU C 608 48.82 -3.03 -17.57
C LEU C 608 49.41 -1.78 -16.92
N PHE C 609 49.76 -1.88 -15.63
CA PHE C 609 50.50 -0.80 -14.97
C PHE C 609 51.90 -0.65 -15.53
N GLN C 610 52.64 -1.76 -15.63
CA GLN C 610 53.99 -1.74 -16.18
C GLN C 610 54.00 -1.04 -17.55
N GLN C 611 53.10 -1.44 -18.44
CA GLN C 611 52.92 -0.72 -19.73
C GLN C 611 52.83 0.80 -19.59
N MET C 612 52.09 1.26 -18.57
CA MET C 612 51.95 2.69 -18.30
C MET C 612 53.26 3.35 -17.86
N ARG C 613 54.14 2.58 -17.21
CA ARG C 613 55.48 3.06 -16.83
C ARG C 613 56.43 3.04 -18.03
N ASP C 614 56.42 1.93 -18.76
CA ASP C 614 57.29 1.72 -19.92
C ASP C 614 56.97 2.68 -21.08
N VAL C 615 55.68 2.92 -21.31
CA VAL C 615 55.23 3.94 -22.27
C VAL C 615 54.95 5.25 -21.51
N GLU C 616 55.87 6.20 -21.64
CA GLU C 616 55.78 7.50 -20.97
C GLU C 616 54.73 8.38 -21.64
N GLY C 617 54.26 9.39 -20.90
CA GLY C 617 53.22 10.31 -21.38
C GLY C 617 51.83 9.92 -20.89
N THR C 618 51.45 8.66 -21.12
CA THR C 618 50.15 8.13 -20.68
C THR C 618 50.18 7.89 -19.19
N PHE C 619 49.16 8.40 -18.49
CA PHE C 619 49.02 8.24 -17.05
C PHE C 619 47.57 8.50 -16.65
N ASP C 620 46.84 7.43 -16.34
CA ASP C 620 45.40 7.50 -16.02
C ASP C 620 45.18 7.10 -14.55
N SER C 621 45.38 8.08 -13.68
CA SER C 621 45.16 7.95 -12.23
C SER C 621 43.87 7.22 -11.85
N ILE C 622 42.79 7.51 -12.58
CA ILE C 622 41.50 6.87 -12.34
C ILE C 622 41.55 5.38 -12.72
N GLN C 623 42.17 5.09 -13.87
CA GLN C 623 42.37 3.70 -14.30
C GLN C 623 43.25 2.94 -13.31
N ILE C 624 44.26 3.63 -12.77
CA ILE C 624 45.10 3.06 -11.72
C ILE C 624 44.26 2.77 -10.48
N ILE C 625 43.56 3.79 -9.98
CA ILE C 625 42.67 3.66 -8.80
C ILE C 625 41.71 2.49 -8.99
N LYS C 626 41.09 2.42 -10.16
CA LYS C 626 40.08 1.40 -10.51
C LYS C 626 40.61 -0.02 -10.40
N LEU C 627 41.75 -0.29 -11.05
CA LEU C 627 42.29 -1.64 -11.16
C LEU C 627 43.20 -2.06 -10.00
N LEU C 628 43.87 -1.06 -9.38
CA LEU C 628 44.83 -1.31 -8.29
C LEU C 628 44.43 -2.42 -7.31
N PRO C 629 43.21 -2.35 -6.73
CA PRO C 629 42.82 -3.40 -5.77
C PRO C 629 42.82 -4.85 -6.28
N PHE C 630 42.76 -5.05 -7.60
CA PHE C 630 42.91 -6.40 -8.17
C PHE C 630 44.35 -6.92 -8.13
N SER C 631 45.32 -6.01 -7.99
CA SER C 631 46.74 -6.35 -8.03
C SER C 631 47.28 -7.15 -6.83
N ALA C 632 46.54 -7.21 -5.72
CA ALA C 632 47.04 -7.82 -4.47
C ALA C 632 46.98 -9.36 -4.42
N HIS C 633 47.75 -10.02 -5.28
CA HIS C 633 47.89 -11.48 -5.30
C HIS C 633 49.12 -11.89 -6.14
N PRO C 634 49.83 -12.97 -5.75
CA PRO C 634 50.92 -13.51 -6.58
C PRO C 634 50.51 -13.86 -8.02
N PRO C 635 50.98 -13.08 -9.02
CA PRO C 635 50.47 -13.21 -10.39
C PRO C 635 51.00 -14.42 -11.17
N SER C 636 50.23 -14.86 -12.16
CA SER C 636 50.62 -15.93 -13.08
C SER C 636 51.08 -15.32 -14.40
N LEU C 637 51.79 -16.13 -15.18
CA LEU C 637 52.46 -15.67 -16.41
C LEU C 637 51.63 -15.80 -17.70
N GLY C 638 50.33 -16.11 -17.58
CA GLY C 638 49.46 -16.27 -18.75
C GLY C 638 49.22 -14.97 -19.49
N ARG C 639 49.01 -15.05 -20.80
CA ARG C 639 48.82 -13.88 -21.67
C ARG C 639 47.38 -13.79 -22.20
N THR C 640 46.41 -14.04 -21.33
CA THR C 640 44.99 -14.00 -21.70
C THR C 640 44.43 -12.58 -21.54
N GLN C 641 43.59 -12.18 -22.49
CA GLN C 641 42.96 -10.85 -22.49
C GLN C 641 41.74 -10.78 -21.57
N PHE C 642 41.44 -9.57 -21.10
CA PHE C 642 40.26 -9.30 -20.25
C PHE C 642 39.66 -7.93 -20.56
N SER C 643 38.39 -7.95 -21.01
CA SER C 643 37.59 -6.73 -21.17
C SER C 643 37.00 -6.29 -19.83
N SER C 644 36.74 -7.26 -18.96
CA SER C 644 36.20 -7.02 -17.63
C SER C 644 36.77 -7.97 -16.59
N PHE C 645 36.57 -7.62 -15.33
CA PHE C 645 36.83 -8.52 -14.20
C PHE C 645 35.51 -8.78 -13.48
N THR C 646 35.25 -10.05 -13.17
CA THR C 646 34.06 -10.47 -12.43
C THR C 646 34.26 -10.31 -10.92
N LEU C 647 33.17 -10.05 -10.21
CA LEU C 647 33.15 -9.90 -8.75
C LEU C 647 31.88 -10.52 -8.20
N ASN C 648 32.05 -11.50 -7.30
CA ASN C 648 30.91 -12.22 -6.70
C ASN C 648 30.38 -11.46 -5.48
N ILE C 649 29.30 -10.71 -5.71
CA ILE C 649 28.69 -9.82 -4.72
C ILE C 649 27.23 -10.21 -4.53
N ARG C 650 26.86 -10.62 -3.31
CA ARG C 650 25.50 -11.04 -2.96
C ARG C 650 24.93 -12.16 -3.86
N GLY C 651 25.81 -13.04 -4.34
CA GLY C 651 25.45 -14.11 -5.28
C GLY C 651 25.78 -13.80 -6.73
N ALA C 652 25.10 -12.80 -7.30
CA ALA C 652 25.21 -12.50 -8.74
C ALA C 652 26.58 -11.90 -9.09
N PRO C 653 27.20 -12.37 -10.19
CA PRO C 653 28.50 -11.82 -10.59
C PRO C 653 28.38 -10.46 -11.26
N LEU C 654 29.15 -9.49 -10.78
CA LEU C 654 29.19 -8.14 -11.35
C LEU C 654 30.49 -7.96 -12.13
N ARG C 655 30.37 -7.50 -13.38
CA ARG C 655 31.53 -7.37 -14.27
C ARG C 655 32.02 -5.92 -14.37
N LEU C 656 33.12 -5.63 -13.68
CA LEU C 656 33.78 -4.31 -13.80
C LEU C 656 34.54 -4.27 -15.12
N LEU C 657 34.13 -3.36 -16.01
CA LEU C 657 34.81 -3.15 -17.29
C LEU C 657 36.16 -2.50 -17.07
N ILE C 658 37.17 -2.98 -17.80
CA ILE C 658 38.54 -2.47 -17.69
C ILE C 658 38.59 -1.08 -18.32
N ARG C 659 38.04 -0.97 -19.53
CA ARG C 659 37.90 0.32 -20.19
C ARG C 659 36.60 1.01 -19.75
N GLY C 660 36.70 2.26 -19.33
CA GLY C 660 35.53 3.11 -19.08
C GLY C 660 34.74 2.83 -17.81
N ASN C 661 33.63 3.55 -17.66
CA ASN C 661 32.74 3.43 -16.49
C ASN C 661 31.96 2.11 -16.48
N SER C 662 31.42 1.78 -15.31
CA SER C 662 30.61 0.56 -15.12
C SER C 662 29.51 0.79 -14.07
N GLN C 663 28.71 -0.26 -13.83
CA GLN C 663 27.77 -0.28 -12.71
C GLN C 663 28.51 -0.35 -11.37
N VAL C 664 29.69 -0.99 -11.36
CA VAL C 664 30.55 -1.00 -10.18
C VAL C 664 31.20 0.38 -10.05
N PHE C 665 32.26 0.63 -10.83
CA PHE C 665 33.08 1.83 -10.72
C PHE C 665 32.61 2.85 -11.74
N ASN C 666 32.13 4.01 -11.28
CA ASN C 666 31.62 5.07 -12.16
C ASN C 666 32.19 6.45 -11.78
N TYR C 667 33.18 6.92 -12.53
CA TYR C 667 33.75 8.27 -12.30
C TYR C 667 32.87 9.33 -12.94
N ASN C 668 32.17 10.09 -12.10
CA ASN C 668 31.30 11.19 -12.55
C ASN C 668 32.04 12.53 -12.48
N GLN C 669 32.23 13.14 -13.65
CA GLN C 669 32.98 14.39 -13.79
C GLN C 669 32.17 15.62 -13.41
N MET C 670 30.86 15.57 -13.64
CA MET C 670 29.95 16.66 -13.24
C MET C 670 30.01 16.92 -11.73
N GLU C 671 30.01 15.84 -10.96
CA GLU C 671 30.19 15.92 -9.51
C GLU C 671 31.68 15.98 -9.13
N ASN C 672 32.54 15.41 -9.99
CA ASN C 672 33.95 15.13 -9.68
C ASN C 672 33.96 14.14 -8.51
N VAL C 673 33.34 12.99 -8.74
CA VAL C 673 33.16 11.97 -7.69
C VAL C 673 33.27 10.57 -8.29
N ILE C 674 33.94 9.67 -7.57
CA ILE C 674 33.88 8.24 -7.92
C ILE C 674 32.65 7.65 -7.23
N ILE C 675 31.80 7.00 -8.03
CA ILE C 675 30.56 6.38 -7.56
C ILE C 675 30.69 4.87 -7.69
N VAL C 676 30.63 4.19 -6.55
CA VAL C 676 30.67 2.74 -6.48
C VAL C 676 29.30 2.23 -6.04
N LEU C 677 28.73 1.29 -6.81
CA LEU C 677 27.39 0.72 -6.56
C LEU C 677 26.37 1.75 -6.08
N GLY C 678 26.30 2.87 -6.79
CA GLY C 678 25.35 3.93 -6.47
C GLY C 678 25.75 4.93 -5.40
N LYS C 679 26.77 4.61 -4.59
CA LYS C 679 27.19 5.48 -3.50
C LYS C 679 28.48 6.20 -3.87
N SER C 680 28.56 7.48 -3.54
CA SER C 680 29.81 8.23 -3.68
C SER C 680 30.86 7.68 -2.73
N VAL C 681 32.05 7.46 -3.27
CA VAL C 681 33.20 7.00 -2.51
C VAL C 681 34.17 8.14 -2.22
N GLY C 682 34.17 9.17 -3.05
CA GLY C 682 34.93 10.38 -2.78
C GLY C 682 35.17 11.19 -4.03
N SER C 683 35.71 12.39 -3.82
CA SER C 683 36.19 13.26 -4.90
C SER C 683 37.70 13.04 -5.08
N PRO C 684 38.15 12.72 -6.32
CA PRO C 684 39.58 12.78 -6.60
C PRO C 684 40.08 14.23 -6.73
N GLU C 685 41.40 14.38 -6.86
CA GLU C 685 42.02 15.70 -7.05
C GLU C 685 41.50 16.35 -8.34
N ARG C 686 41.12 17.62 -8.25
CA ARG C 686 40.67 18.40 -9.42
C ARG C 686 41.68 18.42 -10.57
N SER C 687 42.96 18.21 -10.25
CA SER C 687 44.02 17.88 -11.22
C SER C 687 43.61 16.82 -12.27
N ILE C 688 42.81 15.84 -11.85
CA ILE C 688 42.46 14.67 -12.66
C ILE C 688 41.35 14.96 -13.70
N LEU C 689 40.53 16.00 -13.48
CA LEU C 689 39.54 16.44 -14.47
C LEU C 689 40.21 16.91 -15.76
N THR C 690 41.17 17.82 -15.63
CA THR C 690 42.01 18.27 -16.74
C THR C 690 43.26 17.37 -16.84
N GLU C 691 43.06 16.18 -17.39
CA GLU C 691 44.12 15.17 -17.53
C GLU C 691 43.72 14.15 -18.61
N SER C 692 44.41 14.20 -19.75
CA SER C 692 44.09 13.32 -20.88
C SER C 692 45.23 13.24 -21.90
N SER C 693 45.24 12.14 -22.65
CA SER C 693 46.19 11.92 -23.75
C SER C 693 45.57 11.01 -24.80
N SER C 694 45.88 11.27 -26.07
CA SER C 694 45.34 10.50 -27.20
C SER C 694 45.62 8.99 -27.10
N ILE C 695 46.81 8.65 -26.60
CA ILE C 695 47.20 7.26 -26.40
C ILE C 695 46.72 6.82 -25.01
N GLU C 696 46.11 5.64 -24.95
CA GLU C 696 45.67 5.03 -23.68
C GLU C 696 46.43 3.74 -23.45
N SER C 697 47.30 3.75 -22.45
CA SER C 697 47.94 2.54 -21.94
C SER C 697 47.03 1.91 -20.89
N ALA C 698 47.45 0.74 -20.40
CA ALA C 698 46.77 0.03 -19.31
C ALA C 698 45.33 -0.39 -19.62
N VAL C 699 45.13 -0.96 -20.81
CA VAL C 699 43.85 -1.54 -21.23
C VAL C 699 44.05 -2.97 -21.75
N LEU C 700 44.88 -3.12 -22.79
CA LEU C 700 45.17 -4.42 -23.42
C LEU C 700 46.65 -4.81 -23.26
N ARG C 701 46.91 -6.12 -23.29
CA ARG C 701 48.24 -6.68 -22.99
C ARG C 701 49.17 -6.62 -24.21
N GLY C 702 50.26 -5.86 -24.11
CA GLY C 702 51.16 -5.59 -25.23
C GLY C 702 50.58 -4.71 -26.34
N PHE C 703 49.46 -4.04 -26.04
CA PHE C 703 48.69 -3.29 -27.04
C PHE C 703 48.39 -1.88 -26.53
N LEU C 704 48.75 -0.88 -27.34
CA LEU C 704 48.47 0.53 -27.05
C LEU C 704 47.27 0.98 -27.88
N ILE C 705 46.39 1.76 -27.25
CA ILE C 705 45.22 2.33 -27.90
C ILE C 705 45.59 3.71 -28.46
N LEU C 706 45.23 3.97 -29.71
CA LEU C 706 45.62 5.20 -30.44
C LEU C 706 44.42 5.96 -31.00
N GLY C 707 43.37 6.09 -30.20
CA GLY C 707 42.17 6.84 -30.59
C GLY C 707 41.18 6.06 -31.45
N LYS C 708 40.26 6.81 -32.06
CA LYS C 708 39.14 6.24 -32.82
C LYS C 708 39.62 5.32 -33.95
N ALA C 709 38.86 4.27 -34.21
CA ALA C 709 39.18 3.29 -35.24
C ALA C 709 39.15 3.90 -36.64
N ASN C 710 40.19 3.63 -37.42
CA ASN C 710 40.28 4.09 -38.82
C ASN C 710 40.07 2.88 -39.74
N SER C 711 39.10 2.99 -40.65
CA SER C 711 38.76 1.91 -41.58
C SER C 711 39.90 1.50 -42.53
N LYS C 712 40.86 2.43 -42.75
CA LYS C 712 42.06 2.17 -43.55
C LYS C 712 42.90 0.96 -43.11
N TYR C 713 42.75 0.53 -41.85
CA TYR C 713 43.34 -0.73 -41.37
C TYR C 713 42.33 -1.90 -41.41
N GLY C 714 41.42 -1.88 -42.40
CA GLY C 714 40.59 -3.05 -42.72
C GLY C 714 39.32 -3.21 -41.88
N PRO C 715 38.60 -4.32 -42.08
CA PRO C 715 37.45 -4.70 -41.23
C PRO C 715 37.83 -4.89 -39.76
N VAL C 716 36.91 -4.55 -38.86
CA VAL C 716 37.19 -4.49 -37.42
C VAL C 716 37.33 -5.87 -36.77
N LEU C 717 38.23 -5.98 -35.78
CA LEU C 717 38.50 -7.23 -35.06
C LEU C 717 37.86 -7.24 -33.67
N THR C 718 37.94 -8.40 -33.03
CA THR C 718 37.50 -8.60 -31.64
C THR C 718 38.73 -8.85 -30.74
N ILE C 719 38.49 -8.96 -29.43
CA ILE C 719 39.55 -9.15 -28.44
C ILE C 719 40.15 -10.56 -28.47
N GLY C 720 39.32 -11.57 -28.76
CA GLY C 720 39.80 -12.94 -28.97
C GLY C 720 40.70 -13.16 -30.17
N GLU C 721 40.63 -12.24 -31.16
CA GLU C 721 41.43 -12.30 -32.38
C GLU C 721 42.53 -11.23 -32.36
N LEU C 722 43.40 -11.31 -31.35
CA LEU C 722 44.57 -10.42 -31.24
C LEU C 722 45.81 -11.23 -30.88
N ASP C 723 46.05 -12.29 -31.65
CA ASP C 723 47.31 -13.05 -31.60
C ASP C 723 47.77 -13.42 -33.02
N LYS C 724 47.46 -12.56 -34.00
CA LYS C 724 47.92 -12.69 -35.39
C LYS C 724 48.22 -11.30 -35.97
N LEU C 725 48.90 -10.47 -35.17
CA LEU C 725 49.28 -9.11 -35.55
C LEU C 725 50.78 -8.91 -35.35
N GLY C 726 51.41 -8.17 -36.27
CA GLY C 726 52.83 -7.88 -36.20
C GLY C 726 53.15 -6.81 -35.16
N ARG C 727 54.35 -6.89 -34.59
CA ARG C 727 54.80 -5.94 -33.57
C ARG C 727 55.05 -4.57 -34.19
N GLY C 728 54.06 -3.68 -34.06
CA GLY C 728 54.02 -2.40 -34.76
C GLY C 728 52.84 -2.25 -35.72
N GLU C 729 52.04 -3.31 -35.89
CA GLU C 729 50.90 -3.31 -36.81
C GLU C 729 49.67 -2.70 -36.14
N LYS C 730 49.04 -1.74 -36.81
CA LYS C 730 47.82 -1.07 -36.31
C LYS C 730 46.58 -1.80 -36.81
N ALA C 731 45.56 -1.92 -35.95
CA ALA C 731 44.32 -2.64 -36.27
C ALA C 731 43.11 -2.17 -35.45
N ASN C 732 41.93 -2.21 -36.07
CA ASN C 732 40.68 -1.79 -35.43
C ASN C 732 40.13 -2.90 -34.53
N VAL C 733 39.71 -2.53 -33.32
CA VAL C 733 39.21 -3.50 -32.33
C VAL C 733 37.89 -3.02 -31.71
N LEU C 734 36.88 -3.90 -31.69
CA LEU C 734 35.64 -3.68 -30.92
C LEU C 734 35.95 -3.86 -29.43
N ILE C 735 36.39 -2.78 -28.78
CA ILE C 735 36.98 -2.93 -27.43
C ILE C 735 35.96 -3.14 -26.30
N GLY C 736 34.80 -2.52 -26.40
CA GLY C 736 33.78 -2.62 -25.36
C GLY C 736 32.68 -1.58 -25.51
N GLN C 737 31.56 -1.82 -24.83
CA GLN C 737 30.40 -0.90 -24.84
C GLN C 737 30.13 -0.29 -26.22
N GLY C 738 30.13 -1.15 -27.25
CA GLY C 738 29.95 -0.71 -28.63
C GLY C 738 30.89 0.39 -29.08
N ASP C 739 32.18 0.21 -28.83
CA ASP C 739 33.23 1.14 -29.30
C ASP C 739 34.32 0.43 -30.12
N THR C 740 34.46 0.88 -31.37
CA THR C 740 35.54 0.48 -32.26
C THR C 740 36.71 1.44 -32.04
N VAL C 741 37.89 0.88 -31.76
CA VAL C 741 39.06 1.66 -31.37
C VAL C 741 40.31 1.22 -32.17
N LEU C 742 41.19 2.18 -32.48
CA LEU C 742 42.46 1.88 -33.19
C LEU C 742 43.49 1.37 -32.19
N VAL C 743 44.01 0.16 -32.42
CA VAL C 743 44.93 -0.50 -31.46
C VAL C 743 46.21 -0.95 -32.17
N MET C 744 47.36 -0.65 -31.55
CA MET C 744 48.69 -1.00 -32.09
C MET C 744 49.38 -1.98 -31.14
N LYS C 745 50.04 -2.98 -31.70
CA LYS C 745 50.84 -3.93 -30.93
C LYS C 745 52.22 -3.32 -30.65
N ARG C 746 52.58 -3.17 -29.37
CA ARG C 746 53.87 -2.54 -29.02
C ARG C 746 55.05 -3.49 -29.22
N LYS C 747 56.24 -2.92 -29.33
CA LYS C 747 57.45 -3.67 -29.70
C LYS C 747 58.05 -4.47 -28.53
N ARG C 748 58.34 -3.78 -27.43
CA ARG C 748 58.97 -4.40 -26.25
C ARG C 748 57.98 -5.27 -25.45
N ASP C 749 58.54 -6.13 -24.60
CA ASP C 749 57.77 -7.06 -23.77
C ASP C 749 58.03 -6.75 -22.29
N SER C 750 56.98 -6.33 -21.58
CA SER C 750 57.10 -5.91 -20.17
C SER C 750 57.23 -7.08 -19.22
ZN ZN F . 0.75 25.04 21.36
P PO4 G . 21.86 36.73 4.05
O1 PO4 G . 21.32 37.52 5.23
O2 PO4 G . 20.77 35.80 3.58
O3 PO4 G . 23.08 35.92 4.46
O4 PO4 G . 22.27 37.64 2.93
P PO4 H . 12.11 42.38 10.09
O1 PO4 H . 12.04 41.75 11.47
O2 PO4 H . 11.42 41.50 9.07
O3 PO4 H . 13.55 42.61 9.72
O4 PO4 H . 11.38 43.72 10.14
P PO4 I . 9.31 58.61 -3.28
O1 PO4 I . 8.65 59.13 -2.03
O2 PO4 I . 9.39 57.11 -3.21
O3 PO4 I . 10.72 59.18 -3.39
O4 PO4 I . 8.51 59.02 -4.49
P PO4 J . -1.22 38.48 -11.57
O1 PO4 J . -0.27 37.81 -10.60
O2 PO4 J . -2.05 37.46 -12.29
O3 PO4 J . -2.13 39.40 -10.79
O4 PO4 J . -0.38 39.25 -12.57
P PO4 K . -0.66 12.84 -22.18
O1 PO4 K . -1.51 11.61 -21.89
O2 PO4 K . 0.71 12.68 -21.56
O3 PO4 K . -1.38 14.05 -21.65
O4 PO4 K . -0.51 13.01 -23.67
P PO4 L . -12.45 27.84 19.42
O1 PO4 L . -12.72 26.39 19.80
O2 PO4 L . -12.58 28.71 20.66
O3 PO4 L . -13.47 28.26 18.39
O4 PO4 L . -11.06 27.97 18.86
P PO4 M . 5.73 -1.68 -0.05
O1 PO4 M . 6.25 -1.88 1.37
O2 PO4 M . 4.25 -1.37 0.00
O3 PO4 M . 6.45 -0.51 -0.69
O4 PO4 M . 5.97 -2.92 -0.87
P PO4 N . 2.16 20.38 9.43
O1 PO4 N . 1.93 19.36 10.53
O2 PO4 N . 0.92 21.20 9.17
O3 PO4 N . 3.28 21.32 9.84
O4 PO4 N . 2.60 19.64 8.20
P PO4 O . -5.72 1.65 -16.56
O1 PO4 O . -5.88 1.56 -15.05
O2 PO4 O . -6.37 0.46 -17.21
O3 PO4 O . -4.25 1.67 -16.90
O4 PO4 O . -6.36 2.91 -17.07
P PO4 P . 11.19 5.26 26.06
O1 PO4 P . 10.58 4.02 26.66
O2 PO4 P . 11.99 4.87 24.84
O3 PO4 P . 12.15 5.90 27.05
O4 PO4 P . 10.11 6.23 25.69
PA MGP Q . 15.82 -37.16 13.76
O1A MGP Q . 15.10 -37.01 12.44
O2A MGP Q . 15.11 -37.80 14.94
O3A MGP Q . 16.46 -35.75 14.24
O5' MGP Q . 17.21 -37.93 13.51
PB MGP Q . 15.67 -34.46 14.78
O1B MGP Q . 14.35 -34.92 15.37
O2B MGP Q . 16.63 -33.67 15.64
O3B MGP Q . 15.38 -33.64 13.41
PC MGP Q . 16.48 -33.35 12.26
O1C MGP Q . 15.87 -32.24 11.44
O2C MGP Q . 16.61 -34.64 11.48
O3C MGP Q . 17.73 -32.93 13.00
C5' MGP Q . 18.07 -38.20 14.61
C4' MGP Q . 19.49 -37.67 14.42
O4' MGP Q . 20.04 -38.19 13.21
C3' MGP Q . 19.63 -36.15 14.30
O3' MGP Q . 20.75 -35.76 15.10
C2' MGP Q . 19.87 -35.89 12.82
O2' MGP Q . 20.67 -34.74 12.56
C1' MGP Q . 20.63 -37.13 12.45
N9 MGP Q . 20.64 -37.51 11.02
C8 MGP Q . 19.41 -38.09 10.48
N7 MGP Q . 19.93 -38.33 9.14
CM7 MGP Q . 18.93 -38.94 8.22
C5 MGP Q . 21.20 -37.98 8.94
C6 MGP Q . 22.12 -38.04 7.79
O6 MGP Q . 21.76 -38.50 6.69
N1 MGP Q . 23.37 -37.56 7.99
C2 MGP Q . 23.77 -37.06 9.19
N2 MGP Q . 25.04 -36.61 9.34
N3 MGP Q . 22.97 -36.98 10.30
C4 MGP Q . 21.70 -37.43 10.22
P PO4 R . -22.85 24.27 15.27
O1 PO4 R . -22.43 22.88 15.68
O2 PO4 R . -24.23 24.54 15.82
O3 PO4 R . -21.89 25.30 15.83
O4 PO4 R . -22.85 24.38 13.77
P PO4 S . 25.57 11.01 -5.95
O1 PO4 S . 24.74 9.94 -5.28
O2 PO4 S . 26.84 10.41 -6.50
O3 PO4 S . 25.92 12.09 -4.95
O4 PO4 S . 24.78 11.58 -7.11
#